data_3PR1
# 
_entry.id   3PR1 
# 
_audit_conform.dict_name       mmcif_pdbx.dic 
_audit_conform.dict_version    5.380 
_audit_conform.dict_location   http://mmcif.pdb.org/dictionaries/ascii/mmcif_pdbx.dic 
# 
loop_
_database_2.database_id 
_database_2.database_code 
_database_2.pdbx_database_accession 
_database_2.pdbx_DOI 
PDB   3PR1         pdb_00003pr1 10.2210/pdb3pr1/pdb 
RCSB  RCSB062715   ?            ?                   
WWPDB D_1000062715 ?            ?                   
# 
_pdbx_database_related.db_name        PDB 
_pdbx_database_related.db_id          3PQC 
_pdbx_database_related.details        . 
_pdbx_database_related.content_type   unspecified 
# 
_pdbx_database_status.status_code                     REL 
_pdbx_database_status.entry_id                        3PR1 
_pdbx_database_status.recvd_initial_deposition_date   2010-11-29 
_pdbx_database_status.deposit_site                    RCSB 
_pdbx_database_status.process_site                    PDBJ 
_pdbx_database_status.status_code_sf                  REL 
_pdbx_database_status.status_code_mr                  ? 
_pdbx_database_status.SG_entry                        ? 
_pdbx_database_status.status_code_cs                  ? 
_pdbx_database_status.pdb_format_compatible           Y 
_pdbx_database_status.status_code_nmr_data            ? 
_pdbx_database_status.methods_development_category    ? 
# 
loop_
_audit_author.name 
_audit_author.pdbx_ordinal 
'Chan, K.H.' 1 
'Wong, K.B.' 2 
# 
_citation.id                        primary 
_citation.title                     'Structure of an essential GTPase, YsxC, from Thermotoga maritima' 
_citation.journal_abbrev            'Acta Crystallogr.,Sect.F' 
_citation.journal_volume            67 
_citation.page_first                640 
_citation.page_last                 646 
_citation.year                      2011 
_citation.journal_id_ASTM           ? 
_citation.country                   DK 
_citation.journal_id_ISSN           1744-3091 
_citation.journal_id_CSD            ? 
_citation.book_publisher            ? 
_citation.pdbx_database_id_PubMed   21636901 
_citation.pdbx_database_id_DOI      10.1107/S1744309111011651 
# 
loop_
_citation_author.citation_id 
_citation_author.name 
_citation_author.ordinal 
_citation_author.identifier_ORCID 
primary 'Chan, K.H.' 1 ? 
primary 'Wong, K.B.' 2 ? 
# 
_cell.entry_id           3PR1 
_cell.length_a           69.717 
_cell.length_b           97.988 
_cell.length_c           54.847 
_cell.angle_alpha        90.00 
_cell.angle_beta         90.00 
_cell.angle_gamma        90.00 
_cell.Z_PDB              8 
_cell.pdbx_unique_axis   ? 
_cell.length_a_esd       ? 
_cell.length_b_esd       ? 
_cell.length_c_esd       ? 
_cell.angle_alpha_esd    ? 
_cell.angle_beta_esd     ? 
_cell.angle_gamma_esd    ? 
# 
_symmetry.entry_id                         3PR1 
_symmetry.space_group_name_H-M             'C 2 2 21' 
_symmetry.pdbx_full_space_group_name_H-M   ? 
_symmetry.cell_setting                     ? 
_symmetry.Int_Tables_number                20 
_symmetry.space_group_name_Hall            ? 
# 
loop_
_entity.id 
_entity.type 
_entity.src_method 
_entity.pdbx_description 
_entity.formula_weight 
_entity.pdbx_number_of_molecules 
_entity.pdbx_ec 
_entity.pdbx_mutation 
_entity.pdbx_fragment 
_entity.details 
1 polymer     man 'Probable GTP-binding protein engB' 22487.420 1  ? ? ? ? 
2 non-polymer syn 'PHOSPHATE ION'                     94.971    1  ? ? ? ? 
3 water       nat water                               18.015    71 ? ? ? ? 
# 
_entity_poly.entity_id                      1 
_entity_poly.type                           'polypeptide(L)' 
_entity_poly.nstd_linkage                   no 
_entity_poly.nstd_monomer                   no 
_entity_poly.pdbx_seq_one_letter_code       
;MIIRDVELVKVARTPGDYPPPLKGEVAFVGRSNVGKSSLLNALFNRKIAFVSKTPGKTRSINFYLVNSKYYFVDLPGYGY
AKVSKKERMLWKRLVEDYFKNRWSLQMVFLLVDGRIPPQDSDLMMVEWMKSLNIPFTIVLTKMDKVKMSERAKKLEEHRK
VFSKYGEYTIIPTSSVTGEGISELLDLISTLLKEN
;
_entity_poly.pdbx_seq_one_letter_code_can   
;MIIRDVELVKVARTPGDYPPPLKGEVAFVGRSNVGKSSLLNALFNRKIAFVSKTPGKTRSINFYLVNSKYYFVDLPGYGY
AKVSKKERMLWKRLVEDYFKNRWSLQMVFLLVDGRIPPQDSDLMMVEWMKSLNIPFTIVLTKMDKVKMSERAKKLEEHRK
VFSKYGEYTIIPTSSVTGEGISELLDLISTLLKEN
;
_entity_poly.pdbx_strand_id                 A 
_entity_poly.pdbx_target_identifier         ? 
# 
loop_
_entity_poly_seq.entity_id 
_entity_poly_seq.num 
_entity_poly_seq.mon_id 
_entity_poly_seq.hetero 
1 1   MET n 
1 2   ILE n 
1 3   ILE n 
1 4   ARG n 
1 5   ASP n 
1 6   VAL n 
1 7   GLU n 
1 8   LEU n 
1 9   VAL n 
1 10  LYS n 
1 11  VAL n 
1 12  ALA n 
1 13  ARG n 
1 14  THR n 
1 15  PRO n 
1 16  GLY n 
1 17  ASP n 
1 18  TYR n 
1 19  PRO n 
1 20  PRO n 
1 21  PRO n 
1 22  LEU n 
1 23  LYS n 
1 24  GLY n 
1 25  GLU n 
1 26  VAL n 
1 27  ALA n 
1 28  PHE n 
1 29  VAL n 
1 30  GLY n 
1 31  ARG n 
1 32  SER n 
1 33  ASN n 
1 34  VAL n 
1 35  GLY n 
1 36  LYS n 
1 37  SER n 
1 38  SER n 
1 39  LEU n 
1 40  LEU n 
1 41  ASN n 
1 42  ALA n 
1 43  LEU n 
1 44  PHE n 
1 45  ASN n 
1 46  ARG n 
1 47  LYS n 
1 48  ILE n 
1 49  ALA n 
1 50  PHE n 
1 51  VAL n 
1 52  SER n 
1 53  LYS n 
1 54  THR n 
1 55  PRO n 
1 56  GLY n 
1 57  LYS n 
1 58  THR n 
1 59  ARG n 
1 60  SER n 
1 61  ILE n 
1 62  ASN n 
1 63  PHE n 
1 64  TYR n 
1 65  LEU n 
1 66  VAL n 
1 67  ASN n 
1 68  SER n 
1 69  LYS n 
1 70  TYR n 
1 71  TYR n 
1 72  PHE n 
1 73  VAL n 
1 74  ASP n 
1 75  LEU n 
1 76  PRO n 
1 77  GLY n 
1 78  TYR n 
1 79  GLY n 
1 80  TYR n 
1 81  ALA n 
1 82  LYS n 
1 83  VAL n 
1 84  SER n 
1 85  LYS n 
1 86  LYS n 
1 87  GLU n 
1 88  ARG n 
1 89  MET n 
1 90  LEU n 
1 91  TRP n 
1 92  LYS n 
1 93  ARG n 
1 94  LEU n 
1 95  VAL n 
1 96  GLU n 
1 97  ASP n 
1 98  TYR n 
1 99  PHE n 
1 100 LYS n 
1 101 ASN n 
1 102 ARG n 
1 103 TRP n 
1 104 SER n 
1 105 LEU n 
1 106 GLN n 
1 107 MET n 
1 108 VAL n 
1 109 PHE n 
1 110 LEU n 
1 111 LEU n 
1 112 VAL n 
1 113 ASP n 
1 114 GLY n 
1 115 ARG n 
1 116 ILE n 
1 117 PRO n 
1 118 PRO n 
1 119 GLN n 
1 120 ASP n 
1 121 SER n 
1 122 ASP n 
1 123 LEU n 
1 124 MET n 
1 125 MET n 
1 126 VAL n 
1 127 GLU n 
1 128 TRP n 
1 129 MET n 
1 130 LYS n 
1 131 SER n 
1 132 LEU n 
1 133 ASN n 
1 134 ILE n 
1 135 PRO n 
1 136 PHE n 
1 137 THR n 
1 138 ILE n 
1 139 VAL n 
1 140 LEU n 
1 141 THR n 
1 142 LYS n 
1 143 MET n 
1 144 ASP n 
1 145 LYS n 
1 146 VAL n 
1 147 LYS n 
1 148 MET n 
1 149 SER n 
1 150 GLU n 
1 151 ARG n 
1 152 ALA n 
1 153 LYS n 
1 154 LYS n 
1 155 LEU n 
1 156 GLU n 
1 157 GLU n 
1 158 HIS n 
1 159 ARG n 
1 160 LYS n 
1 161 VAL n 
1 162 PHE n 
1 163 SER n 
1 164 LYS n 
1 165 TYR n 
1 166 GLY n 
1 167 GLU n 
1 168 TYR n 
1 169 THR n 
1 170 ILE n 
1 171 ILE n 
1 172 PRO n 
1 173 THR n 
1 174 SER n 
1 175 SER n 
1 176 VAL n 
1 177 THR n 
1 178 GLY n 
1 179 GLU n 
1 180 GLY n 
1 181 ILE n 
1 182 SER n 
1 183 GLU n 
1 184 LEU n 
1 185 LEU n 
1 186 ASP n 
1 187 LEU n 
1 188 ILE n 
1 189 SER n 
1 190 THR n 
1 191 LEU n 
1 192 LEU n 
1 193 LYS n 
1 194 GLU n 
1 195 ASN n 
# 
_entity_src_gen.entity_id                          1 
_entity_src_gen.pdbx_src_id                        1 
_entity_src_gen.pdbx_alt_source_flag               sample 
_entity_src_gen.pdbx_seq_type                      ? 
_entity_src_gen.pdbx_beg_seq_num                   ? 
_entity_src_gen.pdbx_end_seq_num                   ? 
_entity_src_gen.gene_src_common_name               ? 
_entity_src_gen.gene_src_genus                     ? 
_entity_src_gen.pdbx_gene_src_gene                 'engB, TM_1466' 
_entity_src_gen.gene_src_species                   ? 
_entity_src_gen.gene_src_strain                    ? 
_entity_src_gen.gene_src_tissue                    ? 
_entity_src_gen.gene_src_tissue_fraction           ? 
_entity_src_gen.gene_src_details                   ? 
_entity_src_gen.pdbx_gene_src_fragment             ? 
_entity_src_gen.pdbx_gene_src_scientific_name      'Thermotoga maritima' 
_entity_src_gen.pdbx_gene_src_ncbi_taxonomy_id     2336 
_entity_src_gen.pdbx_gene_src_variant              ? 
_entity_src_gen.pdbx_gene_src_cell_line            ? 
_entity_src_gen.pdbx_gene_src_atcc                 ? 
_entity_src_gen.pdbx_gene_src_organ                ? 
_entity_src_gen.pdbx_gene_src_organelle            ? 
_entity_src_gen.pdbx_gene_src_cell                 ? 
_entity_src_gen.pdbx_gene_src_cellular_location    ? 
_entity_src_gen.host_org_common_name               ? 
_entity_src_gen.pdbx_host_org_scientific_name      'Escherichia coli' 
_entity_src_gen.pdbx_host_org_ncbi_taxonomy_id     562 
_entity_src_gen.host_org_genus                     ? 
_entity_src_gen.pdbx_host_org_gene                 ? 
_entity_src_gen.pdbx_host_org_organ                ? 
_entity_src_gen.host_org_species                   ? 
_entity_src_gen.pdbx_host_org_tissue               ? 
_entity_src_gen.pdbx_host_org_tissue_fraction      ? 
_entity_src_gen.pdbx_host_org_strain               'BL21(DE3)pLysS' 
_entity_src_gen.pdbx_host_org_variant              ? 
_entity_src_gen.pdbx_host_org_cell_line            ? 
_entity_src_gen.pdbx_host_org_atcc                 ? 
_entity_src_gen.pdbx_host_org_culture_collection   ? 
_entity_src_gen.pdbx_host_org_cell                 ? 
_entity_src_gen.pdbx_host_org_organelle            ? 
_entity_src_gen.pdbx_host_org_cellular_location    ? 
_entity_src_gen.pdbx_host_org_vector_type          Plasmid 
_entity_src_gen.pdbx_host_org_vector               ? 
_entity_src_gen.host_org_details                   ? 
_entity_src_gen.expression_system_id               ? 
_entity_src_gen.plasmid_name                       pRSETA 
_entity_src_gen.plasmid_details                    ? 
_entity_src_gen.pdbx_description                   ? 
# 
_struct_ref.id                         1 
_struct_ref.db_name                    UNP 
_struct_ref.db_code                    ENGB_THEMA 
_struct_ref.pdbx_db_accession          Q9X1H7 
_struct_ref.entity_id                  1 
_struct_ref.pdbx_seq_one_letter_code   
;MIIRDVELVKVARTPGDYPPPLKGEVAFVGRSNVGKSSLLNALFNRKIAFVSKTPGKTRSINFYLVNSKYYFVDLPGYGY
AKVSKKERMLWKRLVEDYFKNRWSLQMVFLLVDGRIPPQDSDLMMVEWMKSLNIPFTIVLTKMDKVKMSERAKKLEEHRK
VFSKYGEYTIIPTSSVTGEGISELLDLISTLLKEN
;
_struct_ref.pdbx_align_begin           1 
_struct_ref.pdbx_db_isoform            ? 
# 
_struct_ref_seq.align_id                      1 
_struct_ref_seq.ref_id                        1 
_struct_ref_seq.pdbx_PDB_id_code              3PR1 
_struct_ref_seq.pdbx_strand_id                A 
_struct_ref_seq.seq_align_beg                 1 
_struct_ref_seq.pdbx_seq_align_beg_ins_code   ? 
_struct_ref_seq.seq_align_end                 195 
_struct_ref_seq.pdbx_seq_align_end_ins_code   ? 
_struct_ref_seq.pdbx_db_accession             Q9X1H7 
_struct_ref_seq.db_align_beg                  1 
_struct_ref_seq.pdbx_db_align_beg_ins_code    ? 
_struct_ref_seq.db_align_end                  195 
_struct_ref_seq.pdbx_db_align_end_ins_code    ? 
_struct_ref_seq.pdbx_auth_seq_align_beg       1 
_struct_ref_seq.pdbx_auth_seq_align_end       195 
# 
loop_
_chem_comp.id 
_chem_comp.type 
_chem_comp.mon_nstd_flag 
_chem_comp.name 
_chem_comp.pdbx_synonyms 
_chem_comp.formula 
_chem_comp.formula_weight 
ALA 'L-peptide linking' y ALANINE         ? 'C3 H7 N O2'     89.093  
ARG 'L-peptide linking' y ARGININE        ? 'C6 H15 N4 O2 1' 175.209 
ASN 'L-peptide linking' y ASPARAGINE      ? 'C4 H8 N2 O3'    132.118 
ASP 'L-peptide linking' y 'ASPARTIC ACID' ? 'C4 H7 N O4'     133.103 
GLN 'L-peptide linking' y GLUTAMINE       ? 'C5 H10 N2 O3'   146.144 
GLU 'L-peptide linking' y 'GLUTAMIC ACID' ? 'C5 H9 N O4'     147.129 
GLY 'peptide linking'   y GLYCINE         ? 'C2 H5 N O2'     75.067  
HIS 'L-peptide linking' y HISTIDINE       ? 'C6 H10 N3 O2 1' 156.162 
HOH non-polymer         . WATER           ? 'H2 O'           18.015  
ILE 'L-peptide linking' y ISOLEUCINE      ? 'C6 H13 N O2'    131.173 
LEU 'L-peptide linking' y LEUCINE         ? 'C6 H13 N O2'    131.173 
LYS 'L-peptide linking' y LYSINE          ? 'C6 H15 N2 O2 1' 147.195 
MET 'L-peptide linking' y METHIONINE      ? 'C5 H11 N O2 S'  149.211 
PHE 'L-peptide linking' y PHENYLALANINE   ? 'C9 H11 N O2'    165.189 
PO4 non-polymer         . 'PHOSPHATE ION' ? 'O4 P -3'        94.971  
PRO 'L-peptide linking' y PROLINE         ? 'C5 H9 N O2'     115.130 
SER 'L-peptide linking' y SERINE          ? 'C3 H7 N O3'     105.093 
THR 'L-peptide linking' y THREONINE       ? 'C4 H9 N O3'     119.119 
TRP 'L-peptide linking' y TRYPTOPHAN      ? 'C11 H12 N2 O2'  204.225 
TYR 'L-peptide linking' y TYROSINE        ? 'C9 H11 N O3'    181.189 
VAL 'L-peptide linking' y VALINE          ? 'C5 H11 N O2'    117.146 
# 
_exptl.entry_id          3PR1 
_exptl.method            'X-RAY DIFFRACTION' 
_exptl.crystals_number   1 
# 
_exptl_crystal.id                    1 
_exptl_crystal.density_meas          ? 
_exptl_crystal.density_Matthews      2.08 
_exptl_crystal.density_percent_sol   40.94 
_exptl_crystal.description           ? 
_exptl_crystal.F_000                 ? 
_exptl_crystal.preparation           ? 
# 
_exptl_crystal_grow.crystal_id      1 
_exptl_crystal_grow.method          'VAPOR DIFFUSION, SITTING DROP' 
_exptl_crystal_grow.temp            289 
_exptl_crystal_grow.temp_details    ? 
_exptl_crystal_grow.pH              5.5 
_exptl_crystal_grow.pdbx_pH_range   ? 
_exptl_crystal_grow.pdbx_details    '0.1M bis-tris pH 5.5, 2.0M ammonium sulfate, VAPOR DIFFUSION, SITTING DROP, temperature 289K' 
# 
_diffrn.id                     1 
_diffrn.ambient_temp           110 
_diffrn.ambient_temp_details   ? 
_diffrn.crystal_id             1 
# 
_diffrn_detector.diffrn_id              1 
_diffrn_detector.detector               'IMAGE PLATE' 
_diffrn_detector.type                   'RIGAKU RAXIS IV++' 
_diffrn_detector.pdbx_collection_date   2007-06-01 
_diffrn_detector.details                'VariMax HR optics' 
# 
_diffrn_radiation.diffrn_id                        1 
_diffrn_radiation.wavelength_id                    1 
_diffrn_radiation.pdbx_monochromatic_or_laue_m_l   M 
_diffrn_radiation.monochromator                    ? 
_diffrn_radiation.pdbx_diffrn_protocol             'SINGLE WAVELENGTH' 
_diffrn_radiation.pdbx_scattering_type             x-ray 
# 
_diffrn_radiation_wavelength.id           1 
_diffrn_radiation_wavelength.wavelength   1.54180 
_diffrn_radiation_wavelength.wt           1.0 
# 
_diffrn_source.diffrn_id                   1 
_diffrn_source.source                      'ROTATING ANODE' 
_diffrn_source.type                        'RIGAKU MICROMAX-007' 
_diffrn_source.pdbx_synchrotron_site       ? 
_diffrn_source.pdbx_synchrotron_beamline   ? 
_diffrn_source.pdbx_wavelength             ? 
_diffrn_source.pdbx_wavelength_list        1.54180 
# 
_reflns.entry_id                     3PR1 
_reflns.observed_criterion_sigma_I   ? 
_reflns.observed_criterion_sigma_F   ? 
_reflns.d_resolution_low             48.97 
_reflns.d_resolution_high            2.3 
_reflns.number_obs                   8326 
_reflns.number_all                   ? 
_reflns.percent_possible_obs         96 
_reflns.pdbx_Rmerge_I_obs            0.102 
_reflns.pdbx_Rsym_value              ? 
_reflns.pdbx_netI_over_sigmaI        19.4 
_reflns.B_iso_Wilson_estimate        32.87 
_reflns.pdbx_redundancy              6.8 
_reflns.R_free_details               ? 
_reflns.limit_h_max                  ? 
_reflns.limit_h_min                  ? 
_reflns.limit_k_max                  ? 
_reflns.limit_k_min                  ? 
_reflns.limit_l_max                  ? 
_reflns.limit_l_min                  ? 
_reflns.observed_criterion_F_max     ? 
_reflns.observed_criterion_F_min     ? 
_reflns.pdbx_chi_squared             ? 
_reflns.pdbx_scaling_rejects         ? 
_reflns.pdbx_ordinal                 1 
_reflns.pdbx_diffrn_id               1 
# 
_refine.pdbx_refine_id                           'X-RAY DIFFRACTION' 
_refine.entry_id                                 3PR1 
_refine.ls_number_reflns_obs                     8124 
_refine.ls_number_reflns_all                     ? 
_refine.pdbx_ls_sigma_I                          ? 
_refine.pdbx_ls_sigma_F                          0.05 
_refine.pdbx_data_cutoff_high_absF               ? 
_refine.pdbx_data_cutoff_low_absF                ? 
_refine.pdbx_data_cutoff_high_rms_absF           ? 
_refine.ls_d_res_low                             28.403 
_refine.ls_d_res_high                            2.300 
_refine.ls_percent_reflns_obs                    93.83 
_refine.ls_R_factor_obs                          0.2177 
_refine.ls_R_factor_all                          ? 
_refine.ls_R_factor_R_work                       0.2158 
_refine.ls_R_factor_R_free                       0.2567 
_refine.ls_R_factor_R_free_error                 ? 
_refine.ls_R_factor_R_free_error_details         ? 
_refine.ls_percent_reflns_R_free                 4.80 
_refine.ls_number_reflns_R_free                  390 
_refine.ls_number_parameters                     ? 
_refine.ls_number_restraints                     ? 
_refine.occupancy_min                            1.000 
_refine.occupancy_max                            1.000 
_refine.correlation_coeff_Fo_to_Fc               ? 
_refine.correlation_coeff_Fo_to_Fc_free          ? 
_refine.B_iso_mean                               ? 
_refine.aniso_B[1][1]                            -0.5912 
_refine.aniso_B[2][2]                            16.4440 
_refine.aniso_B[3][3]                            -15.8528 
_refine.aniso_B[1][2]                            0.0000 
_refine.aniso_B[1][3]                            -0.0000 
_refine.aniso_B[2][3]                            0.0000 
_refine.solvent_model_details                    'FLAT BULK SOLVENT MODEL' 
_refine.solvent_model_param_ksol                 0.378 
_refine.solvent_model_param_bsol                 53.495 
_refine.pdbx_solvent_vdw_probe_radii             1.11 
_refine.pdbx_solvent_ion_probe_radii             ? 
_refine.pdbx_solvent_shrinkage_radii             0.90 
_refine.pdbx_ls_cross_valid_method               ? 
_refine.details                                  ? 
_refine.pdbx_starting_model                      'PDB ENTRY 3PQC' 
_refine.pdbx_method_to_determine_struct          'MOLECULAR REPLACEMENT' 
_refine.pdbx_isotropic_thermal_model             ? 
_refine.pdbx_stereochemistry_target_values       ML 
_refine.pdbx_stereochem_target_val_spec_case     ? 
_refine.pdbx_R_Free_selection_details            ? 
_refine.pdbx_overall_ESU_R_Free                  ? 
_refine.overall_SU_ML                            1.85 
_refine.pdbx_overall_phase_error                 24.61 
_refine.overall_SU_B                             ? 
_refine.overall_SU_R_Cruickshank_DPI             ? 
_refine.pdbx_overall_SU_R_free_Cruickshank_DPI   ? 
_refine.pdbx_overall_SU_R_Blow_DPI               ? 
_refine.pdbx_overall_SU_R_free_Blow_DPI          ? 
_refine.ls_redundancy_reflns_obs                 ? 
_refine.B_iso_min                                ? 
_refine.B_iso_max                                ? 
_refine.overall_SU_R_free                        ? 
_refine.ls_wR_factor_R_free                      ? 
_refine.ls_wR_factor_R_work                      ? 
_refine.overall_FOM_free_R_set                   ? 
_refine.overall_FOM_work_R_set                   ? 
_refine.pdbx_diffrn_id                           1 
_refine.pdbx_overall_ESU_R                       ? 
_refine.pdbx_TLS_residual_ADP_flag               ? 
# 
_refine_hist.pdbx_refine_id                   'X-RAY DIFFRACTION' 
_refine_hist.cycle_id                         LAST 
_refine_hist.pdbx_number_atoms_protein        1403 
_refine_hist.pdbx_number_atoms_nucleic_acid   0 
_refine_hist.pdbx_number_atoms_ligand         5 
_refine_hist.number_atoms_solvent             71 
_refine_hist.number_atoms_total               1479 
_refine_hist.d_res_high                       2.300 
_refine_hist.d_res_low                        28.403 
# 
loop_
_refine_ls_restr.type 
_refine_ls_restr.dev_ideal 
_refine_ls_restr.dev_ideal_target 
_refine_ls_restr.weight 
_refine_ls_restr.number 
_refine_ls_restr.pdbx_refine_id 
_refine_ls_restr.pdbx_restraint_function 
f_bond_d           0.006  ? ? 1437 'X-RAY DIFFRACTION' ? 
f_angle_d          0.951  ? ? 1937 'X-RAY DIFFRACTION' ? 
f_dihedral_angle_d 16.694 ? ? 542  'X-RAY DIFFRACTION' ? 
f_chiral_restr     0.060  ? ? 217  'X-RAY DIFFRACTION' ? 
f_plane_restr      0.004  ? ? 238  'X-RAY DIFFRACTION' ? 
# 
loop_
_refine_ls_shell.pdbx_refine_id 
_refine_ls_shell.pdbx_total_number_of_bins_used 
_refine_ls_shell.d_res_high 
_refine_ls_shell.d_res_low 
_refine_ls_shell.number_reflns_R_work 
_refine_ls_shell.R_factor_R_work 
_refine_ls_shell.percent_reflns_obs 
_refine_ls_shell.R_factor_R_free 
_refine_ls_shell.R_factor_R_free_error 
_refine_ls_shell.percent_reflns_R_free 
_refine_ls_shell.number_reflns_R_free 
_refine_ls_shell.number_reflns_all 
_refine_ls_shell.R_factor_all 
_refine_ls_shell.redundancy_reflns_obs 
_refine_ls_shell.number_reflns_obs 
'X-RAY DIFFRACTION' . 2.3000 2.6326  2577 0.2113 96.00 0.3005 . . 143 . . . . 
'X-RAY DIFFRACTION' . 2.6326 3.3160  2689 0.1979 98.00 0.2563 . . 117 . . . . 
'X-RAY DIFFRACTION' . 3.3160 28.4054 2468 0.2207 87.00 0.2422 . . 130 . . . . 
# 
_struct.entry_id                  3PR1 
_struct.title                     'Crystal structure of apo Thermotoga maritima ribosome biogenesis GTP-binding protein EngB' 
_struct.pdbx_model_details        ? 
_struct.pdbx_CASP_flag            ? 
_struct.pdbx_model_type_details   ? 
# 
_struct_keywords.entry_id        3PR1 
_struct_keywords.pdbx_keywords   HYDROLASE 
_struct_keywords.text            'Rossmann fold, Hydrolase, GTP Binding, cell cycle' 
# 
loop_
_struct_asym.id 
_struct_asym.pdbx_blank_PDB_chainid_flag 
_struct_asym.pdbx_modified 
_struct_asym.entity_id 
_struct_asym.details 
A N N 1 ? 
B N N 2 ? 
C N N 3 ? 
# 
_struct_biol.id        1 
_struct_biol.details   ? 
# 
loop_
_struct_conf.conf_type_id 
_struct_conf.id 
_struct_conf.pdbx_PDB_helix_id 
_struct_conf.beg_label_comp_id 
_struct_conf.beg_label_asym_id 
_struct_conf.beg_label_seq_id 
_struct_conf.pdbx_beg_PDB_ins_code 
_struct_conf.end_label_comp_id 
_struct_conf.end_label_asym_id 
_struct_conf.end_label_seq_id 
_struct_conf.pdbx_end_PDB_ins_code 
_struct_conf.beg_auth_comp_id 
_struct_conf.beg_auth_asym_id 
_struct_conf.beg_auth_seq_id 
_struct_conf.end_auth_comp_id 
_struct_conf.end_auth_asym_id 
_struct_conf.end_auth_seq_id 
_struct_conf.pdbx_PDB_helix_class 
_struct_conf.details 
_struct_conf.pdbx_PDB_helix_length 
HELX_P HELX_P1 1 THR A 14  ? TYR A 18  ? THR A 14  TYR A 18  5 ? 5  
HELX_P HELX_P2 2 GLY A 35  ? ASN A 45  ? GLY A 35  ASN A 45  1 ? 11 
HELX_P HELX_P3 3 LYS A 86  ? ARG A 102 ? LYS A 86  ARG A 102 1 ? 17 
HELX_P HELX_P4 4 GLN A 119 ? LEU A 132 ? GLN A 119 LEU A 132 1 ? 14 
HELX_P HELX_P5 5 LYS A 142 ? VAL A 146 ? LYS A 142 VAL A 146 5 ? 5  
HELX_P HELX_P6 6 LYS A 147 ? SER A 149 ? LYS A 147 SER A 149 5 ? 3  
HELX_P HELX_P7 7 GLU A 150 ? SER A 163 ? GLU A 150 SER A 163 1 ? 14 
HELX_P HELX_P8 8 GLY A 180 ? LYS A 193 ? GLY A 180 LYS A 193 1 ? 14 
# 
_struct_conf_type.id          HELX_P 
_struct_conf_type.criteria    ? 
_struct_conf_type.reference   ? 
# 
_struct_sheet.id               A 
_struct_sheet.type             ? 
_struct_sheet.number_strands   7 
_struct_sheet.details          ? 
# 
loop_
_struct_sheet_order.sheet_id 
_struct_sheet_order.range_id_1 
_struct_sheet_order.range_id_2 
_struct_sheet_order.offset 
_struct_sheet_order.sense 
A 1 2 ? anti-parallel 
A 2 3 ? anti-parallel 
A 3 4 ? parallel      
A 4 5 ? parallel      
A 5 6 ? parallel      
A 6 7 ? parallel      
# 
loop_
_struct_sheet_range.sheet_id 
_struct_sheet_range.id 
_struct_sheet_range.beg_label_comp_id 
_struct_sheet_range.beg_label_asym_id 
_struct_sheet_range.beg_label_seq_id 
_struct_sheet_range.pdbx_beg_PDB_ins_code 
_struct_sheet_range.end_label_comp_id 
_struct_sheet_range.end_label_asym_id 
_struct_sheet_range.end_label_seq_id 
_struct_sheet_range.pdbx_end_PDB_ins_code 
_struct_sheet_range.beg_auth_comp_id 
_struct_sheet_range.beg_auth_asym_id 
_struct_sheet_range.beg_auth_seq_id 
_struct_sheet_range.end_auth_comp_id 
_struct_sheet_range.end_auth_asym_id 
_struct_sheet_range.end_auth_seq_id 
A 1 VAL A 6   ? ALA A 12  ? VAL A 6   ALA A 12  
A 2 ILE A 61  ? VAL A 66  ? ILE A 61  VAL A 66  
A 3 TYR A 70  ? ASP A 74  ? TYR A 70  ASP A 74  
A 4 GLU A 25  ? GLY A 30  ? GLU A 25  GLY A 30  
A 5 MET A 107 ? ASP A 113 ? MET A 107 ASP A 113 
A 6 PHE A 136 ? THR A 141 ? PHE A 136 THR A 141 
A 7 ILE A 170 ? PRO A 172 ? ILE A 170 PRO A 172 
# 
loop_
_pdbx_struct_sheet_hbond.sheet_id 
_pdbx_struct_sheet_hbond.range_id_1 
_pdbx_struct_sheet_hbond.range_id_2 
_pdbx_struct_sheet_hbond.range_1_label_atom_id 
_pdbx_struct_sheet_hbond.range_1_label_comp_id 
_pdbx_struct_sheet_hbond.range_1_label_asym_id 
_pdbx_struct_sheet_hbond.range_1_label_seq_id 
_pdbx_struct_sheet_hbond.range_1_PDB_ins_code 
_pdbx_struct_sheet_hbond.range_1_auth_atom_id 
_pdbx_struct_sheet_hbond.range_1_auth_comp_id 
_pdbx_struct_sheet_hbond.range_1_auth_asym_id 
_pdbx_struct_sheet_hbond.range_1_auth_seq_id 
_pdbx_struct_sheet_hbond.range_2_label_atom_id 
_pdbx_struct_sheet_hbond.range_2_label_comp_id 
_pdbx_struct_sheet_hbond.range_2_label_asym_id 
_pdbx_struct_sheet_hbond.range_2_label_seq_id 
_pdbx_struct_sheet_hbond.range_2_PDB_ins_code 
_pdbx_struct_sheet_hbond.range_2_auth_atom_id 
_pdbx_struct_sheet_hbond.range_2_auth_comp_id 
_pdbx_struct_sheet_hbond.range_2_auth_asym_id 
_pdbx_struct_sheet_hbond.range_2_auth_seq_id 
A 1 2 N LYS A 10  ? N LYS A 10  O PHE A 63  ? O PHE A 63  
A 2 3 N VAL A 66  ? N VAL A 66  O TYR A 70  ? O TYR A 70  
A 3 4 O VAL A 73  ? O VAL A 73  N VAL A 26  ? N VAL A 26  
A 4 5 N ALA A 27  ? N ALA A 27  O PHE A 109 ? O PHE A 109 
A 5 6 N LEU A 110 ? N LEU A 110 O VAL A 139 ? O VAL A 139 
A 6 7 N ILE A 138 ? N ILE A 138 O ILE A 171 ? O ILE A 171 
# 
_struct_site.id                   AC1 
_struct_site.pdbx_evidence_code   Software 
_struct_site.pdbx_auth_asym_id    A 
_struct_site.pdbx_auth_comp_id    PO4 
_struct_site.pdbx_auth_seq_id     196 
_struct_site.pdbx_auth_ins_code   ? 
_struct_site.pdbx_num_residues    8 
_struct_site.details              'BINDING SITE FOR RESIDUE PO4 A 196' 
# 
loop_
_struct_site_gen.id 
_struct_site_gen.site_id 
_struct_site_gen.pdbx_num_res 
_struct_site_gen.label_comp_id 
_struct_site_gen.label_asym_id 
_struct_site_gen.label_seq_id 
_struct_site_gen.pdbx_auth_ins_code 
_struct_site_gen.auth_comp_id 
_struct_site_gen.auth_asym_id 
_struct_site_gen.auth_seq_id 
_struct_site_gen.label_atom_id 
_struct_site_gen.label_alt_id 
_struct_site_gen.symmetry 
_struct_site_gen.details 
1 AC1 8 ASN A 33 ? ASN A 33  . ? 1_555 ? 
2 AC1 8 VAL A 34 ? VAL A 34  . ? 1_555 ? 
3 AC1 8 GLY A 35 ? GLY A 35  . ? 1_555 ? 
4 AC1 8 LYS A 36 ? LYS A 36  . ? 1_555 ? 
5 AC1 8 SER A 37 ? SER A 37  . ? 1_555 ? 
6 AC1 8 HOH C .  ? HOH A 203 . ? 1_555 ? 
7 AC1 8 HOH C .  ? HOH A 210 . ? 1_555 ? 
8 AC1 8 HOH C .  ? HOH A 218 . ? 1_555 ? 
# 
_atom_sites.entry_id                    3PR1 
_atom_sites.fract_transf_matrix[1][1]   0.00799338 
_atom_sites.fract_transf_matrix[1][2]   0.01143994 
_atom_sites.fract_transf_matrix[1][3]   0.00331422 
_atom_sites.fract_transf_matrix[2][1]   0.00203694 
_atom_sites.fract_transf_matrix[2][2]   0.00144336 
_atom_sites.fract_transf_matrix[2][3]   -0.00989493 
_atom_sites.fract_transf_matrix[3][1]   -0.01469558 
_atom_sites.fract_transf_matrix[3][2]   0.01069273 
_atom_sites.fract_transf_matrix[3][3]   -0.00146545 
_atom_sites.fract_transf_vector[1]      -0.189436 
_atom_sites.fract_transf_vector[2]      -0.181925 
_atom_sites.fract_transf_vector[3]      -0.010431 
# 
loop_
_atom_type.symbol 
C 
N 
O 
P 
S 
# 
loop_
_atom_site.group_PDB 
_atom_site.id 
_atom_site.type_symbol 
_atom_site.label_atom_id 
_atom_site.label_alt_id 
_atom_site.label_comp_id 
_atom_site.label_asym_id 
_atom_site.label_entity_id 
_atom_site.label_seq_id 
_atom_site.pdbx_PDB_ins_code 
_atom_site.Cartn_x 
_atom_site.Cartn_y 
_atom_site.Cartn_z 
_atom_site.occupancy 
_atom_site.B_iso_or_equiv 
_atom_site.pdbx_formal_charge 
_atom_site.auth_seq_id 
_atom_site.auth_comp_id 
_atom_site.auth_asym_id 
_atom_site.auth_atom_id 
_atom_site.pdbx_PDB_model_num 
ATOM   1    N N   . ILE A 1 2   ? 1.196   3.314   18.451  1.00 42.82 ? 2   ILE A N   1 
ATOM   2    C CA  . ILE A 1 2   ? 0.342   2.317   17.811  1.00 45.50 ? 2   ILE A CA  1 
ATOM   3    C C   . ILE A 1 2   ? 1.112   1.035   17.543  1.00 52.01 ? 2   ILE A C   1 
ATOM   4    O O   . ILE A 1 2   ? 0.724   -0.036  18.006  1.00 57.69 ? 2   ILE A O   1 
ATOM   5    C CB  . ILE A 1 2   ? -0.239  2.829   16.484  1.00 49.95 ? 2   ILE A CB  1 
ATOM   6    C CG1 . ILE A 1 2   ? -0.754  1.662   15.630  1.00 46.38 ? 2   ILE A CG1 1 
ATOM   7    C CG2 . ILE A 1 2   ? 0.809   3.631   15.721  1.00 50.41 ? 2   ILE A CG2 1 
ATOM   8    C CD1 . ILE A 1 2   ? -1.973  0.947   16.199  1.00 46.88 ? 2   ILE A CD1 1 
ATOM   9    N N   . ILE A 1 3   ? 2.204   1.148   16.792  1.00 51.99 ? 3   ILE A N   1 
ATOM   10   C CA  . ILE A 1 3   ? 3.048   0.000   16.511  1.00 47.25 ? 3   ILE A CA  1 
ATOM   11   C C   . ILE A 1 3   ? 3.968   -0.239  17.699  1.00 52.43 ? 3   ILE A C   1 
ATOM   12   O O   . ILE A 1 3   ? 4.708   0.657   18.111  1.00 54.64 ? 3   ILE A O   1 
ATOM   13   C CB  . ILE A 1 3   ? 3.872   0.200   15.220  1.00 39.19 ? 3   ILE A CB  1 
ATOM   14   C CG1 . ILE A 1 3   ? 2.938   0.425   14.029  1.00 45.40 ? 3   ILE A CG1 1 
ATOM   15   C CG2 . ILE A 1 3   ? 4.749   -1.004  14.961  1.00 40.70 ? 3   ILE A CG2 1 
ATOM   16   C CD1 . ILE A 1 3   ? 3.648   0.657   12.716  1.00 37.82 ? 3   ILE A CD1 1 
ATOM   17   N N   . ARG A 1 4   ? 3.901   -1.447  18.254  1.00 55.31 ? 4   ARG A N   1 
ATOM   18   C CA  . ARG A 1 4   ? 4.724   -1.827  19.403  1.00 50.83 ? 4   ARG A CA  1 
ATOM   19   C C   . ARG A 1 4   ? 5.485   -3.132  19.133  1.00 52.09 ? 4   ARG A C   1 
ATOM   20   O O   . ARG A 1 4   ? 6.686   -3.229  19.397  1.00 55.10 ? 4   ARG A O   1 
ATOM   21   C CB  . ARG A 1 4   ? 3.866   -1.936  20.673  1.00 52.19 ? 4   ARG A CB  1 
ATOM   22   C CG  . ARG A 1 4   ? 3.260   -0.600  21.119  1.00 56.88 ? 4   ARG A CG  1 
ATOM   23   C CD  . ARG A 1 4   ? 2.360   -0.727  22.349  1.00 52.70 ? 4   ARG A CD  1 
ATOM   24   N NE  . ARG A 1 4   ? 0.956   -0.961  22.008  1.00 61.65 ? 4   ARG A NE  1 
ATOM   25   C CZ  . ARG A 1 4   ? 0.291   -2.080  22.282  1.00 58.02 ? 4   ARG A CZ  1 
ATOM   26   N NH1 . ARG A 1 4   ? 0.902   -3.080  22.905  1.00 62.30 ? 4   ARG A NH1 1 
ATOM   27   N NH2 . ARG A 1 4   ? -0.986  -2.201  21.935  1.00 48.00 ? 4   ARG A NH2 1 
ATOM   28   N N   . ASP A 1 5   ? 4.782   -4.128  18.600  1.00 48.14 ? 5   ASP A N   1 
ATOM   29   C CA  . ASP A 1 5   ? 5.401   -5.398  18.226  1.00 43.08 ? 5   ASP A CA  1 
ATOM   30   C C   . ASP A 1 5   ? 5.173   -5.684  16.747  1.00 35.86 ? 5   ASP A C   1 
ATOM   31   O O   . ASP A 1 5   ? 4.073   -5.468  16.237  1.00 41.11 ? 5   ASP A O   1 
ATOM   32   C CB  . ASP A 1 5   ? 4.819   -6.544  19.062  1.00 45.56 ? 5   ASP A CB  1 
ATOM   33   C CG  . ASP A 1 5   ? 5.666   -6.872  20.280  1.00 56.93 ? 5   ASP A CG  1 
ATOM   34   O OD1 . ASP A 1 5   ? 5.933   -8.074  20.514  1.00 62.87 ? 5   ASP A OD1 1 
ATOM   35   O OD2 . ASP A 1 5   ? 6.071   -5.935  20.998  1.00 52.88 ? 5   ASP A OD2 1 
ATOM   36   N N   . VAL A 1 6   ? 6.202   -6.172  16.061  1.00 31.06 ? 6   VAL A N   1 
ATOM   37   C CA  . VAL A 1 6   ? 6.080   -6.573  14.658  1.00 32.68 ? 6   VAL A CA  1 
ATOM   38   C C   . VAL A 1 6   ? 6.766   -7.922  14.393  1.00 34.14 ? 6   VAL A C   1 
ATOM   39   O O   . VAL A 1 6   ? 7.964   -8.071  14.642  1.00 28.32 ? 6   VAL A O   1 
ATOM   40   C CB  . VAL A 1 6   ? 6.686   -5.514  13.699  1.00 34.05 ? 6   VAL A CB  1 
ATOM   41   C CG1 . VAL A 1 6   ? 6.143   -5.692  12.277  1.00 30.60 ? 6   VAL A CG1 1 
ATOM   42   C CG2 . VAL A 1 6   ? 6.408   -4.124  14.195  1.00 31.22 ? 6   VAL A CG2 1 
ATOM   43   N N   . GLU A 1 7   ? 6.009   -8.902  13.891  1.00 28.48 ? 7   GLU A N   1 
ATOM   44   C CA  . GLU A 1 7   ? 6.588   -10.193 13.521  1.00 30.88 ? 7   GLU A CA  1 
ATOM   45   C C   . GLU A 1 7   ? 6.063   -10.705 12.185  1.00 26.57 ? 7   GLU A C   1 
ATOM   46   O O   . GLU A 1 7   ? 4.853   -10.818 11.981  1.00 30.09 ? 7   GLU A O   1 
ATOM   47   C CB  . GLU A 1 7   ? 6.317   -11.259 14.585  1.00 30.58 ? 7   GLU A CB  1 
ATOM   48   C CG  . GLU A 1 7   ? 6.259   -10.752 16.011  1.00 35.45 ? 7   GLU A CG  1 
ATOM   49   C CD  . GLU A 1 7   ? 5.538   -11.732 16.927  1.00 43.77 ? 7   GLU A CD  1 
ATOM   50   O OE1 . GLU A 1 7   ? 4.446   -11.389 17.435  1.00 39.02 ? 7   GLU A OE1 1 
ATOM   51   O OE2 . GLU A 1 7   ? 6.058   -12.855 17.116  1.00 42.95 ? 7   GLU A OE2 1 
ATOM   52   N N   . LEU A 1 8   ? 6.976   -11.025 11.280  1.00 22.88 ? 8   LEU A N   1 
ATOM   53   C CA  . LEU A 1 8   ? 6.588   -11.734 10.080  1.00 26.33 ? 8   LEU A CA  1 
ATOM   54   C C   . LEU A 1 8   ? 6.155   -13.123 10.527  1.00 29.20 ? 8   LEU A C   1 
ATOM   55   O O   . LEU A 1 8   ? 6.966   -13.876 11.063  1.00 27.32 ? 8   LEU A O   1 
ATOM   56   C CB  . LEU A 1 8   ? 7.763   -11.842 9.119   1.00 24.17 ? 8   LEU A CB  1 
ATOM   57   C CG  . LEU A 1 8   ? 7.406   -12.668 7.885   1.00 29.64 ? 8   LEU A CG  1 
ATOM   58   C CD1 . LEU A 1 8   ? 6.254   -12.023 7.123   1.00 22.32 ? 8   LEU A CD1 1 
ATOM   59   C CD2 . LEU A 1 8   ? 8.622   -12.871 6.983   1.00 22.67 ? 8   LEU A CD2 1 
ATOM   60   N N   . VAL A 1 9   ? 4.879   -13.456 10.345  1.00 24.18 ? 9   VAL A N   1 
ATOM   61   C CA  . VAL A 1 9   ? 4.367   -14.742 10.814  1.00 27.58 ? 9   VAL A CA  1 
ATOM   62   C C   . VAL A 1 9   ? 3.922   -15.689 9.704   1.00 28.46 ? 9   VAL A C   1 
ATOM   63   O O   . VAL A 1 9   ? 3.796   -16.887 9.929   1.00 29.16 ? 9   VAL A O   1 
ATOM   64   C CB  . VAL A 1 9   ? 3.215   -14.599 11.846  1.00 26.46 ? 9   VAL A CB  1 
ATOM   65   C CG1 . VAL A 1 9   ? 3.674   -13.831 13.075  1.00 22.78 ? 9   VAL A CG1 1 
ATOM   66   C CG2 . VAL A 1 9   ? 1.992   -13.961 11.208  1.00 24.13 ? 9   VAL A CG2 1 
ATOM   67   N N   . LYS A 1 10  ? 3.686   -15.168 8.509   1.00 26.71 ? 10  LYS A N   1 
ATOM   68   C CA  . LYS A 1 10  ? 3.223   -16.027 7.429   1.00 26.44 ? 10  LYS A CA  1 
ATOM   69   C C   . LYS A 1 10  ? 3.635   -15.540 6.057   1.00 23.25 ? 10  LYS A C   1 
ATOM   70   O O   . LYS A 1 10  ? 3.494   -14.371 5.727   1.00 27.46 ? 10  LYS A O   1 
ATOM   71   C CB  . LYS A 1 10  ? 1.701   -16.195 7.480   1.00 28.90 ? 10  LYS A CB  1 
ATOM   72   C CG  . LYS A 1 10  ? 1.169   -17.327 6.607   1.00 30.14 ? 10  LYS A CG  1 
ATOM   73   C CD  . LYS A 1 10  ? 1.469   -18.669 7.248   1.00 29.55 ? 10  LYS A CD  1 
ATOM   74   C CE  . LYS A 1 10  ? 0.926   -19.817 6.418   1.00 38.82 ? 10  LYS A CE  1 
ATOM   75   N NZ  . LYS A 1 10  ? 0.842   -21.077 7.201   1.00 33.17 ? 10  LYS A NZ  1 
ATOM   76   N N   . VAL A 1 11  ? 4.169   -16.462 5.271   1.00 27.23 ? 11  VAL A N   1 
ATOM   77   C CA  . VAL A 1 11  ? 4.439   -16.248 3.864   1.00 25.32 ? 11  VAL A CA  1 
ATOM   78   C C   . VAL A 1 11  ? 3.474   -17.160 3.131   1.00 30.50 ? 11  VAL A C   1 
ATOM   79   O O   . VAL A 1 11  ? 3.517   -18.373 3.305   1.00 30.62 ? 11  VAL A O   1 
ATOM   80   C CB  . VAL A 1 11  ? 5.885   -16.641 3.518   1.00 28.95 ? 11  VAL A CB  1 
ATOM   81   C CG1 . VAL A 1 11  ? 6.099   -16.667 2.016   1.00 33.95 ? 11  VAL A CG1 1 
ATOM   82   C CG2 . VAL A 1 11  ? 6.859   -15.682 4.171   1.00 27.55 ? 11  VAL A CG2 1 
ATOM   83   N N   . ALA A 1 12  ? 2.581   -16.582 2.337   1.00 32.19 ? 12  ALA A N   1 
ATOM   84   C CA  . ALA A 1 12  ? 1.548   -17.373 1.680   1.00 32.22 ? 12  ALA A CA  1 
ATOM   85   C C   . ALA A 1 12  ? 1.717   -17.396 0.165   1.00 36.52 ? 12  ALA A C   1 
ATOM   86   O O   . ALA A 1 12  ? 1.905   -16.350 -0.459  1.00 36.11 ? 12  ALA A O   1 
ATOM   87   C CB  . ALA A 1 12  ? 0.174   -16.852 2.059   1.00 31.63 ? 12  ALA A CB  1 
ATOM   88   N N   . ARG A 1 13  ? 1.647   -18.593 -0.418  1.00 41.09 ? 13  ARG A N   1 
ATOM   89   C CA  . ARG A 1 13  ? 1.733   -18.759 -1.868  1.00 43.43 ? 13  ARG A CA  1 
ATOM   90   C C   . ARG A 1 13  ? 0.354   -19.049 -2.477  1.00 46.94 ? 13  ARG A C   1 
ATOM   91   O O   . ARG A 1 13  ? 0.159   -18.935 -3.685  1.00 47.08 ? 13  ARG A O   1 
ATOM   92   C CB  . ARG A 1 13  ? 2.720   -19.873 -2.225  1.00 55.62 ? 13  ARG A CB  1 
ATOM   93   C CG  . ARG A 1 13  ? 3.412   -19.697 -3.574  1.00 66.58 ? 13  ARG A CG  1 
ATOM   94   C CD  . ARG A 1 13  ? 4.112   -20.984 -4.017  1.00 75.24 ? 13  ARG A CD  1 
ATOM   95   N NE  . ARG A 1 13  ? 3.165   -22.001 -4.476  1.00 80.43 ? 13  ARG A NE  1 
ATOM   96   C CZ  . ARG A 1 13  ? 3.514   -23.199 -4.943  1.00 96.05 ? 13  ARG A CZ  1 
ATOM   97   N NH1 . ARG A 1 13  ? 4.795   -23.544 -5.015  1.00 94.80 ? 13  ARG A NH1 1 
ATOM   98   N NH2 . ARG A 1 13  ? 2.579   -24.056 -5.339  1.00 95.07 ? 13  ARG A NH2 1 
ATOM   99   N N   . THR A 1 14  ? -0.597  -19.430 -1.629  1.00 40.97 ? 14  THR A N   1 
ATOM   100  C CA  . THR A 1 14  ? -1.979  -19.641 -2.050  1.00 38.15 ? 14  THR A CA  1 
ATOM   101  C C   . THR A 1 14  ? -2.919  -19.196 -0.933  1.00 39.34 ? 14  THR A C   1 
ATOM   102  O O   . THR A 1 14  ? -2.501  -19.113 0.224   1.00 34.60 ? 14  THR A O   1 
ATOM   103  C CB  . THR A 1 14  ? -2.281  -21.127 -2.443  1.00 41.02 ? 14  THR A CB  1 
ATOM   104  O OG1 . THR A 1 14  ? -2.012  -22.003 -1.337  1.00 35.88 ? 14  THR A OG1 1 
ATOM   105  C CG2 . THR A 1 14  ? -1.451  -21.554 -3.641  1.00 47.23 ? 14  THR A CG2 1 
ATOM   106  N N   . PRO A 1 15  ? -4.188  -18.890 -1.278  1.00 37.79 ? 15  PRO A N   1 
ATOM   107  C CA  . PRO A 1 15  ? -5.189  -18.397 -0.320  1.00 35.22 ? 15  PRO A CA  1 
ATOM   108  C C   . PRO A 1 15  ? -5.431  -19.315 0.885   1.00 37.44 ? 15  PRO A C   1 
ATOM   109  O O   . PRO A 1 15  ? -5.760  -18.831 1.970   1.00 38.97 ? 15  PRO A O   1 
ATOM   110  C CB  . PRO A 1 15  ? -6.461  -18.260 -1.176  1.00 35.79 ? 15  PRO A CB  1 
ATOM   111  C CG  . PRO A 1 15  ? -6.149  -18.988 -2.464  1.00 41.03 ? 15  PRO A CG  1 
ATOM   112  C CD  . PRO A 1 15  ? -4.687  -18.784 -2.657  1.00 37.82 ? 15  PRO A CD  1 
ATOM   113  N N   . GLY A 1 16  ? -5.275  -20.619 0.701   1.00 35.19 ? 16  GLY A N   1 
ATOM   114  C CA  . GLY A 1 16  ? -5.370  -21.538 1.820   1.00 37.28 ? 16  GLY A CA  1 
ATOM   115  C C   . GLY A 1 16  ? -4.282  -21.286 2.850   1.00 45.57 ? 16  GLY A C   1 
ATOM   116  O O   . GLY A 1 16  ? -4.297  -21.865 3.940   1.00 46.89 ? 16  GLY A O   1 
ATOM   117  N N   . ASP A 1 17  ? -3.336  -20.416 2.503   1.00 41.41 ? 17  ASP A N   1 
ATOM   118  C CA  . ASP A 1 17  ? -2.183  -20.139 3.350   1.00 40.79 ? 17  ASP A CA  1 
ATOM   119  C C   . ASP A 1 17  ? -2.337  -18.926 4.263   1.00 37.79 ? 17  ASP A C   1 
ATOM   120  O O   . ASP A 1 17  ? -1.438  -18.657 5.056   1.00 39.49 ? 17  ASP A O   1 
ATOM   121  C CB  . ASP A 1 17  ? -0.934  -19.932 2.491   1.00 40.40 ? 17  ASP A CB  1 
ATOM   122  C CG  . ASP A 1 17  ? -0.082  -21.166 2.395   1.00 43.72 ? 17  ASP A CG  1 
ATOM   123  O OD1 . ASP A 1 17  ? 0.698   -21.269 1.426   1.00 48.86 ? 17  ASP A OD1 1 
ATOM   124  O OD2 . ASP A 1 17  ? -0.185  -22.031 3.288   1.00 49.93 ? 17  ASP A OD2 1 
ATOM   125  N N   . TYR A 1 18  ? -3.438  -18.185 4.151   1.00 32.27 ? 18  TYR A N   1 
ATOM   126  C CA  . TYR A 1 18  ? -3.580  -16.954 4.930   1.00 29.98 ? 18  TYR A CA  1 
ATOM   127  C C   . TYR A 1 18  ? -3.918  -17.270 6.373   1.00 31.42 ? 18  TYR A C   1 
ATOM   128  O O   . TYR A 1 18  ? -4.729  -18.151 6.653   1.00 34.00 ? 18  TYR A O   1 
ATOM   129  C CB  . TYR A 1 18  ? -4.656  -16.017 4.370   1.00 29.89 ? 18  TYR A CB  1 
ATOM   130  C CG  . TYR A 1 18  ? -4.600  -15.766 2.888   1.00 27.46 ? 18  TYR A CG  1 
ATOM   131  C CD1 . TYR A 1 18  ? -5.769  -15.517 2.168   1.00 31.04 ? 18  TYR A CD1 1 
ATOM   132  C CD2 . TYR A 1 18  ? -3.396  -15.781 2.199   1.00 26.12 ? 18  TYR A CD2 1 
ATOM   133  C CE1 . TYR A 1 18  ? -5.736  -15.282 0.808   1.00 29.00 ? 18  TYR A CE1 1 
ATOM   134  C CE2 . TYR A 1 18  ? -3.352  -15.559 0.838   1.00 25.10 ? 18  TYR A CE2 1 
ATOM   135  C CZ  . TYR A 1 18  ? -4.527  -15.308 0.148   1.00 29.01 ? 18  TYR A CZ  1 
ATOM   136  O OH  . TYR A 1 18  ? -4.497  -15.078 -1.207  1.00 33.44 ? 18  TYR A OH  1 
ATOM   137  N N   . PRO A 1 19  ? -3.304  -16.535 7.300   1.00 27.49 ? 19  PRO A N   1 
ATOM   138  C CA  . PRO A 1 19  ? -3.551  -16.765 8.724   1.00 30.11 ? 19  PRO A CA  1 
ATOM   139  C C   . PRO A 1 19  ? -4.965  -16.335 9.084   1.00 30.10 ? 19  PRO A C   1 
ATOM   140  O O   . PRO A 1 19  ? -5.568  -15.551 8.349   1.00 31.12 ? 19  PRO A O   1 
ATOM   141  C CB  . PRO A 1 19  ? -2.522  -15.860 9.415   1.00 31.09 ? 19  PRO A CB  1 
ATOM   142  C CG  . PRO A 1 19  ? -1.631  -15.338 8.318   1.00 32.19 ? 19  PRO A CG  1 
ATOM   143  C CD  . PRO A 1 19  ? -2.410  -15.396 7.060   1.00 27.85 ? 19  PRO A CD  1 
ATOM   144  N N   . PRO A 1 20  ? -5.499  -16.853 10.198  1.00 32.10 ? 20  PRO A N   1 
ATOM   145  C CA  . PRO A 1 20  ? -6.871  -16.516 10.591  1.00 30.41 ? 20  PRO A CA  1 
ATOM   146  C C   . PRO A 1 20  ? -7.067  -15.007 10.715  1.00 32.08 ? 20  PRO A C   1 
ATOM   147  O O   . PRO A 1 20  ? -6.215  -14.324 11.272  1.00 29.38 ? 20  PRO A O   1 
ATOM   148  C CB  . PRO A 1 20  ? -7.010  -17.188 11.959  1.00 33.35 ? 20  PRO A CB  1 
ATOM   149  C CG  . PRO A 1 20  ? -6.069  -18.363 11.893  1.00 29.21 ? 20  PRO A CG  1 
ATOM   150  C CD  . PRO A 1 20  ? -4.897  -17.870 11.079  1.00 31.31 ? 20  PRO A CD  1 
ATOM   151  N N   . PRO A 1 21  ? -8.189  -14.488 10.195  1.00 35.07 ? 21  PRO A N   1 
ATOM   152  C CA  . PRO A 1 21  ? -8.445  -13.058 10.373  1.00 35.91 ? 21  PRO A CA  1 
ATOM   153  C C   . PRO A 1 21  ? -8.426  -12.725 11.859  1.00 38.11 ? 21  PRO A C   1 
ATOM   154  O O   . PRO A 1 21  ? -8.836  -13.547 12.682  1.00 36.31 ? 21  PRO A O   1 
ATOM   155  C CB  . PRO A 1 21  ? -9.851  -12.881 9.789   1.00 27.84 ? 21  PRO A CB  1 
ATOM   156  C CG  . PRO A 1 21  ? -9.975  -13.984 8.800   1.00 31.48 ? 21  PRO A CG  1 
ATOM   157  C CD  . PRO A 1 21  ? -9.248  -15.149 9.412   1.00 32.64 ? 21  PRO A CD  1 
ATOM   158  N N   . LEU A 1 22  ? -7.937  -11.542 12.206  1.00 34.17 ? 22  LEU A N   1 
ATOM   159  C CA  . LEU A 1 22  ? -7.898  -11.162 13.608  1.00 36.28 ? 22  LEU A CA  1 
ATOM   160  C C   . LEU A 1 22  ? -8.782  -9.953  13.879  1.00 32.40 ? 22  LEU A C   1 
ATOM   161  O O   . LEU A 1 22  ? -9.988  -10.018 13.702  1.00 37.33 ? 22  LEU A O   1 
ATOM   162  C CB  . LEU A 1 22  ? -6.464  -10.895 14.071  1.00 34.16 ? 22  LEU A CB  1 
ATOM   163  C CG  . LEU A 1 22  ? -5.490  -12.074 14.103  1.00 32.37 ? 22  LEU A CG  1 
ATOM   164  C CD1 . LEU A 1 22  ? -4.142  -11.641 14.675  1.00 30.57 ? 22  LEU A CD1 1 
ATOM   165  C CD2 . LEU A 1 22  ? -6.057  -13.236 14.894  1.00 34.45 ? 22  LEU A CD2 1 
ATOM   166  N N   . LYS A 1 23  ? -8.176  -8.854  14.311  1.00 35.93 ? 23  LYS A N   1 
ATOM   167  C CA  . LYS A 1 23  ? -8.933  -7.681  14.733  1.00 34.76 ? 23  LYS A CA  1 
ATOM   168  C C   . LYS A 1 23  ? -8.770  -6.535  13.754  1.00 36.34 ? 23  LYS A C   1 
ATOM   169  O O   . LYS A 1 23  ? -9.205  -5.417  14.013  1.00 39.68 ? 23  LYS A O   1 
ATOM   170  C CB  . LYS A 1 23  ? -8.513  -7.244  16.138  1.00 32.92 ? 23  LYS A CB  1 
ATOM   171  C CG  . LYS A 1 23  ? -9.250  -7.975  17.247  1.00 40.50 ? 23  LYS A CG  1 
ATOM   172  C CD  . LYS A 1 23  ? -8.577  -7.767  18.597  1.00 54.56 ? 23  LYS A CD  1 
ATOM   173  C CE  . LYS A 1 23  ? -9.403  -8.359  19.738  1.00 59.84 ? 23  LYS A CE  1 
ATOM   174  N NZ  . LYS A 1 23  ? -8.612  -8.503  21.000  1.00 54.82 ? 23  LYS A NZ  1 
ATOM   175  N N   . GLY A 1 24  ? -8.151  -6.814  12.617  1.00 35.19 ? 24  GLY A N   1 
ATOM   176  C CA  . GLY A 1 24  ? -7.932  -5.777  11.632  1.00 35.53 ? 24  GLY A CA  1 
ATOM   177  C C   . GLY A 1 24  ? -6.850  -6.157  10.650  1.00 31.55 ? 24  GLY A C   1 
ATOM   178  O O   . GLY A 1 24  ? -6.021  -7.017  10.934  1.00 27.25 ? 24  GLY A O   1 
ATOM   179  N N   . GLU A 1 25  ? -6.859  -5.504  9.496   1.00 29.02 ? 25  GLU A N   1 
ATOM   180  C CA  . GLU A 1 25  ? -5.914  -5.823  8.437   1.00 29.20 ? 25  GLU A CA  1 
ATOM   181  C C   . GLU A 1 25  ? -5.851  -4.698  7.408   1.00 25.99 ? 25  GLU A C   1 
ATOM   182  O O   . GLU A 1 25  ? -6.873  -4.206  6.953   1.00 23.65 ? 25  GLU A O   1 
ATOM   183  C CB  . GLU A 1 25  ? -6.313  -7.146  7.766   1.00 26.42 ? 25  GLU A CB  1 
ATOM   184  C CG  . GLU A 1 25  ? -5.487  -7.530  6.544   1.00 20.39 ? 25  GLU A CG  1 
ATOM   185  C CD  . GLU A 1 25  ? -5.463  -9.048  6.305   1.00 27.02 ? 25  GLU A CD  1 
ATOM   186  O OE1 . GLU A 1 25  ? -5.229  -9.480  5.155   1.00 23.30 ? 25  GLU A OE1 1 
ATOM   187  O OE2 . GLU A 1 25  ? -5.672  -9.810  7.272   1.00 24.31 ? 25  GLU A OE2 1 
ATOM   188  N N   . VAL A 1 26  ? -4.641  -4.291  7.053   1.00 23.30 ? 26  VAL A N   1 
ATOM   189  C CA  . VAL A 1 26  ? -4.448  -3.401  5.920   1.00 23.80 ? 26  VAL A CA  1 
ATOM   190  C C   . VAL A 1 26  ? -3.366  -4.021  5.050   1.00 22.81 ? 26  VAL A C   1 
ATOM   191  O O   . VAL A 1 26  ? -2.629  -4.872  5.522   1.00 21.69 ? 26  VAL A O   1 
ATOM   192  C CB  . VAL A 1 26  ? -4.063  -1.987  6.369   1.00 20.99 ? 26  VAL A CB  1 
ATOM   193  C CG1 . VAL A 1 26  ? -5.154  -1.419  7.260   1.00 21.69 ? 26  VAL A CG1 1 
ATOM   194  C CG2 . VAL A 1 26  ? -2.717  -1.993  7.086   1.00 20.70 ? 26  VAL A CG2 1 
ATOM   195  N N   . ALA A 1 27  ? -3.297  -3.629  3.782   1.00 21.45 ? 27  ALA A N   1 
ATOM   196  C CA  . ALA A 1 27  ? -2.281  -4.167  2.875   1.00 25.25 ? 27  ALA A CA  1 
ATOM   197  C C   . ALA A 1 27  ? -1.536  -3.073  2.125   1.00 17.53 ? 27  ALA A C   1 
ATOM   198  O O   . ALA A 1 27  ? -1.947  -1.932  2.109   1.00 23.37 ? 27  ALA A O   1 
ATOM   199  C CB  . ALA A 1 27  ? -2.889  -5.184  1.886   1.00 20.15 ? 27  ALA A CB  1 
ATOM   200  N N   . PHE A 1 28  ? -0.424  -3.446  1.521   1.00 18.95 ? 28  PHE A N   1 
ATOM   201  C CA  . PHE A 1 28  ? 0.459   -2.510  0.858   1.00 24.56 ? 28  PHE A CA  1 
ATOM   202  C C   . PHE A 1 28  ? 0.893   -3.127  -0.450  1.00 24.35 ? 28  PHE A C   1 
ATOM   203  O O   . PHE A 1 28  ? 1.303   -4.285  -0.490  1.00 20.14 ? 28  PHE A O   1 
ATOM   204  C CB  . PHE A 1 28  ? 1.691   -2.215  1.721   1.00 23.10 ? 28  PHE A CB  1 
ATOM   205  C CG  . PHE A 1 28  ? 1.362   -1.610  3.054   1.00 22.07 ? 28  PHE A CG  1 
ATOM   206  C CD1 . PHE A 1 28  ? 0.921   -2.406  4.102   1.00 22.47 ? 28  PHE A CD1 1 
ATOM   207  C CD2 . PHE A 1 28  ? 1.495   -0.254  3.262   1.00 20.46 ? 28  PHE A CD2 1 
ATOM   208  C CE1 . PHE A 1 28  ? 0.611   -1.854  5.335   1.00 18.68 ? 28  PHE A CE1 1 
ATOM   209  C CE2 . PHE A 1 28  ? 1.191   0.304   4.497   1.00 22.13 ? 28  PHE A CE2 1 
ATOM   210  C CZ  . PHE A 1 28  ? 0.751   -0.506  5.533   1.00 18.75 ? 28  PHE A CZ  1 
ATOM   211  N N   . VAL A 1 29  ? 0.789   -2.350  -1.518  1.00 21.40 ? 29  VAL A N   1 
ATOM   212  C CA  . VAL A 1 29  ? 1.165   -2.824  -2.832  1.00 22.15 ? 29  VAL A CA  1 
ATOM   213  C C   . VAL A 1 29  ? 1.544   -1.631  -3.705  1.00 28.62 ? 29  VAL A C   1 
ATOM   214  O O   . VAL A 1 29  ? 1.145   -0.485  -3.437  1.00 24.46 ? 29  VAL A O   1 
ATOM   215  C CB  . VAL A 1 29  ? 0.005   -3.632  -3.477  1.00 23.65 ? 29  VAL A CB  1 
ATOM   216  C CG1 . VAL A 1 29  ? -1.068  -2.695  -4.007  1.00 20.59 ? 29  VAL A CG1 1 
ATOM   217  C CG2 . VAL A 1 29  ? 0.516   -4.534  -4.576  1.00 23.67 ? 29  VAL A CG2 1 
ATOM   218  N N   . GLY A 1 30  ? 2.328   -1.911  -4.737  1.00 26.64 ? 30  GLY A N   1 
ATOM   219  C CA  . GLY A 1 30  ? 2.776   -0.916  -5.691  1.00 26.87 ? 30  GLY A CA  1 
ATOM   220  C C   . GLY A 1 30  ? 3.748   -1.608  -6.632  1.00 36.13 ? 30  GLY A C   1 
ATOM   221  O O   . GLY A 1 30  ? 3.981   -2.819  -6.511  1.00 33.52 ? 30  GLY A O   1 
ATOM   222  N N   . ARG A 1 31  ? 4.316   -0.855  -7.568  1.00 34.14 ? 31  ARG A N   1 
ATOM   223  C CA  . ARG A 1 31  ? 5.322   -1.402  -8.474  1.00 35.31 ? 31  ARG A CA  1 
ATOM   224  C C   . ARG A 1 31  ? 6.575   -1.819  -7.731  1.00 33.06 ? 31  ARG A C   1 
ATOM   225  O O   . ARG A 1 31  ? 6.871   -1.309  -6.650  1.00 34.42 ? 31  ARG A O   1 
ATOM   226  C CB  . ARG A 1 31  ? 5.700   -0.388  -9.553  1.00 36.46 ? 31  ARG A CB  1 
ATOM   227  C CG  . ARG A 1 31  ? 4.576   -0.046  -10.498 1.00 38.89 ? 31  ARG A CG  1 
ATOM   228  C CD  . ARG A 1 31  ? 5.087   0.861   -11.581 1.00 47.66 ? 31  ARG A CD  1 
ATOM   229  N NE  . ARG A 1 31  ? 6.114   0.223   -12.401 1.00 45.57 ? 31  ARG A NE  1 
ATOM   230  C CZ  . ARG A 1 31  ? 7.103   0.888   -12.990 1.00 49.20 ? 31  ARG A CZ  1 
ATOM   231  N NH1 . ARG A 1 31  ? 7.994   0.244   -13.734 1.00 43.89 ? 31  ARG A NH1 1 
ATOM   232  N NH2 . ARG A 1 31  ? 7.203   2.201   -12.825 1.00 45.71 ? 31  ARG A NH2 1 
ATOM   233  N N   . SER A 1 32  ? 7.303   -2.765  -8.312  1.00 35.73 ? 32  SER A N   1 
ATOM   234  C CA  . SER A 1 32  ? 8.625   -3.118  -7.822  1.00 31.07 ? 32  SER A CA  1 
ATOM   235  C C   . SER A 1 32  ? 9.504   -1.872  -7.825  1.00 28.71 ? 32  SER A C   1 
ATOM   236  O O   . SER A 1 32  ? 9.378   -1.022  -8.704  1.00 32.38 ? 32  SER A O   1 
ATOM   237  C CB  . SER A 1 32  ? 9.242   -4.198  -8.711  1.00 33.77 ? 32  SER A CB  1 
ATOM   238  O OG  . SER A 1 32  ? 8.459   -5.378  -8.692  1.00 40.55 ? 32  SER A OG  1 
ATOM   239  N N   . ASN A 1 33  ? 10.381  -1.768  -6.832  1.00 28.78 ? 33  ASN A N   1 
ATOM   240  C CA  . ASN A 1 33  ? 11.283  -0.622  -6.669  1.00 28.50 ? 33  ASN A CA  1 
ATOM   241  C C   . ASN A 1 33  ? 10.569  0.719   -6.426  1.00 31.93 ? 33  ASN A C   1 
ATOM   242  O O   . ASN A 1 33  ? 11.090  1.783   -6.762  1.00 32.76 ? 33  ASN A O   1 
ATOM   243  C CB  . ASN A 1 33  ? 12.234  -0.508  -7.862  1.00 28.83 ? 33  ASN A CB  1 
ATOM   244  C CG  . ASN A 1 33  ? 13.138  -1.736  -8.026  1.00 40.95 ? 33  ASN A CG  1 
ATOM   245  O OD1 . ASN A 1 33  ? 13.283  -2.568  -7.118  1.00 32.60 ? 33  ASN A OD1 1 
ATOM   246  N ND2 . ASN A 1 33  ? 13.755  -1.842  -9.194  1.00 39.14 ? 33  ASN A ND2 1 
ATOM   247  N N   . VAL A 1 34  ? 9.376   0.667   -5.840  1.00 30.21 ? 34  VAL A N   1 
ATOM   248  C CA  . VAL A 1 34  ? 8.606   1.880   -5.581  1.00 27.46 ? 34  VAL A CA  1 
ATOM   249  C C   . VAL A 1 34  ? 8.983   2.461   -4.219  1.00 26.00 ? 34  VAL A C   1 
ATOM   250  O O   . VAL A 1 34  ? 8.676   3.619   -3.917  1.00 28.78 ? 34  VAL A O   1 
ATOM   251  C CB  . VAL A 1 34  ? 7.067   1.623   -5.670  1.00 27.61 ? 34  VAL A CB  1 
ATOM   252  C CG1 . VAL A 1 34  ? 6.566   0.869   -4.444  1.00 23.08 ? 34  VAL A CG1 1 
ATOM   253  C CG2 . VAL A 1 34  ? 6.303   2.924   -5.839  1.00 25.56 ? 34  VAL A CG2 1 
ATOM   254  N N   . GLY A 1 35  ? 9.656   1.655   -3.403  1.00 25.65 ? 35  GLY A N   1 
ATOM   255  C CA  . GLY A 1 35  ? 10.056  2.077   -2.077  1.00 23.76 ? 35  GLY A CA  1 
ATOM   256  C C   . GLY A 1 35  ? 9.165   1.488   -1.006  1.00 24.81 ? 35  GLY A C   1 
ATOM   257  O O   . GLY A 1 35  ? 9.057   2.028   0.094   1.00 25.24 ? 35  GLY A O   1 
ATOM   258  N N   . LYS A 1 36  ? 8.540   0.361   -1.326  1.00 21.20 ? 36  LYS A N   1 
ATOM   259  C CA  . LYS A 1 36  ? 7.588   -0.274  -0.425  1.00 25.95 ? 36  LYS A CA  1 
ATOM   260  C C   . LYS A 1 36  ? 8.271   -0.790  0.824   1.00 22.62 ? 36  LYS A C   1 
ATOM   261  O O   . LYS A 1 36  ? 7.736   -0.681  1.929   1.00 20.60 ? 36  LYS A O   1 
ATOM   262  C CB  . LYS A 1 36  ? 6.816   -1.404  -1.139  1.00 23.94 ? 36  LYS A CB  1 
ATOM   263  C CG  . LYS A 1 36  ? 6.020   -2.305  -0.202  1.00 25.83 ? 36  LYS A CG  1 
ATOM   264  C CD  . LYS A 1 36  ? 4.766   -2.888  -0.872  1.00 26.29 ? 36  LYS A CD  1 
ATOM   265  C CE  . LYS A 1 36  ? 5.060   -3.651  -2.165  1.00 24.47 ? 36  LYS A CE  1 
ATOM   266  N NZ  . LYS A 1 36  ? 5.820   -4.903  -1.954  1.00 26.21 ? 36  LYS A NZ  1 
ATOM   267  N N   . SER A 1 37  ? 9.460   -1.352  0.639   1.00 26.15 ? 37  SER A N   1 
ATOM   268  C CA  . SER A 1 37  ? 10.235  -1.907  1.747   1.00 26.40 ? 37  SER A CA  1 
ATOM   269  C C   . SER A 1 37  ? 10.723  -0.838  2.722   1.00 24.97 ? 37  SER A C   1 
ATOM   270  O O   . SER A 1 37  ? 10.644  -1.025  3.931   1.00 24.46 ? 37  SER A O   1 
ATOM   271  C CB  . SER A 1 37  ? 11.432  -2.702  1.224   1.00 28.18 ? 37  SER A CB  1 
ATOM   272  O OG  . SER A 1 37  ? 12.018  -3.453  2.272   1.00 37.78 ? 37  SER A OG  1 
ATOM   273  N N   . SER A 1 38  ? 11.241  0.270   2.199   1.00 26.61 ? 38  SER A N   1 
ATOM   274  C CA  . SER A 1 38  ? 11.670  1.376   3.063   1.00 29.04 ? 38  SER A CA  1 
ATOM   275  C C   . SER A 1 38  ? 10.459  1.954   3.785   1.00 25.77 ? 38  SER A C   1 
ATOM   276  O O   . SER A 1 38  ? 10.555  2.321   4.946   1.00 24.99 ? 38  SER A O   1 
ATOM   277  C CB  . SER A 1 38  ? 12.388  2.479   2.276   1.00 25.81 ? 38  SER A CB  1 
ATOM   278  O OG  . SER A 1 38  ? 13.459  1.947   1.522   1.00 34.04 ? 38  SER A OG  1 
ATOM   279  N N   . LEU A 1 39  ? 9.318   2.018   3.100   1.00 23.79 ? 39  LEU A N   1 
ATOM   280  C CA  . LEU A 1 39  ? 8.097   2.515   3.739   1.00 26.99 ? 39  LEU A CA  1 
ATOM   281  C C   . LEU A 1 39  ? 7.704   1.643   4.929   1.00 26.37 ? 39  LEU A C   1 
ATOM   282  O O   . LEU A 1 39  ? 7.486   2.151   6.031   1.00 27.09 ? 39  LEU A O   1 
ATOM   283  C CB  . LEU A 1 39  ? 6.917   2.631   2.759   1.00 22.75 ? 39  LEU A CB  1 
ATOM   284  C CG  . LEU A 1 39  ? 5.641   3.125   3.473   1.00 27.89 ? 39  LEU A CG  1 
ATOM   285  C CD1 . LEU A 1 39  ? 5.862   4.518   4.072   1.00 26.52 ? 39  LEU A CD1 1 
ATOM   286  C CD2 . LEU A 1 39  ? 4.391   3.115   2.583   1.00 23.41 ? 39  LEU A CD2 1 
ATOM   287  N N   . LEU A 1 40  ? 7.607   0.336   4.701   1.00 22.76 ? 40  LEU A N   1 
ATOM   288  C CA  . LEU A 1 40  ? 7.247   -0.585  5.768   1.00 22.76 ? 40  LEU A CA  1 
ATOM   289  C C   . LEU A 1 40  ? 8.226   -0.475  6.926   1.00 26.23 ? 40  LEU A C   1 
ATOM   290  O O   . LEU A 1 40  ? 7.825   -0.480  8.083   1.00 31.66 ? 40  LEU A O   1 
ATOM   291  C CB  . LEU A 1 40  ? 7.178   -2.016  5.248   1.00 24.28 ? 40  LEU A CB  1 
ATOM   292  C CG  . LEU A 1 40  ? 5.939   -2.263  4.385   1.00 24.60 ? 40  LEU A CG  1 
ATOM   293  C CD1 . LEU A 1 40  ? 5.991   -3.634  3.719   1.00 26.63 ? 40  LEU A CD1 1 
ATOM   294  C CD2 . LEU A 1 40  ? 4.681   -2.119  5.231   1.00 20.05 ? 40  LEU A CD2 1 
ATOM   295  N N   . ASN A 1 41  ? 9.510   -0.366  6.608   1.00 26.84 ? 41  ASN A N   1 
ATOM   296  C CA  . ASN A 1 41  ? 10.534  -0.186  7.630   1.00 28.53 ? 41  ASN A CA  1 
ATOM   297  C C   . ASN A 1 41  ? 10.335  1.082   8.433   1.00 29.58 ? 41  ASN A C   1 
ATOM   298  O O   . ASN A 1 41  ? 10.436  1.070   9.654   1.00 30.50 ? 41  ASN A O   1 
ATOM   299  C CB  . ASN A 1 41  ? 11.923  -0.180  7.000   1.00 31.19 ? 41  ASN A CB  1 
ATOM   300  C CG  . ASN A 1 41  ? 12.309  -1.525  6.447   1.00 32.83 ? 41  ASN A CG  1 
ATOM   301  O OD1 . ASN A 1 41  ? 11.747  -2.550  6.835   1.00 37.88 ? 41  ASN A OD1 1 
ATOM   302  N ND2 . ASN A 1 41  ? 13.265  -1.536  5.529   1.00 36.60 ? 41  ASN A ND2 1 
ATOM   303  N N   . ALA A 1 42  ? 10.052  2.178   7.735   1.00 28.28 ? 42  ALA A N   1 
ATOM   304  C CA  . ALA A 1 42  ? 9.799   3.452   8.391   1.00 28.89 ? 42  ALA A CA  1 
ATOM   305  C C   . ALA A 1 42  ? 8.561   3.366   9.281   1.00 32.52 ? 42  ALA A C   1 
ATOM   306  O O   . ALA A 1 42  ? 8.531   3.970   10.351  1.00 27.98 ? 42  ALA A O   1 
ATOM   307  C CB  . ALA A 1 42  ? 9.666   4.575   7.365   1.00 24.38 ? 42  ALA A CB  1 
ATOM   308  N N   . LEU A 1 43  ? 7.549   2.611   8.839   1.00 28.97 ? 43  LEU A N   1 
ATOM   309  C CA  . LEU A 1 43  ? 6.336   2.418   9.632   1.00 27.11 ? 43  LEU A CA  1 
ATOM   310  C C   . LEU A 1 43  ? 6.613   1.517   10.834  1.00 32.53 ? 43  LEU A C   1 
ATOM   311  O O   . LEU A 1 43  ? 6.228   1.829   11.958  1.00 33.80 ? 43  LEU A O   1 
ATOM   312  C CB  . LEU A 1 43  ? 5.177   1.831   8.793   1.00 28.46 ? 43  LEU A CB  1 
ATOM   313  C CG  . LEU A 1 43  ? 4.492   2.588   7.642   1.00 24.22 ? 43  LEU A CG  1 
ATOM   314  C CD1 . LEU A 1 43  ? 3.361   1.761   7.049   1.00 25.55 ? 43  LEU A CD1 1 
ATOM   315  C CD2 . LEU A 1 43  ? 3.952   3.943   8.064   1.00 30.04 ? 43  LEU A CD2 1 
ATOM   316  N N   . PHE A 1 44  ? 7.268   0.388   10.585  1.00 31.90 ? 44  PHE A N   1 
ATOM   317  C CA  . PHE A 1 44  ? 7.564   -0.569  11.644  1.00 38.68 ? 44  PHE A CA  1 
ATOM   318  C C   . PHE A 1 44  ? 8.602   0.043   12.567  1.00 47.44 ? 44  PHE A C   1 
ATOM   319  O O   . PHE A 1 44  ? 8.668   -0.273  13.756  1.00 49.70 ? 44  PHE A O   1 
ATOM   320  C CB  . PHE A 1 44  ? 8.078   -1.896  11.064  1.00 31.92 ? 44  PHE A CB  1 
ATOM   321  C CG  . PHE A 1 44  ? 7.020   -2.698  10.341  1.00 34.57 ? 44  PHE A CG  1 
ATOM   322  C CD1 . PHE A 1 44  ? 7.363   -3.541  9.289   1.00 32.00 ? 44  PHE A CD1 1 
ATOM   323  C CD2 . PHE A 1 44  ? 5.685   -2.607  10.714  1.00 28.55 ? 44  PHE A CD2 1 
ATOM   324  C CE1 . PHE A 1 44  ? 6.400   -4.290  8.628   1.00 26.90 ? 44  PHE A CE1 1 
ATOM   325  C CE2 . PHE A 1 44  ? 4.714   -3.347  10.054  1.00 32.76 ? 44  PHE A CE2 1 
ATOM   326  C CZ  . PHE A 1 44  ? 5.071   -4.189  9.007   1.00 29.54 ? 44  PHE A CZ  1 
ATOM   327  N N   . ASN A 1 45  ? 9.394   0.942   11.991  1.00 49.97 ? 45  ASN A N   1 
ATOM   328  C CA  . ASN A 1 45  ? 10.496  1.592   12.680  1.00 47.01 ? 45  ASN A CA  1 
ATOM   329  C C   . ASN A 1 45  ? 11.587  0.591   13.045  1.00 54.60 ? 45  ASN A C   1 
ATOM   330  O O   . ASN A 1 45  ? 12.266  0.743   14.061  1.00 57.15 ? 45  ASN A O   1 
ATOM   331  C CB  . ASN A 1 45  ? 9.990   2.324   13.922  1.00 55.23 ? 45  ASN A CB  1 
ATOM   332  C CG  . ASN A 1 45  ? 10.987  3.344   14.444  1.00 59.04 ? 45  ASN A CG  1 
ATOM   333  O OD1 . ASN A 1 45  ? 12.107  3.462   13.937  1.00 53.13 ? 45  ASN A OD1 1 
ATOM   334  N ND2 . ASN A 1 45  ? 10.581  4.088   15.465  1.00 54.42 ? 45  ASN A ND2 1 
ATOM   335  N N   . ARG A 1 46  ? 11.748  -0.432  12.206  1.00 55.64 ? 46  ARG A N   1 
ATOM   336  C CA  . ARG A 1 46  ? 12.738  -1.483  12.435  1.00 55.50 ? 46  ARG A CA  1 
ATOM   337  C C   . ARG A 1 46  ? 13.319  -1.986  11.114  1.00 54.43 ? 46  ARG A C   1 
ATOM   338  O O   . ARG A 1 46  ? 14.361  -2.643  11.092  1.00 56.20 ? 46  ARG A O   1 
ATOM   339  C CB  . ARG A 1 46  ? 12.116  -2.646  13.218  1.00 51.79 ? 46  ARG A CB  1 
ATOM   340  C CG  . ARG A 1 46  ? 11.629  -2.264  14.610  1.00 54.48 ? 46  ARG A CG  1 
ATOM   341  C CD  . ARG A 1 46  ? 10.675  -3.297  15.194  1.00 56.43 ? 46  ARG A CD  1 
ATOM   342  N NE  . ARG A 1 46  ? 10.315  -2.978  16.575  1.00 63.02 ? 46  ARG A NE  1 
ATOM   343  C CZ  . ARG A 1 46  ? 9.200   -2.353  16.937  1.00 55.18 ? 46  ARG A CZ  1 
ATOM   344  N NH1 . ARG A 1 46  ? 8.965   -2.102  18.219  1.00 57.17 ? 46  ARG A NH1 1 
ATOM   345  N NH2 . ARG A 1 46  ? 8.318   -1.979  16.021  1.00 49.99 ? 46  ARG A NH2 1 
ATOM   346  N N   . SER A 1 60  ? 5.390   -13.729 -3.284  1.00 33.51 ? 60  SER A N   1 
ATOM   347  C CA  . SER A 1 60  ? 4.372   -14.185 -2.347  1.00 36.71 ? 60  SER A CA  1 
ATOM   348  C C   . SER A 1 60  ? 3.827   -13.042 -1.494  1.00 36.67 ? 60  SER A C   1 
ATOM   349  O O   . SER A 1 60  ? 4.373   -11.934 -1.497  1.00 34.85 ? 60  SER A O   1 
ATOM   350  C CB  . SER A 1 60  ? 4.944   -15.247 -1.422  1.00 35.49 ? 60  SER A CB  1 
ATOM   351  O OG  . SER A 1 60  ? 5.747   -14.638 -0.428  1.00 31.81 ? 60  SER A OG  1 
ATOM   352  N N   . ILE A 1 61  ? 2.759   -13.339 -0.753  1.00 29.12 ? 61  ILE A N   1 
ATOM   353  C CA  . ILE A 1 61  ? 2.141   -12.400 0.178   1.00 25.24 ? 61  ILE A CA  1 
ATOM   354  C C   . ILE A 1 61  ? 2.634   -12.654 1.610   1.00 30.79 ? 61  ILE A C   1 
ATOM   355  O O   . ILE A 1 61  ? 2.433   -13.746 2.155   1.00 30.49 ? 61  ILE A O   1 
ATOM   356  C CB  . ILE A 1 61  ? 0.600   -12.531 0.135   1.00 28.76 ? 61  ILE A CB  1 
ATOM   357  C CG1 . ILE A 1 61  ? 0.071   -12.280 -1.286  1.00 29.15 ? 61  ILE A CG1 1 
ATOM   358  C CG2 . ILE A 1 61  ? -0.057  -11.601 1.145   1.00 23.76 ? 61  ILE A CG2 1 
ATOM   359  C CD1 . ILE A 1 61  ? -1.428  -12.487 -1.430  1.00 26.76 ? 61  ILE A CD1 1 
ATOM   360  N N   . ASN A 1 62  ? 3.282   -11.653 2.213   1.00 28.75 ? 62  ASN A N   1 
ATOM   361  C CA  . ASN A 1 62  ? 3.842   -11.791 3.560   1.00 24.98 ? 62  ASN A CA  1 
ATOM   362  C C   . ASN A 1 62  ? 2.976   -11.114 4.612   1.00 25.05 ? 62  ASN A C   1 
ATOM   363  O O   . ASN A 1 62  ? 2.566   -9.973  4.429   1.00 23.09 ? 62  ASN A O   1 
ATOM   364  C CB  . ASN A 1 62  ? 5.259   -11.211 3.623   1.00 26.67 ? 62  ASN A CB  1 
ATOM   365  C CG  . ASN A 1 62  ? 6.210   -11.884 2.657   1.00 25.85 ? 62  ASN A CG  1 
ATOM   366  O OD1 . ASN A 1 62  ? 7.178   -11.283 2.212   1.00 30.71 ? 62  ASN A OD1 1 
ATOM   367  N ND2 . ASN A 1 62  ? 5.930   -13.130 2.323   1.00 25.76 ? 62  ASN A ND2 1 
ATOM   368  N N   . PHE A 1 63  ? 2.720   -11.810 5.719   1.00 22.98 ? 63  PHE A N   1 
ATOM   369  C CA  . PHE A 1 63  ? 1.791   -11.324 6.737   1.00 24.80 ? 63  PHE A CA  1 
ATOM   370  C C   . PHE A 1 63  ? 2.551   -10.942 7.992   1.00 24.29 ? 63  PHE A C   1 
ATOM   371  O O   . PHE A 1 63  ? 3.139   -11.807 8.643   1.00 23.51 ? 63  PHE A O   1 
ATOM   372  C CB  . PHE A 1 63  ? 0.759   -12.406 7.112   1.00 25.25 ? 63  PHE A CB  1 
ATOM   373  C CG  . PHE A 1 63  ? -0.356  -12.599 6.103   1.00 25.38 ? 63  PHE A CG  1 
ATOM   374  C CD1 . PHE A 1 63  ? -0.157  -13.352 4.959   1.00 22.91 ? 63  PHE A CD1 1 
ATOM   375  C CD2 . PHE A 1 63  ? -1.618  -12.066 6.332   1.00 23.15 ? 63  PHE A CD2 1 
ATOM   376  C CE1 . PHE A 1 63  ? -1.185  -13.547 4.046   1.00 22.27 ? 63  PHE A CE1 1 
ATOM   377  C CE2 . PHE A 1 63  ? -2.650  -12.258 5.421   1.00 25.07 ? 63  PHE A CE2 1 
ATOM   378  C CZ  . PHE A 1 63  ? -2.429  -12.999 4.279   1.00 24.61 ? 63  PHE A CZ  1 
ATOM   379  N N   . TYR A 1 64  ? 2.511   -9.662  8.348   1.00 19.72 ? 64  TYR A N   1 
ATOM   380  C CA  . TYR A 1 64  ? 3.128   -9.179  9.579   1.00 21.11 ? 64  TYR A CA  1 
ATOM   381  C C   . TYR A 1 64  ? 2.114   -8.977  10.703  1.00 26.67 ? 64  TYR A C   1 
ATOM   382  O O   . TYR A 1 64  ? 1.210   -8.138  10.603  1.00 19.52 ? 64  TYR A O   1 
ATOM   383  C CB  . TYR A 1 64  ? 3.848   -7.850  9.332   1.00 23.95 ? 64  TYR A CB  1 
ATOM   384  C CG  . TYR A 1 64  ? 5.019   -7.946  8.404   1.00 21.34 ? 64  TYR A CG  1 
ATOM   385  C CD1 . TYR A 1 64  ? 6.295   -8.238  8.889   1.00 24.74 ? 64  TYR A CD1 1 
ATOM   386  C CD2 . TYR A 1 64  ? 4.863   -7.751  7.044   1.00 24.11 ? 64  TYR A CD2 1 
ATOM   387  C CE1 . TYR A 1 64  ? 7.383   -8.320  8.037   1.00 22.44 ? 64  TYR A CE1 1 
ATOM   388  C CE2 . TYR A 1 64  ? 5.944   -7.839  6.184   1.00 26.13 ? 64  TYR A CE2 1 
ATOM   389  C CZ  . TYR A 1 64  ? 7.200   -8.121  6.688   1.00 22.97 ? 64  TYR A CZ  1 
ATOM   390  O OH  . TYR A 1 64  ? 8.272   -8.206  5.833   1.00 29.84 ? 64  TYR A OH  1 
ATOM   391  N N   . LEU A 1 65  ? 2.289   -9.733  11.780  1.00 28.84 ? 65  LEU A N   1 
ATOM   392  C CA  . LEU A 1 65  ? 1.484   -9.564  12.979  1.00 27.71 ? 65  LEU A CA  1 
ATOM   393  C C   . LEU A 1 65  ? 1.894   -8.292  13.703  1.00 28.16 ? 65  LEU A C   1 
ATOM   394  O O   . LEU A 1 65  ? 3.062   -8.115  14.048  1.00 29.06 ? 65  LEU A O   1 
ATOM   395  C CB  . LEU A 1 65  ? 1.664   -10.759 13.912  1.00 25.40 ? 65  LEU A CB  1 
ATOM   396  C CG  . LEU A 1 65  ? 0.664   -10.868 15.060  1.00 32.75 ? 65  LEU A CG  1 
ATOM   397  C CD1 . LEU A 1 65  ? -0.733  -11.113 14.508  1.00 35.83 ? 65  LEU A CD1 1 
ATOM   398  C CD2 . LEU A 1 65  ? 1.049   -11.972 16.027  1.00 28.94 ? 65  LEU A CD2 1 
ATOM   399  N N   . VAL A 1 66  ? 0.936   -7.405  13.936  1.00 30.00 ? 66  VAL A N   1 
ATOM   400  C CA  . VAL A 1 66  ? 1.229   -6.160  14.636  1.00 30.97 ? 66  VAL A CA  1 
ATOM   401  C C   . VAL A 1 66  ? 0.412   -6.056  15.930  1.00 33.15 ? 66  VAL A C   1 
ATOM   402  O O   . VAL A 1 66  ? -0.806  -6.246  15.923  1.00 28.56 ? 66  VAL A O   1 
ATOM   403  C CB  . VAL A 1 66  ? 1.024   -4.924  13.717  1.00 32.57 ? 66  VAL A CB  1 
ATOM   404  C CG1 . VAL A 1 66  ? -0.324  -5.001  12.994  1.00 34.05 ? 66  VAL A CG1 1 
ATOM   405  C CG2 . VAL A 1 66  ? 1.167   -3.615  14.506  1.00 32.64 ? 66  VAL A CG2 1 
ATOM   406  N N   . ASN A 1 67  ? 1.105   -5.804  17.040  1.00 36.33 ? 67  ASN A N   1 
ATOM   407  C CA  . ASN A 1 67  ? 0.481   -5.720  18.363  1.00 36.45 ? 67  ASN A CA  1 
ATOM   408  C C   . ASN A 1 67  ? -0.221  -7.001  18.836  1.00 36.84 ? 67  ASN A C   1 
ATOM   409  O O   . ASN A 1 67  ? -1.016  -6.979  19.784  1.00 33.92 ? 67  ASN A O   1 
ATOM   410  C CB  . ASN A 1 67  ? -0.476  -4.534  18.419  1.00 35.44 ? 67  ASN A CB  1 
ATOM   411  C CG  . ASN A 1 67  ? 0.248   -3.221  18.538  1.00 40.70 ? 67  ASN A CG  1 
ATOM   412  O OD1 . ASN A 1 67  ? 1.463   -3.146  18.350  1.00 43.63 ? 67  ASN A OD1 1 
ATOM   413  N ND2 . ASN A 1 67  ? -0.491  -2.173  18.862  1.00 51.00 ? 67  ASN A ND2 1 
ATOM   414  N N   . SER A 1 68  ? 0.088   -8.108  18.167  1.00 33.26 ? 68  SER A N   1 
ATOM   415  C CA  . SER A 1 68  ? -0.490  -9.417  18.473  1.00 33.95 ? 68  SER A CA  1 
ATOM   416  C C   . SER A 1 68  ? -1.951  -9.579  18.037  1.00 35.32 ? 68  SER A C   1 
ATOM   417  O O   . SER A 1 68  ? -2.564  -10.597 18.349  1.00 37.63 ? 68  SER A O   1 
ATOM   418  C CB  . SER A 1 68  ? -0.369  -9.753  19.973  1.00 37.79 ? 68  SER A CB  1 
ATOM   419  O OG  . SER A 1 68  ? 0.970   -9.678  20.431  1.00 36.65 ? 68  SER A OG  1 
ATOM   420  N N   . LYS A 1 69  ? -2.510  -8.600  17.325  1.00 32.31 ? 69  LYS A N   1 
ATOM   421  C CA  . LYS A 1 69  ? -3.935  -8.661  16.987  1.00 32.04 ? 69  LYS A CA  1 
ATOM   422  C C   . LYS A 1 69  ? -4.328  -8.119  15.605  1.00 30.34 ? 69  LYS A C   1 
ATOM   423  O O   . LYS A 1 69  ? -5.467  -8.311  15.182  1.00 34.09 ? 69  LYS A O   1 
ATOM   424  C CB  . LYS A 1 69  ? -4.788  -8.006  18.091  1.00 33.67 ? 69  LYS A CB  1 
ATOM   425  C CG  . LYS A 1 69  ? -4.402  -6.571  18.406  1.00 36.57 ? 69  LYS A CG  1 
ATOM   426  C CD  . LYS A 1 69  ? -4.877  -6.130  19.788  1.00 40.59 ? 69  LYS A CD  1 
ATOM   427  C CE  . LYS A 1 69  ? -4.162  -4.845  20.197  1.00 51.73 ? 69  LYS A CE  1 
ATOM   428  N NZ  . LYS A 1 69  ? -4.692  -4.220  21.441  1.00 59.00 ? 69  LYS A NZ  1 
ATOM   429  N N   . TYR A 1 70  ? -3.409  -7.454  14.902  1.00 26.88 ? 70  TYR A N   1 
ATOM   430  C CA  . TYR A 1 70  ? -3.687  -6.989  13.537  1.00 28.19 ? 70  TYR A CA  1 
ATOM   431  C C   . TYR A 1 70  ? -2.674  -7.513  12.524  1.00 25.83 ? 70  TYR A C   1 
ATOM   432  O O   . TYR A 1 70  ? -1.622  -8.019  12.902  1.00 26.08 ? 70  TYR A O   1 
ATOM   433  C CB  . TYR A 1 70  ? -3.693  -5.458  13.451  1.00 29.58 ? 70  TYR A CB  1 
ATOM   434  C CG  . TYR A 1 70  ? -4.286  -4.725  14.632  1.00 34.40 ? 70  TYR A CG  1 
ATOM   435  C CD1 . TYR A 1 70  ? -3.469  -4.024  15.511  1.00 36.62 ? 70  TYR A CD1 1 
ATOM   436  C CD2 . TYR A 1 70  ? -5.660  -4.701  14.849  1.00 33.63 ? 70  TYR A CD2 1 
ATOM   437  C CE1 . TYR A 1 70  ? -3.995  -3.336  16.579  1.00 40.00 ? 70  TYR A CE1 1 
ATOM   438  C CE2 . TYR A 1 70  ? -6.196  -4.022  15.922  1.00 35.12 ? 70  TYR A CE2 1 
ATOM   439  C CZ  . TYR A 1 70  ? -5.356  -3.336  16.784  1.00 40.25 ? 70  TYR A CZ  1 
ATOM   440  O OH  . TYR A 1 70  ? -5.864  -2.648  17.863  1.00 47.96 ? 70  TYR A OH  1 
ATOM   441  N N   . TYR A 1 71  ? -2.979  -7.367  11.236  1.00 21.13 ? 71  TYR A N   1 
ATOM   442  C CA  . TYR A 1 71  ? -2.003  -7.644  10.184  1.00 22.64 ? 71  TYR A CA  1 
ATOM   443  C C   . TYR A 1 71  ? -1.725  -6.417  9.301   1.00 21.07 ? 71  TYR A C   1 
ATOM   444  O O   . TYR A 1 71  ? -2.632  -5.663  8.961   1.00 23.05 ? 71  TYR A O   1 
ATOM   445  C CB  . TYR A 1 71  ? -2.435  -8.824  9.284   1.00 23.50 ? 71  TYR A CB  1 
ATOM   446  C CG  . TYR A 1 71  ? -2.499  -10.194 9.949   1.00 27.00 ? 71  TYR A CG  1 
ATOM   447  C CD1 . TYR A 1 71  ? -3.722  -10.825 10.166  1.00 24.17 ? 71  TYR A CD1 1 
ATOM   448  C CD2 . TYR A 1 71  ? -1.340  -10.863 10.342  1.00 26.63 ? 71  TYR A CD2 1 
ATOM   449  C CE1 . TYR A 1 71  ? -3.798  -12.078 10.767  1.00 26.04 ? 71  TYR A CE1 1 
ATOM   450  C CE2 . TYR A 1 71  ? -1.404  -12.114 10.947  1.00 26.94 ? 71  TYR A CE2 1 
ATOM   451  C CZ  . TYR A 1 71  ? -2.639  -12.716 11.157  1.00 35.38 ? 71  TYR A CZ  1 
ATOM   452  O OH  . TYR A 1 71  ? -2.705  -13.960 11.751  1.00 36.38 ? 71  TYR A OH  1 
ATOM   453  N N   . PHE A 1 72  ? -0.455  -6.229  8.952   1.00 22.99 ? 72  PHE A N   1 
ATOM   454  C CA  . PHE A 1 72  ? -0.061  -5.373  7.841   1.00 23.29 ? 72  PHE A CA  1 
ATOM   455  C C   . PHE A 1 72  ? 0.361   -6.351  6.767   1.00 22.36 ? 72  PHE A C   1 
ATOM   456  O O   . PHE A 1 72  ? 1.280   -7.141  6.985   1.00 22.98 ? 72  PHE A O   1 
ATOM   457  C CB  . PHE A 1 72  ? 1.149   -4.498  8.198   1.00 21.57 ? 72  PHE A CB  1 
ATOM   458  C CG  . PHE A 1 72  ? 0.831   -3.281  9.035   1.00 25.72 ? 72  PHE A CG  1 
ATOM   459  C CD1 . PHE A 1 72  ? 1.649   -2.157  8.964   1.00 28.27 ? 72  PHE A CD1 1 
ATOM   460  C CD2 . PHE A 1 72  ? -0.252  -3.256  9.900   1.00 26.95 ? 72  PHE A CD2 1 
ATOM   461  C CE1 . PHE A 1 72  ? 1.400   -1.034  9.739   1.00 26.14 ? 72  PHE A CE1 1 
ATOM   462  C CE2 . PHE A 1 72  ? -0.515  -2.129  10.678  1.00 27.13 ? 72  PHE A CE2 1 
ATOM   463  C CZ  . PHE A 1 72  ? 0.314   -1.017  10.595  1.00 27.18 ? 72  PHE A CZ  1 
ATOM   464  N N   . VAL A 1 73  ? -0.302  -6.328  5.618   1.00 22.18 ? 73  VAL A N   1 
ATOM   465  C CA  . VAL A 1 73  ? 0.010   -7.305  4.579   1.00 21.95 ? 73  VAL A CA  1 
ATOM   466  C C   . VAL A 1 73  ? 0.882   -6.727  3.462   1.00 24.11 ? 73  VAL A C   1 
ATOM   467  O O   . VAL A 1 73  ? 0.506   -5.750  2.802   1.00 24.89 ? 73  VAL A O   1 
ATOM   468  C CB  . VAL A 1 73  ? -1.261  -7.939  3.988   1.00 25.44 ? 73  VAL A CB  1 
ATOM   469  C CG1 . VAL A 1 73  ? -0.884  -8.983  2.936   1.00 23.79 ? 73  VAL A CG1 1 
ATOM   470  C CG2 . VAL A 1 73  ? -2.118  -8.562  5.098   1.00 24.74 ? 73  VAL A CG2 1 
ATOM   471  N N   . ASP A 1 74  ? 2.041   -7.342  3.254   1.00 21.97 ? 74  ASP A N   1 
ATOM   472  C CA  . ASP A 1 74  ? 2.977   -6.913  2.217   1.00 24.66 ? 74  ASP A CA  1 
ATOM   473  C C   . ASP A 1 74  ? 2.749   -7.690  0.924   1.00 26.68 ? 74  ASP A C   1 
ATOM   474  O O   . ASP A 1 74  ? 3.158   -8.836  0.800   1.00 26.75 ? 74  ASP A O   1 
ATOM   475  C CB  . ASP A 1 74  ? 4.409   -7.098  2.704   1.00 22.58 ? 74  ASP A CB  1 
ATOM   476  C CG  . ASP A 1 74  ? 5.434   -6.497  1.762   1.00 27.23 ? 74  ASP A CG  1 
ATOM   477  O OD1 . ASP A 1 74  ? 5.037   -5.729  0.866   1.00 28.05 ? 74  ASP A OD1 1 
ATOM   478  O OD2 . ASP A 1 74  ? 6.644   -6.799  1.920   1.00 27.57 ? 74  ASP A OD2 1 
ATOM   479  N N   . LEU A 1 75  ? 2.073   -7.062  -0.033  1.00 26.01 ? 75  LEU A N   1 
ATOM   480  C CA  . LEU A 1 75  ? 1.749   -7.714  -1.292  1.00 23.84 ? 75  LEU A CA  1 
ATOM   481  C C   . LEU A 1 75  ? 2.902   -7.654  -2.286  1.00 32.49 ? 75  LEU A C   1 
ATOM   482  O O   . LEU A 1 75  ? 3.725   -6.732  -2.243  1.00 29.91 ? 75  LEU A O   1 
ATOM   483  C CB  . LEU A 1 75  ? 0.492   -7.099  -1.916  1.00 25.35 ? 75  LEU A CB  1 
ATOM   484  C CG  . LEU A 1 75  ? -0.799  -7.176  -1.095  1.00 25.17 ? 75  LEU A CG  1 
ATOM   485  C CD1 . LEU A 1 75  ? -1.916  -6.285  -1.697  1.00 23.92 ? 75  LEU A CD1 1 
ATOM   486  C CD2 . LEU A 1 75  ? -1.242  -8.624  -0.970  1.00 25.09 ? 75  LEU A CD2 1 
ATOM   487  N N   . PRO A 1 76  ? 2.954   -8.639  -3.195  1.00 31.17 ? 76  PRO A N   1 
ATOM   488  C CA  . PRO A 1 76  ? 3.987   -8.709  -4.234  1.00 34.27 ? 76  PRO A CA  1 
ATOM   489  C C   . PRO A 1 76  ? 3.947   -7.513  -5.190  1.00 28.47 ? 76  PRO A C   1 
ATOM   490  O O   . PRO A 1 76  ? 2.896   -7.162  -5.708  1.00 32.42 ? 76  PRO A O   1 
ATOM   491  C CB  . PRO A 1 76  ? 3.645   -10.005 -4.995  1.00 33.39 ? 76  PRO A CB  1 
ATOM   492  C CG  . PRO A 1 76  ? 2.750   -10.778 -4.095  1.00 33.30 ? 76  PRO A CG  1 
ATOM   493  C CD  . PRO A 1 76  ? 2.008   -9.768  -3.273  1.00 27.62 ? 76  PRO A CD  1 
ATOM   494  N N   . GLY A 1 77  ? 5.099   -6.903  -5.426  1.00 30.96 ? 77  GLY A N   1 
ATOM   495  C CA  . GLY A 1 77  ? 5.201   -5.817  -6.378  1.00 32.87 ? 77  GLY A CA  1 
ATOM   496  C C   . GLY A 1 77  ? 4.996   -6.272  -7.806  1.00 30.03 ? 77  GLY A C   1 
ATOM   497  O O   . GLY A 1 77  ? 5.435   -7.345  -8.188  1.00 41.66 ? 77  GLY A O   1 
ATOM   498  N N   . TYR A 1 78  ? 4.336   -5.444  -8.604  1.00 37.36 ? 78  TYR A N   1 
ATOM   499  C CA  . TYR A 1 78  ? 4.085   -5.761  -10.005 1.00 38.02 ? 78  TYR A CA  1 
ATOM   500  C C   . TYR A 1 78  ? 5.076   -5.093  -10.955 1.00 40.62 ? 78  TYR A C   1 
ATOM   501  O O   . TYR A 1 78  ? 5.540   -3.979  -10.706 1.00 45.36 ? 78  TYR A O   1 
ATOM   502  C CB  . TYR A 1 78  ? 2.639   -5.419  -10.397 1.00 38.50 ? 78  TYR A CB  1 
ATOM   503  C CG  . TYR A 1 78  ? 2.132   -4.028  -10.006 1.00 44.16 ? 78  TYR A CG  1 
ATOM   504  C CD1 . TYR A 1 78  ? 2.311   -2.933  -10.847 1.00 41.12 ? 78  TYR A CD1 1 
ATOM   505  C CD2 . TYR A 1 78  ? 1.436   -3.824  -8.815  1.00 41.20 ? 78  TYR A CD2 1 
ATOM   506  C CE1 . TYR A 1 78  ? 1.827   -1.673  -10.505 1.00 44.24 ? 78  TYR A CE1 1 
ATOM   507  C CE2 . TYR A 1 78  ? 0.948   -2.566  -8.466  1.00 38.95 ? 78  TYR A CE2 1 
ATOM   508  C CZ  . TYR A 1 78  ? 1.145   -1.497  -9.311  1.00 39.91 ? 78  TYR A CZ  1 
ATOM   509  O OH  . TYR A 1 78  ? 0.665   -0.254  -8.961  1.00 35.42 ? 78  TYR A OH  1 
ATOM   510  N N   . LYS A 1 86  ? 4.279   -15.818 -18.345 1.00 67.97 ? 86  LYS A N   1 
ATOM   511  C CA  . LYS A 1 86  ? 5.358   -15.202 -17.582 1.00 67.86 ? 86  LYS A CA  1 
ATOM   512  C C   . LYS A 1 86  ? 5.015   -15.179 -16.092 1.00 70.92 ? 86  LYS A C   1 
ATOM   513  O O   . LYS A 1 86  ? 3.932   -15.610 -15.696 1.00 72.48 ? 86  LYS A O   1 
ATOM   514  C CB  . LYS A 1 86  ? 5.635   -13.787 -18.099 1.00 68.28 ? 86  LYS A CB  1 
ATOM   515  C CG  . LYS A 1 86  ? 6.776   -13.077 -17.394 1.00 70.07 ? 86  LYS A CG  1 
ATOM   516  C CD  . LYS A 1 86  ? 6.921   -11.643 -17.862 1.00 72.40 ? 86  LYS A CD  1 
ATOM   517  C CE  . LYS A 1 86  ? 7.981   -10.914 -17.051 1.00 66.20 ? 86  LYS A CE  1 
ATOM   518  N NZ  . LYS A 1 86  ? 8.150   -9.503  -17.493 1.00 62.06 ? 86  LYS A NZ  1 
ATOM   519  N N   . GLU A 1 87  ? 5.943   -14.691 -15.272 1.00 70.02 ? 87  GLU A N   1 
ATOM   520  C CA  . GLU A 1 87  ? 5.721   -14.548 -13.834 1.00 68.22 ? 87  GLU A CA  1 
ATOM   521  C C   . GLU A 1 87  ? 4.616   -13.535 -13.564 1.00 70.61 ? 87  GLU A C   1 
ATOM   522  O O   . GLU A 1 87  ? 4.148   -13.377 -12.435 1.00 65.67 ? 87  GLU A O   1 
ATOM   523  C CB  . GLU A 1 87  ? 7.007   -14.098 -13.144 1.00 73.43 ? 87  GLU A CB  1 
ATOM   524  C CG  . GLU A 1 87  ? 8.054   -15.190 -13.001 1.00 85.31 ? 87  GLU A CG  1 
ATOM   525  C CD  . GLU A 1 87  ? 9.467   -14.639 -12.953 1.00 90.88 ? 87  GLU A CD  1 
ATOM   526  O OE1 . GLU A 1 87  ? 9.689   -13.524 -13.475 1.00 87.31 ? 87  GLU A OE1 1 
ATOM   527  O OE2 . GLU A 1 87  ? 10.355  -15.324 -12.402 1.00 97.33 ? 87  GLU A OE2 1 
ATOM   528  N N   . ARG A 1 88  ? 4.214   -12.841 -14.620 1.00 70.08 ? 88  ARG A N   1 
ATOM   529  C CA  . ARG A 1 88  ? 3.148   -11.863 -14.543 1.00 62.43 ? 88  ARG A CA  1 
ATOM   530  C C   . ARG A 1 88  ? 1.845   -12.524 -14.089 1.00 63.16 ? 88  ARG A C   1 
ATOM   531  O O   . ARG A 1 88  ? 1.121   -11.979 -13.257 1.00 59.18 ? 88  ARG A O   1 
ATOM   532  C CB  . ARG A 1 88  ? 2.970   -11.206 -15.908 1.00 68.36 ? 88  ARG A CB  1 
ATOM   533  C CG  . ARG A 1 88  ? 2.027   -10.024 -15.922 1.00 76.26 ? 88  ARG A CG  1 
ATOM   534  C CD  . ARG A 1 88  ? 1.618   -9.693  -17.345 1.00 79.86 ? 88  ARG A CD  1 
ATOM   535  N NE  . ARG A 1 88  ? 0.874   -8.441  -17.425 1.00 82.88 ? 88  ARG A NE  1 
ATOM   536  C CZ  . ARG A 1 88  ? 0.238   -8.023  -18.515 1.00 83.88 ? 88  ARG A CZ  1 
ATOM   537  N NH1 . ARG A 1 88  ? -0.415  -6.868  -18.501 1.00 85.03 ? 88  ARG A NH1 1 
ATOM   538  N NH2 . ARG A 1 88  ? 0.253   -8.762  -19.616 1.00 78.83 ? 88  ARG A NH2 1 
ATOM   539  N N   . MET A 1 89  ? 1.558   -13.704 -14.627 1.00 64.30 ? 89  MET A N   1 
ATOM   540  C CA  . MET A 1 89  ? 0.329   -14.416 -14.291 1.00 59.96 ? 89  MET A CA  1 
ATOM   541  C C   . MET A 1 89  ? 0.331   -14.959 -12.860 1.00 56.18 ? 89  MET A C   1 
ATOM   542  O O   . MET A 1 89  ? -0.718  -15.046 -12.223 1.00 57.42 ? 89  MET A O   1 
ATOM   543  C CB  . MET A 1 89  ? 0.068   -15.543 -15.293 1.00 63.51 ? 89  MET A CB  1 
ATOM   544  C CG  . MET A 1 89  ? -0.186  -15.051 -16.709 1.00 64.17 ? 89  MET A CG  1 
ATOM   545  S SD  . MET A 1 89  ? -1.077  -13.481 -16.718 1.00 85.10 ? 89  MET A SD  1 
ATOM   546  C CE  . MET A 1 89  ? -2.643  -13.938 -15.964 1.00 68.88 ? 89  MET A CE  1 
ATOM   547  N N   . LEU A 1 90  ? 1.510   -15.327 -12.368 1.00 53.01 ? 90  LEU A N   1 
ATOM   548  C CA  . LEU A 1 90  ? 1.671   -15.744 -10.977 1.00 55.41 ? 90  LEU A CA  1 
ATOM   549  C C   . LEU A 1 90  ? 1.311   -14.599 -10.032 1.00 53.37 ? 90  LEU A C   1 
ATOM   550  O O   . LEU A 1 90  ? 0.534   -14.776 -9.092  1.00 50.17 ? 90  LEU A O   1 
ATOM   551  C CB  . LEU A 1 90  ? 3.111   -16.217 -10.717 1.00 57.91 ? 90  LEU A CB  1 
ATOM   552  C CG  . LEU A 1 90  ? 3.602   -16.411 -9.272  1.00 60.21 ? 90  LEU A CG  1 
ATOM   553  C CD1 . LEU A 1 90  ? 2.723   -17.384 -8.489  1.00 64.58 ? 90  LEU A CD1 1 
ATOM   554  C CD2 . LEU A 1 90  ? 5.061   -16.867 -9.240  1.00 55.15 ? 90  LEU A CD2 1 
ATOM   555  N N   . TRP A 1 91  ? 1.886   -13.426 -10.288 1.00 51.91 ? 91  TRP A N   1 
ATOM   556  C CA  . TRP A 1 91  ? 1.604   -12.237 -9.490  1.00 47.04 ? 91  TRP A CA  1 
ATOM   557  C C   . TRP A 1 91  ? 0.116   -11.902 -9.563  1.00 48.39 ? 91  TRP A C   1 
ATOM   558  O O   . TRP A 1 91  ? -0.515  -11.561 -8.556  1.00 43.41 ? 91  TRP A O   1 
ATOM   559  C CB  . TRP A 1 91  ? 2.430   -11.045 -9.987  1.00 43.50 ? 91  TRP A CB  1 
ATOM   560  C CG  . TRP A 1 91  ? 2.075   -9.784  -9.278  1.00 42.19 ? 91  TRP A CG  1 
ATOM   561  C CD1 . TRP A 1 91  ? 2.730   -9.232  -8.215  1.00 37.02 ? 91  TRP A CD1 1 
ATOM   562  C CD2 . TRP A 1 91  ? 0.960   -8.928  -9.549  1.00 40.86 ? 91  TRP A CD2 1 
ATOM   563  N NE1 . TRP A 1 91  ? 2.099   -8.082  -7.817  1.00 46.93 ? 91  TRP A NE1 1 
ATOM   564  C CE2 . TRP A 1 91  ? 1.002   -7.874  -8.617  1.00 39.01 ? 91  TRP A CE2 1 
ATOM   565  C CE3 . TRP A 1 91  ? -0.074  -8.948  -10.493 1.00 40.96 ? 91  TRP A CE3 1 
ATOM   566  C CZ2 . TRP A 1 91  ? 0.064   -6.848  -8.601  1.00 42.79 ? 91  TRP A CZ2 1 
ATOM   567  C CZ3 . TRP A 1 91  ? -1.008  -7.935  -10.476 1.00 41.97 ? 91  TRP A CZ3 1 
ATOM   568  C CH2 . TRP A 1 91  ? -0.936  -6.899  -9.537  1.00 46.08 ? 91  TRP A CH2 1 
ATOM   569  N N   . LYS A 1 92  ? -0.432  -12.004 -10.770 1.00 47.40 ? 92  LYS A N   1 
ATOM   570  C CA  . LYS A 1 92  ? -1.831  -11.700 -11.020 1.00 50.71 ? 92  LYS A CA  1 
ATOM   571  C C   . LYS A 1 92  ? -2.772  -12.570 -10.191 1.00 47.85 ? 92  LYS A C   1 
ATOM   572  O O   . LYS A 1 92  ? -3.635  -12.052 -9.484  1.00 43.02 ? 92  LYS A O   1 
ATOM   573  C CB  . LYS A 1 92  ? -2.150  -11.853 -12.509 1.00 57.80 ? 92  LYS A CB  1 
ATOM   574  C CG  . LYS A 1 92  ? -3.631  -11.747 -12.841 1.00 53.28 ? 92  LYS A CG  1 
ATOM   575  C CD  . LYS A 1 92  ? -4.179  -10.378 -12.489 1.00 54.85 ? 92  LYS A CD  1 
ATOM   576  C CE  . LYS A 1 92  ? -3.590  -9.291  -13.376 1.00 60.46 ? 92  LYS A CE  1 
ATOM   577  N NZ  . LYS A 1 92  ? -4.203  -7.956  -13.094 1.00 55.36 ? 92  LYS A NZ  1 
ATOM   578  N N   . ARG A 1 93  ? -2.609  -13.887 -10.277 1.00 45.67 ? 93  ARG A N   1 
ATOM   579  C CA  . ARG A 1 93  ? -3.492  -14.785 -9.546  1.00 45.35 ? 93  ARG A CA  1 
ATOM   580  C C   . ARG A 1 93  ? -3.339  -14.571 -8.048  1.00 42.69 ? 93  ARG A C   1 
ATOM   581  O O   . ARG A 1 93  ? -4.328  -14.517 -7.320  1.00 42.90 ? 93  ARG A O   1 
ATOM   582  C CB  . ARG A 1 93  ? -3.236  -16.251 -9.909  1.00 52.51 ? 93  ARG A CB  1 
ATOM   583  C CG  . ARG A 1 93  ? -4.399  -17.173 -9.530  1.00 60.16 ? 93  ARG A CG  1 
ATOM   584  C CD  . ARG A 1 93  ? -4.152  -18.629 -9.915  1.00 63.71 ? 93  ARG A CD  1 
ATOM   585  N NE  . ARG A 1 93  ? -3.363  -19.342 -8.912  1.00 70.43 ? 93  ARG A NE  1 
ATOM   586  C CZ  . ARG A 1 93  ? -3.255  -20.668 -8.841  1.00 70.64 ? 93  ARG A CZ  1 
ATOM   587  N NH1 . ARG A 1 93  ? -2.513  -21.223 -7.890  1.00 71.27 ? 93  ARG A NH1 1 
ATOM   588  N NH2 . ARG A 1 93  ? -3.892  -21.443 -9.713  1.00 62.32 ? 93  ARG A NH2 1 
ATOM   589  N N   . LEU A 1 94  ? -2.095  -14.445 -7.597  1.00 41.65 ? 94  LEU A N   1 
ATOM   590  C CA  . LEU A 1 94  ? -1.808  -14.209 -6.184  1.00 44.14 ? 94  LEU A CA  1 
ATOM   591  C C   . LEU A 1 94  ? -2.612  -13.048 -5.599  1.00 37.92 ? 94  LEU A C   1 
ATOM   592  O O   . LEU A 1 94  ? -3.358  -13.228 -4.640  1.00 37.36 ? 94  LEU A O   1 
ATOM   593  C CB  . LEU A 1 94  ? -0.310  -13.966 -5.970  1.00 45.92 ? 94  LEU A CB  1 
ATOM   594  C CG  . LEU A 1 94  ? 0.505   -15.095 -5.339  1.00 47.75 ? 94  LEU A CG  1 
ATOM   595  C CD1 . LEU A 1 94  ? 1.998   -14.875 -5.568  1.00 46.51 ? 94  LEU A CD1 1 
ATOM   596  C CD2 . LEU A 1 94  ? 0.189   -15.206 -3.853  1.00 42.90 ? 94  LEU A CD2 1 
ATOM   597  N N   . VAL A 1 95  ? -2.457  -11.860 -6.173  1.00 36.76 ? 95  VAL A N   1 
ATOM   598  C CA  . VAL A 1 95  ? -3.143  -10.679 -5.646  1.00 36.64 ? 95  VAL A CA  1 
ATOM   599  C C   . VAL A 1 95  ? -4.667  -10.813 -5.721  1.00 35.20 ? 95  VAL A C   1 
ATOM   600  O O   . VAL A 1 95  ? -5.369  -10.511 -4.754  1.00 31.50 ? 95  VAL A O   1 
ATOM   601  C CB  . VAL A 1 95  ? -2.664  -9.380  -6.329  1.00 35.94 ? 95  VAL A CB  1 
ATOM   602  C CG1 . VAL A 1 95  ? -3.431  -8.182  -5.797  1.00 32.82 ? 95  VAL A CG1 1 
ATOM   603  C CG2 . VAL A 1 95  ? -1.169  -9.204  -6.108  1.00 36.08 ? 95  VAL A CG2 1 
ATOM   604  N N   . GLU A 1 96  ? -5.171  -11.291 -6.856  1.00 36.55 ? 96  GLU A N   1 
ATOM   605  C CA  . GLU A 1 96  ? -6.613  -11.460 -7.049  1.00 35.14 ? 96  GLU A CA  1 
ATOM   606  C C   . GLU A 1 96  ? -7.281  -12.358 -6.002  1.00 30.97 ? 96  GLU A C   1 
ATOM   607  O O   . GLU A 1 96  ? -8.355  -12.037 -5.491  1.00 33.11 ? 96  GLU A O   1 
ATOM   608  C CB  . GLU A 1 96  ? -6.910  -11.989 -8.452  1.00 43.05 ? 96  GLU A CB  1 
ATOM   609  C CG  . GLU A 1 96  ? -8.399  -12.006 -8.780  1.00 46.11 ? 96  GLU A CG  1 
ATOM   610  C CD  . GLU A 1 96  ? -8.701  -12.667 -10.107 1.00 50.15 ? 96  GLU A CD  1 
ATOM   611  O OE1 . GLU A 1 96  ? -7.888  -13.506 -10.549 1.00 63.57 ? 96  GLU A OE1 1 
ATOM   612  O OE2 . GLU A 1 96  ? -9.749  -12.351 -10.706 1.00 45.50 ? 96  GLU A OE2 1 
ATOM   613  N N   . ASP A 1 97  ? -6.652  -13.489 -5.694  1.00 38.51 ? 97  ASP A N   1 
ATOM   614  C CA  . ASP A 1 97  ? -7.158  -14.396 -4.662  1.00 34.63 ? 97  ASP A CA  1 
ATOM   615  C C   . ASP A 1 97  ? -7.217  -13.718 -3.287  1.00 31.88 ? 97  ASP A C   1 
ATOM   616  O O   . ASP A 1 97  ? -8.101  -14.000 -2.488  1.00 33.29 ? 97  ASP A O   1 
ATOM   617  C CB  . ASP A 1 97  ? -6.299  -15.664 -4.590  1.00 34.48 ? 97  ASP A CB  1 
ATOM   618  C CG  . ASP A 1 97  ? -6.289  -16.440 -5.902  1.00 43.58 ? 97  ASP A CG  1 
ATOM   619  O OD1 . ASP A 1 97  ? -7.109  -16.128 -6.795  1.00 42.66 ? 97  ASP A OD1 1 
ATOM   620  O OD2 . ASP A 1 97  ? -5.460  -17.365 -6.037  1.00 43.17 ? 97  ASP A OD2 1 
ATOM   621  N N   . TYR A 1 98  ? -6.269  -12.830 -3.009  1.00 28.36 ? 98  TYR A N   1 
ATOM   622  C CA  . TYR A 1 98  ? -6.294  -12.076 -1.758  1.00 30.85 ? 98  TYR A CA  1 
ATOM   623  C C   . TYR A 1 98  ? -7.449  -11.076 -1.756  1.00 27.39 ? 98  TYR A C   1 
ATOM   624  O O   . TYR A 1 98  ? -8.269  -11.055 -0.832  1.00 27.45 ? 98  TYR A O   1 
ATOM   625  C CB  . TYR A 1 98  ? -4.954  -11.365 -1.530  1.00 30.00 ? 98  TYR A CB  1 
ATOM   626  C CG  . TYR A 1 98  ? -4.884  -10.528 -0.273  1.00 29.77 ? 98  TYR A CG  1 
ATOM   627  C CD1 . TYR A 1 98  ? -4.825  -9.140  -0.339  1.00 31.80 ? 98  TYR A CD1 1 
ATOM   628  C CD2 . TYR A 1 98  ? -4.852  -11.123 0.978   1.00 29.87 ? 98  TYR A CD2 1 
ATOM   629  C CE1 . TYR A 1 98  ? -4.746  -8.371  0.808   1.00 26.04 ? 98  TYR A CE1 1 
ATOM   630  C CE2 . TYR A 1 98  ? -4.773  -10.366 2.133   1.00 25.64 ? 98  TYR A CE2 1 
ATOM   631  C CZ  . TYR A 1 98  ? -4.720  -8.994  2.040   1.00 27.82 ? 98  TYR A CZ  1 
ATOM   632  O OH  . TYR A 1 98  ? -4.649  -8.247  3.182   1.00 27.54 ? 98  TYR A OH  1 
ATOM   633  N N   . PHE A 1 99  ? -7.525  -10.263 -2.804  1.00 30.61 ? 99  PHE A N   1 
ATOM   634  C CA  . PHE A 1 99  ? -8.583  -9.255  -2.925  1.00 29.09 ? 99  PHE A CA  1 
ATOM   635  C C   . PHE A 1 99  ? -9.985  -9.833  -2.864  1.00 30.81 ? 99  PHE A C   1 
ATOM   636  O O   . PHE A 1 99  ? -10.875 -9.261  -2.221  1.00 34.46 ? 99  PHE A O   1 
ATOM   637  C CB  . PHE A 1 99  ? -8.445  -8.470  -4.230  1.00 27.86 ? 99  PHE A CB  1 
ATOM   638  C CG  . PHE A 1 99  ? -7.390  -7.412  -4.192  1.00 26.26 ? 99  PHE A CG  1 
ATOM   639  C CD1 . PHE A 1 99  ? -6.983  -6.783  -5.357  1.00 31.40 ? 99  PHE A CD1 1 
ATOM   640  C CD2 . PHE A 1 99  ? -6.788  -7.058  -2.997  1.00 26.82 ? 99  PHE A CD2 1 
ATOM   641  C CE1 . PHE A 1 99  ? -6.002  -5.799  -5.330  1.00 32.85 ? 99  PHE A CE1 1 
ATOM   642  C CE2 . PHE A 1 99  ? -5.808  -6.076  -2.961  1.00 28.58 ? 99  PHE A CE2 1 
ATOM   643  C CZ  . PHE A 1 99  ? -5.414  -5.448  -4.132  1.00 31.85 ? 99  PHE A CZ  1 
ATOM   644  N N   . LYS A 1 100 ? -10.185 -10.953 -3.545  1.00 30.73 ? 100 LYS A N   1 
ATOM   645  C CA  . LYS A 1 100 ? -11.521 -11.527 -3.687  1.00 36.10 ? 100 LYS A CA  1 
ATOM   646  C C   . LYS A 1 100 ? -11.905 -12.395 -2.483  1.00 36.75 ? 100 LYS A C   1 
ATOM   647  O O   . LYS A 1 100 ? -13.084 -12.575 -2.198  1.00 35.37 ? 100 LYS A O   1 
ATOM   648  C CB  . LYS A 1 100 ? -11.613 -12.337 -4.993  1.00 39.87 ? 100 LYS A CB  1 
ATOM   649  C CG  . LYS A 1 100 ? -13.037 -12.672 -5.431  1.00 56.47 ? 100 LYS A CG  1 
ATOM   650  C CD  . LYS A 1 100 ? -13.115 -13.187 -6.873  1.00 60.72 ? 100 LYS A CD  1 
ATOM   651  C CE  . LYS A 1 100 ? -14.564 -13.528 -7.250  1.00 69.81 ? 100 LYS A CE  1 
ATOM   652  N NZ  . LYS A 1 100 ? -14.723 -14.128 -8.612  1.00 61.29 ? 100 LYS A NZ  1 
ATOM   653  N N   . ASN A 1 101 ? -10.910 -12.906 -1.760  1.00 34.35 ? 101 ASN A N   1 
ATOM   654  C CA  . ASN A 1 101 ? -11.169 -13.857 -0.676  1.00 35.84 ? 101 ASN A CA  1 
ATOM   655  C C   . ASN A 1 101 ? -11.014 -13.316 0.751   1.00 37.57 ? 101 ASN A C   1 
ATOM   656  O O   . ASN A 1 101 ? -11.571 -13.883 1.695   1.00 33.53 ? 101 ASN A O   1 
ATOM   657  C CB  . ASN A 1 101 ? -10.307 -15.109 -0.865  1.00 38.76 ? 101 ASN A CB  1 
ATOM   658  C CG  . ASN A 1 101 ? -10.738 -15.938 -2.067  1.00 39.37 ? 101 ASN A CG  1 
ATOM   659  O OD1 . ASN A 1 101 ? -11.835 -16.496 -2.084  1.00 40.77 ? 101 ASN A OD1 1 
ATOM   660  N ND2 . ASN A 1 101 ? -9.877  -16.015 -3.079  1.00 34.52 ? 101 ASN A ND2 1 
ATOM   661  N N   . ARG A 1 102 ? -10.273 -12.216 0.895   1.00 37.36 ? 102 ARG A N   1 
ATOM   662  C CA  . ARG A 1 102 ? -9.946  -11.647 2.201   1.00 29.68 ? 102 ARG A CA  1 
ATOM   663  C C   . ARG A 1 102 ? -10.851 -10.462 2.527   1.00 34.51 ? 102 ARG A C   1 
ATOM   664  O O   . ARG A 1 102 ? -10.411 -9.311  2.459   1.00 30.17 ? 102 ARG A O   1 
ATOM   665  C CB  . ARG A 1 102 ? -8.474  -11.198 2.208   1.00 31.80 ? 102 ARG A CB  1 
ATOM   666  C CG  . ARG A 1 102 ? -7.861  -10.952 3.581   1.00 29.06 ? 102 ARG A CG  1 
ATOM   667  C CD  . ARG A 1 102 ? -7.417  -12.258 4.237   1.00 27.90 ? 102 ARG A CD  1 
ATOM   668  N NE  . ARG A 1 102 ? -6.755  -12.020 5.512   1.00 23.50 ? 102 ARG A NE  1 
ATOM   669  C CZ  . ARG A 1 102 ? -6.577  -12.944 6.449   1.00 28.62 ? 102 ARG A CZ  1 
ATOM   670  N NH1 . ARG A 1 102 ? -5.955  -12.628 7.580   1.00 26.17 ? 102 ARG A NH1 1 
ATOM   671  N NH2 . ARG A 1 102 ? -7.026  -14.184 6.263   1.00 27.39 ? 102 ARG A NH2 1 
ATOM   672  N N   . TRP A 1 103 ? -12.103 -10.748 2.893   1.00 30.11 ? 103 TRP A N   1 
ATOM   673  C CA  . TRP A 1 103 ? -13.114 -9.718  3.127   1.00 30.98 ? 103 TRP A CA  1 
ATOM   674  C C   . TRP A 1 103 ? -12.819 -8.868  4.355   1.00 33.92 ? 103 TRP A C   1 
ATOM   675  O O   . TRP A 1 103 ? -13.390 -7.789  4.524   1.00 25.54 ? 103 TRP A O   1 
ATOM   676  C CB  . TRP A 1 103 ? -14.516 -10.333 3.250   1.00 30.81 ? 103 TRP A CB  1 
ATOM   677  C CG  . TRP A 1 103 ? -14.837 -11.314 2.174   1.00 31.35 ? 103 TRP A CG  1 
ATOM   678  C CD1 . TRP A 1 103 ? -14.224 -11.429 0.962   1.00 35.12 ? 103 TRP A CD1 1 
ATOM   679  C CD2 . TRP A 1 103 ? -15.859 -12.316 2.203   1.00 33.67 ? 103 TRP A CD2 1 
ATOM   680  N NE1 . TRP A 1 103 ? -14.790 -12.449 0.235   1.00 35.61 ? 103 TRP A NE1 1 
ATOM   681  C CE2 . TRP A 1 103 ? -15.802 -13.007 0.974   1.00 38.45 ? 103 TRP A CE2 1 
ATOM   682  C CE3 . TRP A 1 103 ? -16.819 -12.696 3.150   1.00 32.90 ? 103 TRP A CE3 1 
ATOM   683  C CZ2 . TRP A 1 103 ? -16.665 -14.061 0.666   1.00 32.51 ? 103 TRP A CZ2 1 
ATOM   684  C CZ3 . TRP A 1 103 ? -17.682 -13.742 2.841   1.00 32.84 ? 103 TRP A CZ3 1 
ATOM   685  C CH2 . TRP A 1 103 ? -17.594 -14.412 1.612   1.00 31.19 ? 103 TRP A CH2 1 
ATOM   686  N N   . SER A 1 104 ? -11.930 -9.362  5.210   1.00 32.61 ? 104 SER A N   1 
ATOM   687  C CA  . SER A 1 104 ? -11.509 -8.628  6.396   1.00 34.52 ? 104 SER A CA  1 
ATOM   688  C C   . SER A 1 104 ? -10.397 -7.611  6.077   1.00 37.57 ? 104 SER A C   1 
ATOM   689  O O   . SER A 1 104 ? -9.744  -7.099  6.987   1.00 38.58 ? 104 SER A O   1 
ATOM   690  C CB  . SER A 1 104 ? -11.028 -9.605  7.472   1.00 34.81 ? 104 SER A CB  1 
ATOM   691  O OG  . SER A 1 104 ? -10.051 -10.498 6.957   1.00 31.19 ? 104 SER A OG  1 
ATOM   692  N N   . LEU A 1 105 ? -10.175 -7.339  4.790   1.00 33.25 ? 105 LEU A N   1 
ATOM   693  C CA  . LEU A 1 105 ? -9.228  -6.297  4.376   1.00 30.59 ? 105 LEU A CA  1 
ATOM   694  C C   . LEU A 1 105 ? -9.893  -4.916  4.502   1.00 29.55 ? 105 LEU A C   1 
ATOM   695  O O   . LEU A 1 105 ? -10.925 -4.653  3.894   1.00 25.35 ? 105 LEU A O   1 
ATOM   696  C CB  . LEU A 1 105 ? -8.719  -6.549  2.948   1.00 25.04 ? 105 LEU A CB  1 
ATOM   697  C CG  . LEU A 1 105 ? -7.907  -5.458  2.238   1.00 25.85 ? 105 LEU A CG  1 
ATOM   698  C CD1 . LEU A 1 105 ? -6.600  -5.152  2.984   1.00 23.20 ? 105 LEU A CD1 1 
ATOM   699  C CD2 . LEU A 1 105 ? -7.636  -5.860  0.786   1.00 20.88 ? 105 LEU A CD2 1 
ATOM   700  N N   . GLN A 1 106 ? -9.308  -4.043  5.313   1.00 28.93 ? 106 GLN A N   1 
ATOM   701  C CA  . GLN A 1 106 ? -9.912  -2.741  5.569   1.00 28.81 ? 106 GLN A CA  1 
ATOM   702  C C   . GLN A 1 106 ? -9.466  -1.641  4.615   1.00 26.05 ? 106 GLN A C   1 
ATOM   703  O O   . GLN A 1 106 ? -10.220 -0.694  4.364   1.00 24.86 ? 106 GLN A O   1 
ATOM   704  C CB  . GLN A 1 106 ? -9.678  -2.309  7.013   1.00 26.19 ? 106 GLN A CB  1 
ATOM   705  C CG  . GLN A 1 106 ? -10.335 -3.223  8.014   1.00 33.80 ? 106 GLN A CG  1 
ATOM   706  C CD  . GLN A 1 106 ? -10.122 -2.777  9.435   1.00 37.94 ? 106 GLN A CD  1 
ATOM   707  O OE1 . GLN A 1 106 ? -9.422  -3.437  10.204  1.00 36.50 ? 106 GLN A OE1 1 
ATOM   708  N NE2 . GLN A 1 106 ? -10.717 -1.644  9.796   1.00 38.96 ? 106 GLN A NE2 1 
ATOM   709  N N   . MET A 1 107 ? -8.251  -1.771  4.087   1.00 24.10 ? 107 MET A N   1 
ATOM   710  C CA  . MET A 1 107 ? -7.656  -0.711  3.285   1.00 22.89 ? 107 MET A CA  1 
ATOM   711  C C   . MET A 1 107 ? -6.380  -1.165  2.573   1.00 22.91 ? 107 MET A C   1 
ATOM   712  O O   . MET A 1 107 ? -5.501  -1.776  3.173   1.00 21.32 ? 107 MET A O   1 
ATOM   713  C CB  . MET A 1 107 ? -7.342  0.493   4.183   1.00 24.18 ? 107 MET A CB  1 
ATOM   714  C CG  . MET A 1 107 ? -6.747  1.698   3.458   1.00 23.51 ? 107 MET A CG  1 
ATOM   715  S SD  . MET A 1 107 ? -7.912  2.551   2.375   1.00 24.22 ? 107 MET A SD  1 
ATOM   716  C CE  . MET A 1 107 ? -9.148  3.029   3.576   1.00 21.94 ? 107 MET A CE  1 
ATOM   717  N N   . VAL A 1 108 ? -6.286  -0.855  1.287   1.00 22.97 ? 108 VAL A N   1 
ATOM   718  C CA  . VAL A 1 108 ? -5.071  -1.104  0.534   1.00 20.85 ? 108 VAL A CA  1 
ATOM   719  C C   . VAL A 1 108 ? -4.329  0.213   0.351   1.00 25.23 ? 108 VAL A C   1 
ATOM   720  O O   . VAL A 1 108 ? -4.903  1.208   -0.102  1.00 21.45 ? 108 VAL A O   1 
ATOM   721  C CB  . VAL A 1 108 ? -5.353  -1.727  -0.856  1.00 18.92 ? 108 VAL A CB  1 
ATOM   722  C CG1 . VAL A 1 108 ? -4.090  -1.683  -1.718  1.00 22.45 ? 108 VAL A CG1 1 
ATOM   723  C CG2 . VAL A 1 108 ? -5.854  -3.158  -0.713  1.00 22.24 ? 108 VAL A CG2 1 
ATOM   724  N N   . PHE A 1 109 ? -3.055  0.229   0.708   1.00 20.47 ? 109 PHE A N   1 
ATOM   725  C CA  . PHE A 1 109 ? -2.247  1.400   0.431   1.00 23.71 ? 109 PHE A CA  1 
ATOM   726  C C   . PHE A 1 109 ? -1.495  1.204   -0.871  1.00 21.93 ? 109 PHE A C   1 
ATOM   727  O O   . PHE A 1 109 ? -0.622  0.342   -0.967  1.00 18.75 ? 109 PHE A O   1 
ATOM   728  C CB  . PHE A 1 109 ? -1.324  1.701   1.605   1.00 21.24 ? 109 PHE A CB  1 
ATOM   729  C CG  . PHE A 1 109 ? -2.070  2.066   2.853   1.00 21.14 ? 109 PHE A CG  1 
ATOM   730  C CD1 . PHE A 1 109 ? -2.281  1.133   3.854   1.00 19.10 ? 109 PHE A CD1 1 
ATOM   731  C CD2 . PHE A 1 109 ? -2.611  3.328   2.992   1.00 19.03 ? 109 PHE A CD2 1 
ATOM   732  C CE1 . PHE A 1 109 ? -2.980  1.463   4.988   1.00 21.45 ? 109 PHE A CE1 1 
ATOM   733  C CE2 . PHE A 1 109 ? -3.329  3.672   4.130   1.00 22.29 ? 109 PHE A CE2 1 
ATOM   734  C CZ  . PHE A 1 109 ? -3.515  2.741   5.127   1.00 23.79 ? 109 PHE A CZ  1 
ATOM   735  N N   . LEU A 1 110 ? -1.868  1.995   -1.874  1.00 20.58 ? 110 LEU A N   1 
ATOM   736  C CA  . LEU A 1 110 ? -1.242  1.933   -3.186  1.00 21.40 ? 110 LEU A CA  1 
ATOM   737  C C   . LEU A 1 110 ? -0.092  2.954   -3.328  1.00 25.49 ? 110 LEU A C   1 
ATOM   738  O O   . LEU A 1 110 ? -0.313  4.156   -3.507  1.00 19.69 ? 110 LEU A O   1 
ATOM   739  C CB  . LEU A 1 110 ? -2.277  2.125   -4.289  1.00 20.54 ? 110 LEU A CB  1 
ATOM   740  C CG  . LEU A 1 110 ? -1.717  2.158   -5.709  1.00 25.73 ? 110 LEU A CG  1 
ATOM   741  C CD1 . LEU A 1 110 ? -1.356  0.763   -6.180  1.00 25.19 ? 110 LEU A CD1 1 
ATOM   742  C CD2 . LEU A 1 110 ? -2.694  2.821   -6.674  1.00 24.25 ? 110 LEU A CD2 1 
ATOM   743  N N   . LEU A 1 111 ? 1.133   2.442   -3.244  1.00 20.81 ? 111 LEU A N   1 
ATOM   744  C CA  . LEU A 1 111 ? 2.346   3.252   -3.338  1.00 25.03 ? 111 LEU A CA  1 
ATOM   745  C C   . LEU A 1 111 ? 2.735   3.529   -4.791  1.00 24.34 ? 111 LEU A C   1 
ATOM   746  O O   . LEU A 1 111 ? 2.912   2.615   -5.580  1.00 26.33 ? 111 LEU A O   1 
ATOM   747  C CB  . LEU A 1 111 ? 3.506   2.556   -2.610  1.00 20.02 ? 111 LEU A CB  1 
ATOM   748  C CG  . LEU A 1 111 ? 3.509   2.559   -1.073  1.00 21.84 ? 111 LEU A CG  1 
ATOM   749  C CD1 . LEU A 1 111 ? 2.214   2.024   -0.468  1.00 21.74 ? 111 LEU A CD1 1 
ATOM   750  C CD2 . LEU A 1 111 ? 4.696   1.764   -0.552  1.00 22.89 ? 111 LEU A CD2 1 
ATOM   751  N N   . VAL A 1 112 ? 2.860   4.801   -5.139  1.00 27.25 ? 112 VAL A N   1 
ATOM   752  C CA  . VAL A 1 112 ? 3.270   5.178   -6.485  1.00 29.12 ? 112 VAL A CA  1 
ATOM   753  C C   . VAL A 1 112 ? 4.410   6.180   -6.397  1.00 24.91 ? 112 VAL A C   1 
ATOM   754  O O   . VAL A 1 112 ? 4.405   7.052   -5.538  1.00 25.28 ? 112 VAL A O   1 
ATOM   755  C CB  . VAL A 1 112 ? 2.103   5.767   -7.315  1.00 28.40 ? 112 VAL A CB  1 
ATOM   756  C CG1 . VAL A 1 112 ? 0.988   4.750   -7.463  1.00 33.30 ? 112 VAL A CG1 1 
ATOM   757  C CG2 . VAL A 1 112 ? 1.579   7.013   -6.673  1.00 28.02 ? 112 VAL A CG2 1 
ATOM   758  N N   . ASP A 1 113 ? 5.391   6.029   -7.280  1.00 25.71 ? 113 ASP A N   1 
ATOM   759  C CA  . ASP A 1 113 ? 6.596   6.846   -7.260  1.00 26.44 ? 113 ASP A CA  1 
ATOM   760  C C   . ASP A 1 113 ? 6.235   8.311   -7.469  1.00 29.08 ? 113 ASP A C   1 
ATOM   761  O O   . ASP A 1 113 ? 5.696   8.684   -8.510  1.00 27.96 ? 113 ASP A O   1 
ATOM   762  C CB  . ASP A 1 113 ? 7.583   6.367   -8.334  1.00 27.89 ? 113 ASP A CB  1 
ATOM   763  C CG  . ASP A 1 113 ? 8.984   6.923   -8.138  1.00 34.17 ? 113 ASP A CG  1 
ATOM   764  O OD1 . ASP A 1 113 ? 9.117   8.113   -7.770  1.00 31.72 ? 113 ASP A OD1 1 
ATOM   765  O OD2 . ASP A 1 113 ? 9.958   6.165   -8.357  1.00 40.89 ? 113 ASP A OD2 1 
ATOM   766  N N   . GLY A 1 114 ? 6.516   9.135   -6.466  1.00 24.67 ? 114 GLY A N   1 
ATOM   767  C CA  . GLY A 1 114 ? 6.200   10.548  -6.542  1.00 25.85 ? 114 GLY A CA  1 
ATOM   768  C C   . GLY A 1 114 ? 7.058   11.328  -7.523  1.00 27.25 ? 114 GLY A C   1 
ATOM   769  O O   . GLY A 1 114 ? 6.771   12.481  -7.810  1.00 34.91 ? 114 GLY A O   1 
ATOM   770  N N   . ARG A 1 115 ? 8.104   10.700  -8.050  1.00 31.97 ? 115 ARG A N   1 
ATOM   771  C CA  . ARG A 1 115 ? 9.062   11.390  -8.923  1.00 39.06 ? 115 ARG A CA  1 
ATOM   772  C C   . ARG A 1 115 ? 8.611   11.465  -10.377 1.00 41.89 ? 115 ARG A C   1 
ATOM   773  O O   . ARG A 1 115 ? 9.146   12.247  -11.164 1.00 45.63 ? 115 ARG A O   1 
ATOM   774  C CB  . ARG A 1 115 ? 10.446  10.728  -8.859  1.00 31.58 ? 115 ARG A CB  1 
ATOM   775  C CG  . ARG A 1 115 ? 11.186  10.958  -7.555  1.00 26.81 ? 115 ARG A CG  1 
ATOM   776  C CD  . ARG A 1 115 ? 12.444  10.142  -7.512  1.00 37.11 ? 115 ARG A CD  1 
ATOM   777  N NE  . ARG A 1 115 ? 12.209  8.761   -7.926  1.00 34.35 ? 115 ARG A NE  1 
ATOM   778  C CZ  . ARG A 1 115 ? 13.054  7.762   -7.698  1.00 36.91 ? 115 ARG A CZ  1 
ATOM   779  N NH1 . ARG A 1 115 ? 14.190  7.989   -7.052  1.00 45.94 ? 115 ARG A NH1 1 
ATOM   780  N NH2 . ARG A 1 115 ? 12.761  6.534   -8.106  1.00 40.71 ? 115 ARG A NH2 1 
ATOM   781  N N   . ILE A 1 116 ? 7.633   10.638  -10.726 1.00 37.24 ? 116 ILE A N   1 
ATOM   782  C CA  . ILE A 1 116 ? 7.129   10.564  -12.086 1.00 39.27 ? 116 ILE A CA  1 
ATOM   783  C C   . ILE A 1 116 ? 5.614   10.549  -12.029 1.00 38.47 ? 116 ILE A C   1 
ATOM   784  O O   . ILE A 1 116 ? 5.040   10.340  -10.961 1.00 32.93 ? 116 ILE A O   1 
ATOM   785  C CB  . ILE A 1 116 ? 7.617   9.281   -12.793 1.00 37.21 ? 116 ILE A CB  1 
ATOM   786  C CG1 . ILE A 1 116 ? 7.266   8.057   -11.949 1.00 36.23 ? 116 ILE A CG1 1 
ATOM   787  C CG2 . ILE A 1 116 ? 9.108   9.354   -13.036 1.00 38.68 ? 116 ILE A CG2 1 
ATOM   788  C CD1 . ILE A 1 116 ? 7.651   6.753   -12.569 1.00 40.11 ? 116 ILE A CD1 1 
ATOM   789  N N   . PRO A 1 117 ? 4.963   10.777  -13.177 1.00 40.01 ? 117 PRO A N   1 
ATOM   790  C CA  . PRO A 1 117 ? 3.501   10.709  -13.240 1.00 39.95 ? 117 PRO A CA  1 
ATOM   791  C C   . PRO A 1 117 ? 3.057   9.269   -13.031 1.00 35.10 ? 117 PRO A C   1 
ATOM   792  O O   . PRO A 1 117 ? 3.869   8.362   -13.228 1.00 36.75 ? 117 PRO A O   1 
ATOM   793  C CB  . PRO A 1 117 ? 3.184   11.160  -14.675 1.00 41.50 ? 117 PRO A CB  1 
ATOM   794  C CG  . PRO A 1 117 ? 4.449   11.835  -15.169 1.00 44.90 ? 117 PRO A CG  1 
ATOM   795  C CD  . PRO A 1 117 ? 5.557   11.104  -14.483 1.00 41.53 ? 117 PRO A CD  1 
ATOM   796  N N   . PRO A 1 118 ? 1.797   9.063   -12.617 1.00 34.23 ? 118 PRO A N   1 
ATOM   797  C CA  . PRO A 1 118 ? 1.255   7.711   -12.435 1.00 40.74 ? 118 PRO A CA  1 
ATOM   798  C C   . PRO A 1 118 ? 1.489   6.818   -13.650 1.00 40.84 ? 118 PRO A C   1 
ATOM   799  O O   . PRO A 1 118 ? 1.477   7.291   -14.787 1.00 42.46 ? 118 PRO A O   1 
ATOM   800  C CB  . PRO A 1 118 ? -0.245  7.963   -12.234 1.00 34.44 ? 118 PRO A CB  1 
ATOM   801  C CG  . PRO A 1 118 ? -0.304  9.286   -11.611 1.00 36.27 ? 118 PRO A CG  1 
ATOM   802  C CD  . PRO A 1 118 ? 0.823   10.095  -12.221 1.00 36.91 ? 118 PRO A CD  1 
ATOM   803  N N   . GLN A 1 119 ? 1.700   5.533   -13.401 1.00 40.29 ? 119 GLN A N   1 
ATOM   804  C CA  . GLN A 1 119 ? 1.992   4.587   -14.465 1.00 39.20 ? 119 GLN A CA  1 
ATOM   805  C C   . GLN A 1 119 ? 0.741   3.840   -14.889 1.00 39.01 ? 119 GLN A C   1 
ATOM   806  O O   . GLN A 1 119 ? -0.141  3.587   -14.077 1.00 38.57 ? 119 GLN A O   1 
ATOM   807  C CB  . GLN A 1 119 ? 3.059   3.603   -13.996 1.00 43.83 ? 119 GLN A CB  1 
ATOM   808  C CG  . GLN A 1 119 ? 4.325   4.298   -13.547 1.00 47.25 ? 119 GLN A CG  1 
ATOM   809  C CD  . GLN A 1 119 ? 5.005   5.028   -14.689 1.00 48.24 ? 119 GLN A CD  1 
ATOM   810  O OE1 . GLN A 1 119 ? 5.638   4.408   -15.544 1.00 51.96 ? 119 GLN A OE1 1 
ATOM   811  N NE2 . GLN A 1 119 ? 4.880   6.353   -14.708 1.00 41.92 ? 119 GLN A NE2 1 
ATOM   812  N N   . ASP A 1 120 ? 0.670   3.492   -16.168 1.00 42.12 ? 120 ASP A N   1 
ATOM   813  C CA  . ASP A 1 120 ? -0.490  2.795   -16.708 1.00 39.41 ? 120 ASP A CA  1 
ATOM   814  C C   . ASP A 1 120 ? -0.940  1.691   -15.775 1.00 38.15 ? 120 ASP A C   1 
ATOM   815  O O   . ASP A 1 120 ? -2.136  1.511   -15.533 1.00 42.52 ? 120 ASP A O   1 
ATOM   816  C CB  . ASP A 1 120 ? -0.168  2.208   -18.078 1.00 48.12 ? 120 ASP A CB  1 
ATOM   817  C CG  . ASP A 1 120 ? 0.067   3.277   -19.125 1.00 52.98 ? 120 ASP A CG  1 
ATOM   818  O OD1 . ASP A 1 120 ? -0.821  4.138   -19.305 1.00 47.45 ? 120 ASP A OD1 1 
ATOM   819  O OD2 . ASP A 1 120 ? 1.136   3.253   -19.772 1.00 52.12 ? 120 ASP A OD2 1 
ATOM   820  N N   . SER A 1 121 ? 0.028   0.959   -15.239 1.00 39.86 ? 121 SER A N   1 
ATOM   821  C CA  . SER A 1 121 ? -0.265  -0.163  -14.358 1.00 38.08 ? 121 SER A CA  1 
ATOM   822  C C   . SER A 1 121 ? -0.808  0.284   -13.002 1.00 33.86 ? 121 SER A C   1 
ATOM   823  O O   . SER A 1 121 ? -1.520  -0.467  -12.342 1.00 33.89 ? 121 SER A O   1 
ATOM   824  C CB  . SER A 1 121 ? 0.971   -1.049  -14.184 1.00 39.23 ? 121 SER A CB  1 
ATOM   825  O OG  . SER A 1 121 ? 2.077   -0.307  -13.707 1.00 49.27 ? 121 SER A OG  1 
ATOM   826  N N   . ASP A 1 122 ? -0.462  1.502   -12.590 1.00 35.22 ? 122 ASP A N   1 
ATOM   827  C CA  . ASP A 1 122 ? -0.993  2.086   -11.359 1.00 33.37 ? 122 ASP A CA  1 
ATOM   828  C C   . ASP A 1 122 ? -2.479  2.392   -11.506 1.00 33.82 ? 122 ASP A C   1 
ATOM   829  O O   . ASP A 1 122 ? -3.266  2.126   -10.601 1.00 31.48 ? 122 ASP A O   1 
ATOM   830  C CB  . ASP A 1 122 ? -0.240  3.368   -10.983 1.00 36.29 ? 122 ASP A CB  1 
ATOM   831  C CG  . ASP A 1 122 ? 1.195   3.111   -10.571 1.00 32.93 ? 122 ASP A CG  1 
ATOM   832  O OD1 . ASP A 1 122 ? 2.056   3.951   -10.886 1.00 37.25 ? 122 ASP A OD1 1 
ATOM   833  O OD2 . ASP A 1 122 ? 1.460   2.077   -9.929  1.00 35.86 ? 122 ASP A OD2 1 
ATOM   834  N N   . LEU A 1 123 ? -2.855  2.952   -12.652 1.00 35.52 ? 123 LEU A N   1 
ATOM   835  C CA  . LEU A 1 123 ? -4.249  3.296   -12.910 1.00 35.79 ? 123 LEU A CA  1 
ATOM   836  C C   . LEU A 1 123 ? -5.093  2.040   -13.064 1.00 38.30 ? 123 LEU A C   1 
ATOM   837  O O   . LEU A 1 123 ? -6.294  2.054   -12.777 1.00 36.15 ? 123 LEU A O   1 
ATOM   838  C CB  . LEU A 1 123 ? -4.374  4.165   -14.161 1.00 36.27 ? 123 LEU A CB  1 
ATOM   839  C CG  . LEU A 1 123 ? -3.516  5.429   -14.203 1.00 41.67 ? 123 LEU A CG  1 
ATOM   840  C CD1 . LEU A 1 123 ? -4.057  6.381   -15.252 1.00 43.99 ? 123 LEU A CD1 1 
ATOM   841  C CD2 . LEU A 1 123 ? -3.450  6.101   -12.835 1.00 38.25 ? 123 LEU A CD2 1 
ATOM   842  N N   . MET A 1 124 ? -4.457  0.959   -13.515 1.00 34.90 ? 124 MET A N   1 
ATOM   843  C CA  . MET A 1 124 ? -5.136  -0.321  -13.679 1.00 35.95 ? 124 MET A CA  1 
ATOM   844  C C   . MET A 1 124 ? -5.441  -0.950  -12.325 1.00 34.17 ? 124 MET A C   1 
ATOM   845  O O   . MET A 1 124 ? -6.485  -1.570  -12.146 1.00 35.82 ? 124 MET A O   1 
ATOM   846  C CB  . MET A 1 124 ? -4.296  -1.280  -14.526 1.00 39.38 ? 124 MET A CB  1 
ATOM   847  C CG  . MET A 1 124 ? -3.953  -0.762  -15.909 1.00 42.90 ? 124 MET A CG  1 
ATOM   848  S SD  . MET A 1 124 ? -3.536  -2.090  -17.064 1.00 69.44 ? 124 MET A SD  1 
ATOM   849  C CE  . MET A 1 124 ? -2.384  -3.060  -16.086 1.00 49.66 ? 124 MET A CE  1 
ATOM   850  N N   . MET A 1 125 ? -4.519  -0.799  -11.380 1.00 30.77 ? 125 MET A N   1 
ATOM   851  C CA  . MET A 1 125 ? -4.765  -1.227  -10.008 1.00 36.17 ? 125 MET A CA  1 
ATOM   852  C C   . MET A 1 125 ? -5.938  -0.460  -9.420  1.00 27.46 ? 125 MET A C   1 
ATOM   853  O O   . MET A 1 125 ? -6.758  -1.021  -8.706  1.00 31.05 ? 125 MET A O   1 
ATOM   854  C CB  . MET A 1 125 ? -3.527  -1.011  -9.123  1.00 34.67 ? 125 MET A CB  1 
ATOM   855  C CG  . MET A 1 125 ? -2.509  -2.125  -9.185  1.00 40.48 ? 125 MET A CG  1 
ATOM   856  S SD  . MET A 1 125 ? -3.166  -3.729  -8.661  1.00 41.41 ? 125 MET A SD  1 
ATOM   857  C CE  . MET A 1 125 ? -4.083  -3.276  -7.190  1.00 42.49 ? 125 MET A CE  1 
ATOM   858  N N   . VAL A 1 126 ? -6.001  0.833   -9.710  1.00 31.89 ? 126 VAL A N   1 
ATOM   859  C CA  . VAL A 1 126 ? -7.070  1.672   -9.187  1.00 31.67 ? 126 VAL A CA  1 
ATOM   860  C C   . VAL A 1 126 ? -8.407  1.166   -9.718  1.00 32.43 ? 126 VAL A C   1 
ATOM   861  O O   . VAL A 1 126 ? -9.352  0.969   -8.954  1.00 32.53 ? 126 VAL A O   1 
ATOM   862  C CB  . VAL A 1 126 ? -6.871  3.155   -9.560  1.00 28.73 ? 126 VAL A CB  1 
ATOM   863  C CG1 . VAL A 1 126 ? -8.097  3.972   -9.162  1.00 33.10 ? 126 VAL A CG1 1 
ATOM   864  C CG2 . VAL A 1 126 ? -5.634  3.713   -8.895  1.00 26.46 ? 126 VAL A CG2 1 
ATOM   865  N N   . GLU A 1 127 ? -8.466  0.936   -11.028 1.00 32.60 ? 127 GLU A N   1 
ATOM   866  C CA  . GLU A 1 127 ? -9.675  0.443   -11.675 1.00 37.21 ? 127 GLU A CA  1 
ATOM   867  C C   . GLU A 1 127 ? -10.036 -0.938  -11.156 1.00 36.80 ? 127 GLU A C   1 
ATOM   868  O O   . GLU A 1 127 ? -11.189 -1.222  -10.833 1.00 36.23 ? 127 GLU A O   1 
ATOM   869  C CB  . GLU A 1 127 ? -9.495  0.396   -13.195 1.00 36.93 ? 127 GLU A CB  1 
ATOM   870  C CG  . GLU A 1 127 ? -9.736  1.719   -13.887 1.00 51.92 ? 127 GLU A CG  1 
ATOM   871  C CD  . GLU A 1 127 ? -9.978  1.566   -15.377 1.00 65.64 ? 127 GLU A CD  1 
ATOM   872  O OE1 . GLU A 1 127 ? -10.550 2.503   -15.981 1.00 64.39 ? 127 GLU A OE1 1 
ATOM   873  O OE2 . GLU A 1 127 ? -9.604  0.512   -15.941 1.00 57.42 ? 127 GLU A OE2 1 
ATOM   874  N N   . TRP A 1 128 ? -9.035  -1.799  -11.070 1.00 34.84 ? 128 TRP A N   1 
ATOM   875  C CA  . TRP A 1 128 ? -9.255  -3.147  -10.593 1.00 37.28 ? 128 TRP A CA  1 
ATOM   876  C C   . TRP A 1 128 ? -9.821  -3.153  -9.171  1.00 35.57 ? 128 TRP A C   1 
ATOM   877  O O   . TRP A 1 128 ? -10.788 -3.857  -8.885  1.00 37.91 ? 128 TRP A O   1 
ATOM   878  C CB  . TRP A 1 128 ? -7.960  -3.953  -10.700 1.00 35.60 ? 128 TRP A CB  1 
ATOM   879  C CG  . TRP A 1 128 ? -8.133  -5.405  -10.418 1.00 38.51 ? 128 TRP A CG  1 
ATOM   880  C CD1 . TRP A 1 128 ? -9.263  -6.147  -10.604 1.00 41.20 ? 128 TRP A CD1 1 
ATOM   881  C CD2 . TRP A 1 128 ? -7.138  -6.306  -9.913  1.00 41.86 ? 128 TRP A CD2 1 
ATOM   882  N NE1 . TRP A 1 128 ? -9.040  -7.454  -10.232 1.00 41.77 ? 128 TRP A NE1 1 
ATOM   883  C CE2 . TRP A 1 128 ? -7.741  -7.577  -9.808  1.00 41.70 ? 128 TRP A CE2 1 
ATOM   884  C CE3 . TRP A 1 128 ? -5.801  -6.160  -9.530  1.00 40.51 ? 128 TRP A CE3 1 
ATOM   885  C CZ2 . TRP A 1 128 ? -7.054  -8.689  -9.342  1.00 40.95 ? 128 TRP A CZ2 1 
ATOM   886  C CZ3 . TRP A 1 128 ? -5.123  -7.268  -9.065  1.00 43.16 ? 128 TRP A CZ3 1 
ATOM   887  C CH2 . TRP A 1 128 ? -5.749  -8.515  -8.975  1.00 39.82 ? 128 TRP A CH2 1 
ATOM   888  N N   . MET A 1 129 ? -9.234  -2.350  -8.290  1.00 34.34 ? 129 MET A N   1 
ATOM   889  C CA  . MET A 1 129 ? -9.700  -2.274  -6.906  1.00 35.60 ? 129 MET A CA  1 
ATOM   890  C C   . MET A 1 129 ? -11.098 -1.689  -6.786  1.00 29.89 ? 129 MET A C   1 
ATOM   891  O O   . MET A 1 129 ? -11.853 -2.047  -5.888  1.00 32.37 ? 129 MET A O   1 
ATOM   892  C CB  . MET A 1 129 ? -8.711  -1.497  -6.032  1.00 31.39 ? 129 MET A CB  1 
ATOM   893  C CG  . MET A 1 129 ? -7.471  -2.293  -5.715  1.00 33.05 ? 129 MET A CG  1 
ATOM   894  S SD  . MET A 1 129 ? -6.366  -1.489  -4.550  1.00 30.21 ? 129 MET A SD  1 
ATOM   895  C CE  . MET A 1 129 ? -5.975  0.016   -5.429  1.00 28.02 ? 129 MET A CE  1 
ATOM   896  N N   . LYS A 1 130 ? -11.441 -0.794  -7.701  1.00 32.96 ? 130 LYS A N   1 
ATOM   897  C CA  . LYS A 1 130 ? -12.790 -0.238  -7.753  1.00 34.86 ? 130 LYS A CA  1 
ATOM   898  C C   . LYS A 1 130 ? -13.855 -1.290  -8.054  1.00 33.89 ? 130 LYS A C   1 
ATOM   899  O O   . LYS A 1 130 ? -14.892 -1.334  -7.389  1.00 34.39 ? 130 LYS A O   1 
ATOM   900  C CB  . LYS A 1 130 ? -12.876 0.888   -8.782  1.00 34.50 ? 130 LYS A CB  1 
ATOM   901  C CG  . LYS A 1 130 ? -12.520 2.241   -8.238  1.00 36.84 ? 130 LYS A CG  1 
ATOM   902  C CD  . LYS A 1 130 ? -12.622 3.302   -9.322  1.00 46.34 ? 130 LYS A CD  1 
ATOM   903  C CE  . LYS A 1 130 ? -14.043 3.427   -9.829  1.00 47.14 ? 130 LYS A CE  1 
ATOM   904  N NZ  . LYS A 1 130 ? -14.148 4.483   -10.872 1.00 53.48 ? 130 LYS A NZ  1 
ATOM   905  N N   . SER A 1 131 ? -13.609 -2.124  -9.056  1.00 32.73 ? 131 SER A N   1 
ATOM   906  C CA  . SER A 1 131 ? -14.592 -3.136  -9.435  1.00 35.65 ? 131 SER A CA  1 
ATOM   907  C C   . SER A 1 131 ? -14.894 -4.120  -8.303  1.00 38.18 ? 131 SER A C   1 
ATOM   908  O O   . SER A 1 131 ? -15.980 -4.697  -8.264  1.00 36.79 ? 131 SER A O   1 
ATOM   909  C CB  . SER A 1 131 ? -14.197 -3.868  -10.728 1.00 34.16 ? 131 SER A CB  1 
ATOM   910  O OG  . SER A 1 131 ? -12.800 -4.071  -10.833 1.00 37.04 ? 131 SER A OG  1 
ATOM   911  N N   . LEU A 1 132 ? -13.943 -4.291  -7.380  1.00 37.89 ? 132 LEU A N   1 
ATOM   912  C CA  . LEU A 1 132 ? -14.103 -5.205  -6.239  1.00 35.91 ? 132 LEU A CA  1 
ATOM   913  C C   . LEU A 1 132 ? -14.527 -4.466  -4.965  1.00 33.10 ? 132 LEU A C   1 
ATOM   914  O O   . LEU A 1 132 ? -14.583 -5.058  -3.887  1.00 38.34 ? 132 LEU A O   1 
ATOM   915  C CB  . LEU A 1 132 ? -12.799 -5.973  -5.972  1.00 27.57 ? 132 LEU A CB  1 
ATOM   916  C CG  . LEU A 1 132 ? -12.147 -6.662  -7.177  1.00 41.07 ? 132 LEU A CG  1 
ATOM   917  C CD1 . LEU A 1 132 ? -10.811 -7.299  -6.807  1.00 32.90 ? 132 LEU A CD1 1 
ATOM   918  C CD2 . LEU A 1 132 ? -13.085 -7.706  -7.800  1.00 41.69 ? 132 LEU A CD2 1 
ATOM   919  N N   . ASN A 1 133 ? -14.812 -3.175  -5.093  1.00 29.66 ? 133 ASN A N   1 
ATOM   920  C CA  . ASN A 1 133 ? -15.135 -2.321  -3.944  1.00 34.55 ? 133 ASN A CA  1 
ATOM   921  C C   . ASN A 1 133 ? -14.060 -2.363  -2.844  1.00 39.23 ? 133 ASN A C   1 
ATOM   922  O O   . ASN A 1 133 ? -14.370 -2.223  -1.656  1.00 35.17 ? 133 ASN A O   1 
ATOM   923  C CB  . ASN A 1 133 ? -16.511 -2.664  -3.343  1.00 42.06 ? 133 ASN A CB  1 
ATOM   924  C CG  . ASN A 1 133 ? -17.631 -2.686  -4.382  1.00 39.63 ? 133 ASN A CG  1 
ATOM   925  O OD1 . ASN A 1 133 ? -17.936 -1.677  -5.015  1.00 34.89 ? 133 ASN A OD1 1 
ATOM   926  N ND2 . ASN A 1 133 ? -18.254 -3.845  -4.546  1.00 46.91 ? 133 ASN A ND2 1 
ATOM   927  N N   . ILE A 1 134 ? -12.801 -2.559  -3.235  1.00 33.63 ? 134 ILE A N   1 
ATOM   928  C CA  . ILE A 1 134 ? -11.707 -2.524  -2.273  1.00 29.34 ? 134 ILE A CA  1 
ATOM   929  C C   . ILE A 1 134 ? -11.251 -1.099  -1.959  1.00 27.13 ? 134 ILE A C   1 
ATOM   930  O O   . ILE A 1 134 ? -10.729 -0.399  -2.824  1.00 27.01 ? 134 ILE A O   1 
ATOM   931  C CB  . ILE A 1 134 ? -10.487 -3.339  -2.735  1.00 31.81 ? 134 ILE A CB  1 
ATOM   932  C CG1 . ILE A 1 134 ? -10.860 -4.821  -2.867  1.00 35.27 ? 134 ILE A CG1 1 
ATOM   933  C CG2 . ILE A 1 134 ? -9.332  -3.147  -1.753  1.00 29.46 ? 134 ILE A CG2 1 
ATOM   934  C CD1 . ILE A 1 134 ? -11.978 -5.257  -1.913  1.00 38.72 ? 134 ILE A CD1 1 
ATOM   935  N N   . PRO A 1 135 ? -11.436 -0.680  -0.705  1.00 24.37 ? 135 PRO A N   1 
ATOM   936  C CA  . PRO A 1 135 ? -11.023 0.642   -0.225  1.00 25.44 ? 135 PRO A CA  1 
ATOM   937  C C   . PRO A 1 135 ? -9.510  0.810   -0.378  1.00 21.91 ? 135 PRO A C   1 
ATOM   938  O O   . PRO A 1 135 ? -8.762  -0.102  -0.047  1.00 22.51 ? 135 PRO A O   1 
ATOM   939  C CB  . PRO A 1 135 ? -11.393 0.591   1.259   1.00 26.76 ? 135 PRO A CB  1 
ATOM   940  C CG  . PRO A 1 135 ? -11.378 -0.889  1.580   1.00 31.37 ? 135 PRO A CG  1 
ATOM   941  C CD  . PRO A 1 135 ? -11.985 -1.507  0.382   1.00 24.37 ? 135 PRO A CD  1 
ATOM   942  N N   . PHE A 1 136 ? -9.064  1.944   -0.899  1.00 21.15 ? 136 PHE A N   1 
ATOM   943  C CA  . PHE A 1 136 ? -7.631  2.164   -1.060  1.00 22.04 ? 136 PHE A CA  1 
ATOM   944  C C   . PHE A 1 136 ? -7.252  3.622   -0.856  1.00 21.27 ? 136 PHE A C   1 
ATOM   945  O O   . PHE A 1 136 ? -8.088  4.502   -0.996  1.00 20.92 ? 136 PHE A O   1 
ATOM   946  C CB  . PHE A 1 136 ? -7.148  1.649   -2.422  1.00 22.25 ? 136 PHE A CB  1 
ATOM   947  C CG  . PHE A 1 136 ? -7.658  2.438   -3.593  1.00 25.67 ? 136 PHE A CG  1 
ATOM   948  C CD1 . PHE A 1 136 ? -7.091  3.656   -3.919  1.00 24.56 ? 136 PHE A CD1 1 
ATOM   949  C CD2 . PHE A 1 136 ? -8.693  1.949   -4.378  1.00 24.14 ? 136 PHE A CD2 1 
ATOM   950  C CE1 . PHE A 1 136 ? -7.548  4.378   -4.997  1.00 29.70 ? 136 PHE A CE1 1 
ATOM   951  C CE2 . PHE A 1 136 ? -9.154  2.661   -5.461  1.00 26.00 ? 136 PHE A CE2 1 
ATOM   952  C CZ  . PHE A 1 136 ? -8.589  3.882   -5.771  1.00 28.33 ? 136 PHE A CZ  1 
ATOM   953  N N   . THR A 1 137 ? -5.985  3.855   -0.515  1.00 23.36 ? 137 THR A N   1 
ATOM   954  C CA  . THR A 1 137 ? -5.452  5.191   -0.256  1.00 23.60 ? 137 THR A CA  1 
ATOM   955  C C   . THR A 1 137 ? -4.168  5.346   -1.056  1.00 21.39 ? 137 THR A C   1 
ATOM   956  O O   . THR A 1 137 ? -3.272  4.524   -0.941  1.00 25.42 ? 137 THR A O   1 
ATOM   957  C CB  . THR A 1 137 ? -5.117  5.372   1.249   1.00 23.53 ? 137 THR A CB  1 
ATOM   958  O OG1 . THR A 1 137 ? -6.323  5.503   2.007   1.00 20.25 ? 137 THR A OG1 1 
ATOM   959  C CG2 . THR A 1 137 ? -4.218  6.594   1.494   1.00 20.12 ? 137 THR A CG2 1 
ATOM   960  N N   . ILE A 1 138 ? -4.061  6.392   -1.863  1.00 22.25 ? 138 ILE A N   1 
ATOM   961  C CA  . ILE A 1 138 ? -2.842  6.604   -2.637  1.00 19.10 ? 138 ILE A CA  1 
ATOM   962  C C   . ILE A 1 138 ? -1.695  7.122   -1.759  1.00 23.33 ? 138 ILE A C   1 
ATOM   963  O O   . ILE A 1 138 ? -1.871  8.061   -0.991  1.00 23.65 ? 138 ILE A O   1 
ATOM   964  C CB  . ILE A 1 138 ? -3.076  7.569   -3.812  1.00 24.18 ? 138 ILE A CB  1 
ATOM   965  C CG1 . ILE A 1 138 ? -4.258  7.097   -4.671  1.00 23.76 ? 138 ILE A CG1 1 
ATOM   966  C CG2 . ILE A 1 138 ? -1.815  7.713   -4.652  1.00 20.00 ? 138 ILE A CG2 1 
ATOM   967  C CD1 . ILE A 1 138 ? -4.131  5.658   -5.129  1.00 29.34 ? 138 ILE A CD1 1 
ATOM   968  N N   . VAL A 1 139 ? -0.526  6.493   -1.864  1.00 23.61 ? 139 VAL A N   1 
ATOM   969  C CA  . VAL A 1 139 ? 0.657   6.939   -1.137  1.00 23.12 ? 139 VAL A CA  1 
ATOM   970  C C   . VAL A 1 139 ? 1.786   7.282   -2.113  1.00 24.50 ? 139 VAL A C   1 
ATOM   971  O O   . VAL A 1 139 ? 2.254   6.428   -2.854  1.00 23.28 ? 139 VAL A O   1 
ATOM   972  C CB  . VAL A 1 139 ? 1.140   5.884   -0.106  1.00 21.23 ? 139 VAL A CB  1 
ATOM   973  C CG1 . VAL A 1 139 ? 2.393   6.372   0.638   1.00 16.25 ? 139 VAL A CG1 1 
ATOM   974  C CG2 . VAL A 1 139 ? 0.020   5.545   0.877   1.00 22.33 ? 139 VAL A CG2 1 
ATOM   975  N N   . LEU A 1 140 ? 2.205   8.543   -2.116  1.00 22.81 ? 140 LEU A N   1 
ATOM   976  C CA  . LEU A 1 140 ? 3.288   8.984   -2.978  1.00 22.97 ? 140 LEU A CA  1 
ATOM   977  C C   . LEU A 1 140 ? 4.597   8.817   -2.230  1.00 24.29 ? 140 LEU A C   1 
ATOM   978  O O   . LEU A 1 140 ? 4.743   9.305   -1.118  1.00 28.82 ? 140 LEU A O   1 
ATOM   979  C CB  . LEU A 1 140 ? 3.100   10.446  -3.392  1.00 22.87 ? 140 LEU A CB  1 
ATOM   980  C CG  . LEU A 1 140 ? 1.811   10.831  -4.129  1.00 27.93 ? 140 LEU A CG  1 
ATOM   981  C CD1 . LEU A 1 140 ? 1.775   12.325  -4.389  1.00 26.53 ? 140 LEU A CD1 1 
ATOM   982  C CD2 . LEU A 1 140 ? 1.660   10.068  -5.440  1.00 25.30 ? 140 LEU A CD2 1 
ATOM   983  N N   . THR A 1 141 ? 5.542   8.114   -2.835  1.00 18.34 ? 141 THR A N   1 
ATOM   984  C CA  . THR A 1 141 ? 6.810   7.841   -2.189  1.00 25.85 ? 141 THR A CA  1 
ATOM   985  C C   . THR A 1 141 ? 7.939   8.667   -2.808  1.00 24.31 ? 141 THR A C   1 
ATOM   986  O O   . THR A 1 141 ? 7.775   9.262   -3.872  1.00 23.05 ? 141 THR A O   1 
ATOM   987  C CB  . THR A 1 141 ? 7.175   6.328   -2.275  1.00 25.72 ? 141 THR A CB  1 
ATOM   988  O OG1 . THR A 1 141 ? 7.213   5.921   -3.648  1.00 27.64 ? 141 THR A OG1 1 
ATOM   989  C CG2 . THR A 1 141 ? 6.153   5.479   -1.537  1.00 21.93 ? 141 THR A CG2 1 
ATOM   990  N N   . LYS A 1 142 ? 9.079   8.694   -2.126  1.00 22.57 ? 142 LYS A N   1 
ATOM   991  C CA  . LYS A 1 142 ? 10.302  9.285   -2.669  1.00 29.91 ? 142 LYS A CA  1 
ATOM   992  C C   . LYS A 1 142 ? 10.234  10.803  -2.832  1.00 26.74 ? 142 LYS A C   1 
ATOM   993  O O   . LYS A 1 142 ? 10.938  11.372  -3.670  1.00 29.11 ? 142 LYS A O   1 
ATOM   994  C CB  . LYS A 1 142 ? 10.690  8.612   -3.996  1.00 29.18 ? 142 LYS A CB  1 
ATOM   995  C CG  . LYS A 1 142 ? 11.356  7.238   -3.837  1.00 30.98 ? 142 LYS A CG  1 
ATOM   996  C CD  . LYS A 1 142 ? 11.191  6.374   -5.090  1.00 36.60 ? 142 LYS A CD  1 
ATOM   997  C CE  . LYS A 1 142 ? 11.402  4.875   -4.789  1.00 37.86 ? 142 LYS A CE  1 
ATOM   998  N NZ  . LYS A 1 142 ? 12.812  4.394   -4.953  1.00 35.98 ? 142 LYS A NZ  1 
ATOM   999  N N   . MET A 1 143 ? 9.404   11.448  -2.014  1.00 23.21 ? 143 MET A N   1 
ATOM   1000 C CA  . MET A 1 143 ? 9.199   12.894  -2.085  1.00 27.43 ? 143 MET A CA  1 
ATOM   1001 C C   . MET A 1 143 ? 10.462  13.686  -1.758  1.00 29.89 ? 143 MET A C   1 
ATOM   1002 O O   . MET A 1 143 ? 10.604  14.814  -2.202  1.00 31.44 ? 143 MET A O   1 
ATOM   1003 C CB  . MET A 1 143 ? 8.050   13.338  -1.173  1.00 23.13 ? 143 MET A CB  1 
ATOM   1004 C CG  . MET A 1 143 ? 6.693   12.770  -1.559  1.00 24.36 ? 143 MET A CG  1 
ATOM   1005 S SD  . MET A 1 143 ? 6.149   13.238  -3.211  1.00 28.38 ? 143 MET A SD  1 
ATOM   1006 C CE  . MET A 1 143 ? 6.343   15.017  -3.150  1.00 27.29 ? 143 MET A CE  1 
ATOM   1007 N N   . ASP A 1 144 ? 11.368  13.090  -0.981  1.00 29.65 ? 144 ASP A N   1 
ATOM   1008 C CA  . ASP A 1 144 ? 12.652  13.723  -0.669  1.00 33.75 ? 144 ASP A CA  1 
ATOM   1009 C C   . ASP A 1 144 ? 13.557  13.786  -1.905  1.00 33.87 ? 144 ASP A C   1 
ATOM   1010 O O   . ASP A 1 144 ? 14.507  14.566  -1.944  1.00 31.46 ? 144 ASP A O   1 
ATOM   1011 C CB  . ASP A 1 144 ? 13.370  12.995  0.480   1.00 24.64 ? 144 ASP A CB  1 
ATOM   1012 C CG  . ASP A 1 144 ? 13.575  11.512  0.201   1.00 26.49 ? 144 ASP A CG  1 
ATOM   1013 O OD1 . ASP A 1 144 ? 12.583  10.765  0.115   1.00 29.98 ? 144 ASP A OD1 1 
ATOM   1014 O OD2 . ASP A 1 144 ? 14.734  11.082  0.077   1.00 35.59 ? 144 ASP A OD2 1 
ATOM   1015 N N   . LYS A 1 145 ? 13.250  12.965  -2.909  1.00 35.34 ? 145 LYS A N   1 
ATOM   1016 C CA  . LYS A 1 145 ? 14.022  12.924  -4.155  1.00 34.58 ? 145 LYS A CA  1 
ATOM   1017 C C   . LYS A 1 145 ? 13.478  13.895  -5.194  1.00 33.80 ? 145 LYS A C   1 
ATOM   1018 O O   . LYS A 1 145 ? 14.064  14.061  -6.258  1.00 33.05 ? 145 LYS A O   1 
ATOM   1019 C CB  . LYS A 1 145 ? 14.043  11.514  -4.748  1.00 32.60 ? 145 LYS A CB  1 
ATOM   1020 C CG  . LYS A 1 145 ? 14.738  10.461  -3.884  1.00 37.72 ? 145 LYS A CG  1 
ATOM   1021 C CD  . LYS A 1 145 ? 16.223  10.749  -3.740  1.00 43.96 ? 145 LYS A CD  1 
ATOM   1022 C CE  . LYS A 1 145 ? 16.994  9.502   -3.358  1.00 52.04 ? 145 LYS A CE  1 
ATOM   1023 N NZ  . LYS A 1 145 ? 16.947  8.486   -4.447  1.00 63.07 ? 145 LYS A NZ  1 
ATOM   1024 N N   . VAL A 1 146 ? 12.350  14.528  -4.889  1.00 36.46 ? 146 VAL A N   1 
ATOM   1025 C CA  . VAL A 1 146 ? 11.773  15.512  -5.799  1.00 34.31 ? 146 VAL A CA  1 
ATOM   1026 C C   . VAL A 1 146 ? 12.396  16.891  -5.545  1.00 39.67 ? 146 VAL A C   1 
ATOM   1027 O O   . VAL A 1 146 ? 12.425  17.368  -4.407  1.00 34.58 ? 146 VAL A O   1 
ATOM   1028 C CB  . VAL A 1 146 ? 10.236  15.581  -5.662  1.00 31.88 ? 146 VAL A CB  1 
ATOM   1029 C CG1 . VAL A 1 146 ? 9.656   16.635  -6.602  1.00 39.65 ? 146 VAL A CG1 1 
ATOM   1030 C CG2 . VAL A 1 146 ? 9.624   14.220  -5.941  1.00 33.36 ? 146 VAL A CG2 1 
ATOM   1031 N N   . LYS A 1 147 ? 12.903  17.518  -6.606  1.00 43.57 ? 147 LYS A N   1 
ATOM   1032 C CA  . LYS A 1 147 ? 13.551  18.826  -6.491  1.00 43.44 ? 147 LYS A CA  1 
ATOM   1033 C C   . LYS A 1 147 ? 12.551  19.875  -6.036  1.00 40.18 ? 147 LYS A C   1 
ATOM   1034 O O   . LYS A 1 147 ? 11.399  19.852  -6.455  1.00 40.64 ? 147 LYS A O   1 
ATOM   1035 C CB  . LYS A 1 147 ? 14.161  19.262  -7.828  1.00 42.83 ? 147 LYS A CB  1 
ATOM   1036 C CG  . LYS A 1 147 ? 14.980  18.202  -8.537  1.00 48.99 ? 147 LYS A CG  1 
ATOM   1037 C CD  . LYS A 1 147 ? 15.454  18.715  -9.894  1.00 55.17 ? 147 LYS A CD  1 
ATOM   1038 C CE  . LYS A 1 147 ? 16.593  17.869  -10.443 1.00 56.11 ? 147 LYS A CE  1 
ATOM   1039 N NZ  . LYS A 1 147 ? 17.312  18.566  -11.549 1.00 55.71 ? 147 LYS A NZ  1 
ATOM   1040 N N   . MET A 1 148 ? 13.001  20.801  -5.194  1.00 43.17 ? 148 MET A N   1 
ATOM   1041 C CA  . MET A 1 148 ? 12.164  21.914  -4.738  1.00 47.19 ? 148 MET A CA  1 
ATOM   1042 C C   . MET A 1 148 ? 11.253  22.477  -5.840  1.00 47.80 ? 148 MET A C   1 
ATOM   1043 O O   . MET A 1 148 ? 10.053  22.678  -5.632  1.00 41.91 ? 148 MET A O   1 
ATOM   1044 C CB  . MET A 1 148 ? 13.043  23.051  -4.206  1.00 47.98 ? 148 MET A CB  1 
ATOM   1045 C CG  . MET A 1 148 ? 13.924  22.701  -3.008  1.00 59.00 ? 148 MET A CG  1 
ATOM   1046 S SD  . MET A 1 148 ? 13.204  23.140  -1.404  1.00 61.72 ? 148 MET A SD  1 
ATOM   1047 C CE  . MET A 1 148 ? 12.352  21.606  -1.007  1.00 51.20 ? 148 MET A CE  1 
ATOM   1048 N N   . SER A 1 149 ? 11.839  22.730  -7.009  1.00 48.12 ? 149 SER A N   1 
ATOM   1049 C CA  . SER A 1 149 ? 11.167  23.459  -8.084  1.00 45.50 ? 149 SER A CA  1 
ATOM   1050 C C   . SER A 1 149 ? 10.220  22.597  -8.906  1.00 42.93 ? 149 SER A C   1 
ATOM   1051 O O   . SER A 1 149 ? 9.514   23.097  -9.777  1.00 47.21 ? 149 SER A O   1 
ATOM   1052 C CB  . SER A 1 149 ? 12.205  24.085  -9.015  1.00 45.84 ? 149 SER A CB  1 
ATOM   1053 O OG  . SER A 1 149 ? 13.096  23.099  -9.512  1.00 47.91 ? 149 SER A OG  1 
ATOM   1054 N N   . GLU A 1 150 ? 10.211  21.298  -8.643  1.00 44.44 ? 150 GLU A N   1 
ATOM   1055 C CA  . GLU A 1 150 ? 9.354   20.406  -9.408  1.00 43.82 ? 150 GLU A CA  1 
ATOM   1056 C C   . GLU A 1 150 ? 8.292   19.760  -8.526  1.00 39.67 ? 150 GLU A C   1 
ATOM   1057 O O   . GLU A 1 150 ? 7.457   19.004  -9.013  1.00 41.75 ? 150 GLU A O   1 
ATOM   1058 C CB  . GLU A 1 150 ? 10.193  19.345  -10.121 1.00 44.03 ? 150 GLU A CB  1 
ATOM   1059 C CG  . GLU A 1 150 ? 11.270  19.936  -11.018 1.00 44.77 ? 150 GLU A CG  1 
ATOM   1060 C CD  . GLU A 1 150 ? 12.218  18.891  -11.566 1.00 51.02 ? 150 GLU A CD  1 
ATOM   1061 O OE1 . GLU A 1 150 ? 12.012  17.685  -11.303 1.00 52.12 ? 150 GLU A OE1 1 
ATOM   1062 O OE2 . GLU A 1 150 ? 13.175  19.281  -12.263 1.00 52.99 ? 150 GLU A OE2 1 
ATOM   1063 N N   . ARG A 1 151 ? 8.318   20.062  -7.231  1.00 39.96 ? 151 ARG A N   1 
ATOM   1064 C CA  . ARG A 1 151 ? 7.374   19.438  -6.309  1.00 46.77 ? 151 ARG A CA  1 
ATOM   1065 C C   . ARG A 1 151 ? 5.928   19.770  -6.701  1.00 40.33 ? 151 ARG A C   1 
ATOM   1066 O O   . ARG A 1 151 ? 5.062   18.896  -6.719  1.00 37.76 ? 151 ARG A O   1 
ATOM   1067 C CB  . ARG A 1 151 ? 7.667   19.821  -4.851  1.00 44.87 ? 151 ARG A CB  1 
ATOM   1068 C CG  . ARG A 1 151 ? 6.916   18.960  -3.826  1.00 41.16 ? 151 ARG A CG  1 
ATOM   1069 C CD  . ARG A 1 151 ? 7.137   19.431  -2.388  1.00 39.29 ? 151 ARG A CD  1 
ATOM   1070 N NE  . ARG A 1 151 ? 6.436   18.596  -1.408  1.00 36.63 ? 151 ARG A NE  1 
ATOM   1071 C CZ  . ARG A 1 151 ? 5.149   18.716  -1.089  1.00 35.45 ? 151 ARG A CZ  1 
ATOM   1072 N NH1 . ARG A 1 151 ? 4.388   19.640  -1.675  1.00 37.17 ? 151 ARG A NH1 1 
ATOM   1073 N NH2 . ARG A 1 151 ? 4.618   17.910  -0.182  1.00 29.56 ? 151 ARG A NH2 1 
ATOM   1074 N N   . ALA A 1 152 ? 5.686   21.028  -7.045  1.00 40.31 ? 152 ALA A N   1 
ATOM   1075 C CA  . ALA A 1 152 ? 4.356   21.474  -7.446  1.00 43.00 ? 152 ALA A CA  1 
ATOM   1076 C C   . ALA A 1 152 ? 3.845   20.761  -8.696  1.00 43.00 ? 152 ALA A C   1 
ATOM   1077 O O   . ALA A 1 152 ? 2.772   20.157  -8.676  1.00 44.21 ? 152 ALA A O   1 
ATOM   1078 C CB  . ALA A 1 152 ? 4.345   22.984  -7.654  1.00 43.77 ? 152 ALA A CB  1 
ATOM   1079 N N   . LYS A 1 153 ? 4.613   20.836  -9.779  1.00 43.38 ? 153 LYS A N   1 
ATOM   1080 C CA  . LYS A 1 153 ? 4.192   20.258  -11.050 1.00 47.64 ? 153 LYS A CA  1 
ATOM   1081 C C   . LYS A 1 153 ? 3.916   18.762  -10.910 1.00 45.17 ? 153 LYS A C   1 
ATOM   1082 O O   . LYS A 1 153 ? 2.937   18.241  -11.449 1.00 42.41 ? 153 LYS A O   1 
ATOM   1083 C CB  . LYS A 1 153 ? 5.218   20.541  -12.162 1.00 40.90 ? 153 LYS A CB  1 
ATOM   1084 C CG  . LYS A 1 153 ? 5.465   22.029  -12.389 1.00 48.39 ? 153 LYS A CG  1 
ATOM   1085 C CD  . LYS A 1 153 ? 5.516   22.416  -13.872 1.00 57.32 ? 153 LYS A CD  1 
ATOM   1086 C CE  . LYS A 1 153 ? 5.595   23.943  -14.036 1.00 53.84 ? 153 LYS A CE  1 
ATOM   1087 N NZ  . LYS A 1 153 ? 5.689   24.403  -15.454 1.00 56.24 ? 153 LYS A NZ  1 
ATOM   1088 N N   . LYS A 1 154 ? 4.770   18.076  -10.163 1.00 45.01 ? 154 LYS A N   1 
ATOM   1089 C CA  . LYS A 1 154 ? 4.611   16.641  -9.974  1.00 44.01 ? 154 LYS A CA  1 
ATOM   1090 C C   . LYS A 1 154 ? 3.397   16.303  -9.107  1.00 42.07 ? 154 LYS A C   1 
ATOM   1091 O O   . LYS A 1 154 ? 2.748   15.280  -9.307  1.00 44.04 ? 154 LYS A O   1 
ATOM   1092 C CB  . LYS A 1 154 ? 5.890   16.029  -9.396  1.00 41.42 ? 154 LYS A CB  1 
ATOM   1093 C CG  . LYS A 1 154 ? 7.118   16.229  -10.275 1.00 46.31 ? 154 LYS A CG  1 
ATOM   1094 C CD  . LYS A 1 154 ? 8.235   15.272  -9.900  1.00 51.84 ? 154 LYS A CD  1 
ATOM   1095 C CE  . LYS A 1 154 ? 9.408   15.389  -10.869 1.00 60.10 ? 154 LYS A CE  1 
ATOM   1096 N NZ  . LYS A 1 154 ? 8.955   15.528  -12.282 1.00 54.81 ? 154 LYS A NZ  1 
ATOM   1097 N N   . LEU A 1 155 ? 3.076   17.170  -8.159  1.00 39.79 ? 155 LEU A N   1 
ATOM   1098 C CA  . LEU A 1 155 ? 1.984   16.881  -7.241  1.00 43.93 ? 155 LEU A CA  1 
ATOM   1099 C C   . LEU A 1 155 ? 0.618   16.861  -7.929  1.00 43.87 ? 155 LEU A C   1 
ATOM   1100 O O   . LEU A 1 155 ? -0.210  15.986  -7.657  1.00 42.98 ? 155 LEU A O   1 
ATOM   1101 C CB  . LEU A 1 155 ? 1.981   17.862  -6.067  1.00 45.72 ? 155 LEU A CB  1 
ATOM   1102 C CG  . LEU A 1 155 ? 1.753   17.185  -4.713  1.00 47.62 ? 155 LEU A CG  1 
ATOM   1103 C CD1 . LEU A 1 155 ? 2.801   16.106  -4.509  1.00 30.62 ? 155 LEU A CD1 1 
ATOM   1104 C CD2 . LEU A 1 155 ? 1.765   18.186  -3.559  1.00 43.73 ? 155 LEU A CD2 1 
ATOM   1105 N N   . GLU A 1 156 ? 0.361   17.813  -8.816  1.00 44.93 ? 156 GLU A N   1 
ATOM   1106 C CA  . GLU A 1 156 ? -0.951  17.823  -9.449  1.00 45.43 ? 156 GLU A CA  1 
ATOM   1107 C C   . GLU A 1 156 ? -1.053  16.850  -10.596 1.00 40.58 ? 156 GLU A C   1 
ATOM   1108 O O   . GLU A 1 156 ? -2.148  16.449  -10.959 1.00 43.00 ? 156 GLU A O   1 
ATOM   1109 C CB  . GLU A 1 156 ? -1.352  19.195  -9.943  1.00 48.79 ? 156 GLU A CB  1 
ATOM   1110 C CG  . GLU A 1 156 ? -2.863  19.311  -10.187 1.00 50.16 ? 156 GLU A CG  1 
ATOM   1111 C CD  . GLU A 1 156 ? -3.675  19.408  -8.894  1.00 49.83 ? 156 GLU A CD  1 
ATOM   1112 O OE1 . GLU A 1 156 ? -4.875  19.068  -8.920  1.00 47.16 ? 156 GLU A OE1 1 
ATOM   1113 O OE2 . GLU A 1 156 ? -3.124  19.825  -7.851  1.00 47.69 ? 156 GLU A OE2 1 
ATOM   1114 N N   . GLU A 1 157 ? 0.077   16.487  -11.188 1.00 39.48 ? 157 GLU A N   1 
ATOM   1115 C CA  . GLU A 1 157 ? 0.048   15.406  -12.154 1.00 41.86 ? 157 GLU A CA  1 
ATOM   1116 C C   . GLU A 1 157 ? -0.588  14.181  -11.495 1.00 39.55 ? 157 GLU A C   1 
ATOM   1117 O O   . GLU A 1 157 ? -1.421  13.507  -12.104 1.00 38.14 ? 157 GLU A O   1 
ATOM   1118 C CB  . GLU A 1 157 ? 1.444   15.112  -12.712 1.00 40.85 ? 157 GLU A CB  1 
ATOM   1119 C CG  . GLU A 1 157 ? 1.758   15.944  -13.949 1.00 49.24 ? 157 GLU A CG  1 
ATOM   1120 C CD  . GLU A 1 157 ? 3.217   15.892  -14.364 1.00 63.95 ? 157 GLU A CD  1 
ATOM   1121 O OE1 . GLU A 1 157 ? 3.599   16.690  -15.246 1.00 73.08 ? 157 GLU A OE1 1 
ATOM   1122 O OE2 . GLU A 1 157 ? 3.981   15.065  -13.814 1.00 55.06 ? 157 GLU A OE2 1 
ATOM   1123 N N   . HIS A 1 158 ? -0.225  13.915  -10.240 1.00 32.73 ? 158 HIS A N   1 
ATOM   1124 C CA  . HIS A 1 158 ? -0.842  12.809  -9.503  1.00 35.02 ? 158 HIS A CA  1 
ATOM   1125 C C   . HIS A 1 158 ? -2.300  13.094  -9.109  1.00 34.78 ? 158 HIS A C   1 
ATOM   1126 O O   . HIS A 1 158 ? -3.175  12.258  -9.321  1.00 35.00 ? 158 HIS A O   1 
ATOM   1127 C CB  . HIS A 1 158 ? 0.000   12.403  -8.282  1.00 27.02 ? 158 HIS A CB  1 
ATOM   1128 C CG  . HIS A 1 158 ? 1.282   11.711  -8.641  1.00 30.29 ? 158 HIS A CG  1 
ATOM   1129 N ND1 . HIS A 1 158 ? 1.321   10.415  -9.115  1.00 27.34 ? 158 HIS A ND1 1 
ATOM   1130 C CD2 . HIS A 1 158 ? 2.568   12.133  -8.593  1.00 26.86 ? 158 HIS A CD2 1 
ATOM   1131 C CE1 . HIS A 1 158 ? 2.577   10.073  -9.346  1.00 31.35 ? 158 HIS A CE1 1 
ATOM   1132 N NE2 . HIS A 1 158 ? 3.351   11.098  -9.035  1.00 29.97 ? 158 HIS A NE2 1 
ATOM   1133 N N   . ARG A 1 159 ? -2.566  14.271  -8.552  1.00 33.53 ? 159 ARG A N   1 
ATOM   1134 C CA  . ARG A 1 159 ? -3.931  14.607  -8.140  1.00 38.13 ? 159 ARG A CA  1 
ATOM   1135 C C   . ARG A 1 159 ? -4.913  14.735  -9.310  1.00 40.56 ? 159 ARG A C   1 
ATOM   1136 O O   . ARG A 1 159 ? -6.073  14.349  -9.186  1.00 39.08 ? 159 ARG A O   1 
ATOM   1137 C CB  . ARG A 1 159 ? -3.968  15.880  -7.292  1.00 41.07 ? 159 ARG A CB  1 
ATOM   1138 C CG  . ARG A 1 159 ? -4.031  15.623  -5.798  1.00 45.55 ? 159 ARG A CG  1 
ATOM   1139 C CD  . ARG A 1 159 ? -2.771  16.052  -5.075  1.00 42.18 ? 159 ARG A CD  1 
ATOM   1140 N NE  . ARG A 1 159 ? -2.399  17.434  -5.369  1.00 47.20 ? 159 ARG A NE  1 
ATOM   1141 C CZ  . ARG A 1 159 ? -1.836  18.258  -4.489  1.00 52.13 ? 159 ARG A CZ  1 
ATOM   1142 N NH1 . ARG A 1 159 ? -1.518  19.496  -4.844  1.00 50.26 ? 159 ARG A NH1 1 
ATOM   1143 N NH2 . ARG A 1 159 ? -1.605  17.848  -3.249  1.00 48.91 ? 159 ARG A NH2 1 
ATOM   1144 N N   . LYS A 1 160 ? -4.435  15.269  -10.434 1.00 39.43 ? 160 LYS A N   1 
ATOM   1145 C CA  . LYS A 1 160 ? -5.251  15.474  -11.635 1.00 40.93 ? 160 LYS A CA  1 
ATOM   1146 C C   . LYS A 1 160 ? -5.616  14.169  -12.346 1.00 43.29 ? 160 LYS A C   1 
ATOM   1147 O O   . LYS A 1 160 ? -6.683  14.052  -12.959 1.00 40.96 ? 160 LYS A O   1 
ATOM   1148 C CB  . LYS A 1 160 ? -4.515  16.395  -12.613 1.00 43.70 ? 160 LYS A CB  1 
ATOM   1149 C CG  . LYS A 1 160 ? -4.978  16.273  -14.059 1.00 49.53 ? 160 LYS A CG  1 
ATOM   1150 C CD  . LYS A 1 160 ? -4.099  17.092  -14.996 1.00 52.51 ? 160 LYS A CD  1 
ATOM   1151 C CE  . LYS A 1 160 ? -2.634  16.697  -14.875 1.00 55.44 ? 160 LYS A CE  1 
ATOM   1152 N NZ  . LYS A 1 160 ? -2.360  15.287  -15.300 1.00 50.25 ? 160 LYS A NZ  1 
ATOM   1153 N N   . VAL A 1 161 ? -4.718  13.194  -12.265 1.00 35.74 ? 161 VAL A N   1 
ATOM   1154 C CA  . VAL A 1 161 ? -4.897  11.936  -12.962 1.00 36.03 ? 161 VAL A CA  1 
ATOM   1155 C C   . VAL A 1 161 ? -5.752  10.987  -12.140 1.00 39.90 ? 161 VAL A C   1 
ATOM   1156 O O   . VAL A 1 161 ? -6.698  10.389  -12.655 1.00 39.68 ? 161 VAL A O   1 
ATOM   1157 C CB  . VAL A 1 161 ? -3.548  11.272  -13.264 1.00 40.34 ? 161 VAL A CB  1 
ATOM   1158 C CG1 . VAL A 1 161 ? -3.743  9.811   -13.639 1.00 39.12 ? 161 VAL A CG1 1 
ATOM   1159 C CG2 . VAL A 1 161 ? -2.825  12.028  -14.368 1.00 40.09 ? 161 VAL A CG2 1 
ATOM   1160 N N   . PHE A 1 162 ? -5.421  10.851  -10.860 1.00 38.81 ? 162 PHE A N   1 
ATOM   1161 C CA  . PHE A 1 162 ? -6.185  9.971   -9.987  1.00 40.88 ? 162 PHE A CA  1 
ATOM   1162 C C   . PHE A 1 162 ? -7.618  10.492  -9.768  1.00 42.51 ? 162 PHE A C   1 
ATOM   1163 O O   . PHE A 1 162 ? -8.551  9.703   -9.633  1.00 41.09 ? 162 PHE A O   1 
ATOM   1164 C CB  . PHE A 1 162 ? -5.458  9.736   -8.650  1.00 35.34 ? 162 PHE A CB  1 
ATOM   1165 C CG  . PHE A 1 162 ? -4.253  8.822   -8.755  1.00 34.90 ? 162 PHE A CG  1 
ATOM   1166 C CD1 . PHE A 1 162 ? -4.408  7.471   -9.051  1.00 34.90 ? 162 PHE A CD1 1 
ATOM   1167 C CD2 . PHE A 1 162 ? -2.965  9.313   -8.543  1.00 29.76 ? 162 PHE A CD2 1 
ATOM   1168 C CE1 . PHE A 1 162 ? -3.306  6.629   -9.149  1.00 33.35 ? 162 PHE A CE1 1 
ATOM   1169 C CE2 . PHE A 1 162 ? -1.861  8.483   -8.641  1.00 28.80 ? 162 PHE A CE2 1 
ATOM   1170 C CZ  . PHE A 1 162 ? -2.030  7.135   -8.943  1.00 30.53 ? 162 PHE A CZ  1 
ATOM   1171 N N   . SER A 1 163 ? -7.793  11.814  -9.758  1.00 44.08 ? 163 SER A N   1 
ATOM   1172 C CA  . SER A 1 163 ? -9.113  12.407  -9.508  1.00 40.68 ? 163 SER A CA  1 
ATOM   1173 C C   . SER A 1 163 ? -10.102 12.191  -10.654 1.00 48.07 ? 163 SER A C   1 
ATOM   1174 O O   . SER A 1 163 ? -11.261 12.600  -10.564 1.00 51.52 ? 163 SER A O   1 
ATOM   1175 C CB  . SER A 1 163 ? -9.001  13.910  -9.249  1.00 45.61 ? 163 SER A CB  1 
ATOM   1176 O OG  . SER A 1 163 ? -9.248  14.642  -10.443 1.00 45.34 ? 163 SER A OG  1 
ATOM   1177 N N   . LYS A 1 164 ? -9.640  11.582  -11.741 1.00 43.94 ? 164 LYS A N   1 
ATOM   1178 C CA  . LYS A 1 164 ? -10.522 11.275  -12.856 1.00 46.30 ? 164 LYS A CA  1 
ATOM   1179 C C   . LYS A 1 164 ? -11.113 9.883   -12.674 1.00 46.97 ? 164 LYS A C   1 
ATOM   1180 O O   . LYS A 1 164 ? -11.865 9.406   -13.520 1.00 46.19 ? 164 LYS A O   1 
ATOM   1181 C CB  . LYS A 1 164 ? -9.773  11.392  -14.186 1.00 52.14 ? 164 LYS A CB  1 
ATOM   1182 C CG  . LYS A 1 164 ? -9.305  12.814  -14.497 1.00 54.22 ? 164 LYS A CG  1 
ATOM   1183 C CD  . LYS A 1 164 ? -8.338  12.864  -15.678 1.00 52.57 ? 164 LYS A CD  1 
ATOM   1184 C CE  . LYS A 1 164 ? -7.904  14.303  -15.969 1.00 63.91 ? 164 LYS A CE  1 
ATOM   1185 N NZ  . LYS A 1 164 ? -6.859  14.401  -17.033 1.00 58.59 ? 164 LYS A NZ  1 
ATOM   1186 N N   . TYR A 1 165 ? -10.755 9.245   -11.558 1.00 47.51 ? 165 TYR A N   1 
ATOM   1187 C CA  . TYR A 1 165 ? -11.308 7.954   -11.152 1.00 42.13 ? 165 TYR A CA  1 
ATOM   1188 C C   . TYR A 1 165 ? -12.213 8.095   -9.930  1.00 42.59 ? 165 TYR A C   1 
ATOM   1189 O O   . TYR A 1 165 ? -13.000 7.199   -9.614  1.00 40.47 ? 165 TYR A O   1 
ATOM   1190 C CB  . TYR A 1 165 ? -10.182 6.983   -10.822 1.00 47.53 ? 165 TYR A CB  1 
ATOM   1191 C CG  . TYR A 1 165 ? -9.473  6.460   -12.038 1.00 52.69 ? 165 TYR A CG  1 
ATOM   1192 C CD1 . TYR A 1 165 ? -9.815  5.229   -12.585 1.00 47.86 ? 165 TYR A CD1 1 
ATOM   1193 C CD2 . TYR A 1 165 ? -8.470  7.201   -12.653 1.00 50.82 ? 165 TYR A CD2 1 
ATOM   1194 C CE1 . TYR A 1 165 ? -9.178  4.749   -13.703 1.00 50.79 ? 165 TYR A CE1 1 
ATOM   1195 C CE2 . TYR A 1 165 ? -7.823  6.725   -13.778 1.00 51.26 ? 165 TYR A CE2 1 
ATOM   1196 C CZ  . TYR A 1 165 ? -8.181  5.496   -14.298 1.00 54.67 ? 165 TYR A CZ  1 
ATOM   1197 O OH  . TYR A 1 165 ? -7.542  5.011   -15.422 1.00 57.32 ? 165 TYR A OH  1 
ATOM   1198 N N   . GLY A 1 166 ? -12.090 9.224   -9.238  1.00 38.40 ? 166 GLY A N   1 
ATOM   1199 C CA  . GLY A 1 166 ? -12.846 9.457   -8.024  1.00 39.01 ? 166 GLY A CA  1 
ATOM   1200 C C   . GLY A 1 166 ? -12.177 10.503  -7.159  1.00 41.07 ? 166 GLY A C   1 
ATOM   1201 O O   . GLY A 1 166 ? -11.215 11.145  -7.592  1.00 42.96 ? 166 GLY A O   1 
ATOM   1202 N N   . GLU A 1 167 ? -12.696 10.673  -5.944  1.00 34.37 ? 167 GLU A N   1 
ATOM   1203 C CA  . GLU A 1 167 ? -12.114 11.577  -4.953  1.00 39.81 ? 167 GLU A CA  1 
ATOM   1204 C C   . GLU A 1 167 ? -11.396 10.808  -3.847  1.00 37.80 ? 167 GLU A C   1 
ATOM   1205 O O   . GLU A 1 167 ? -11.986 10.493  -2.809  1.00 32.47 ? 167 GLU A O   1 
ATOM   1206 C CB  . GLU A 1 167 ? -13.183 12.482  -4.345  1.00 35.23 ? 167 GLU A CB  1 
ATOM   1207 C CG  . GLU A 1 167 ? -13.379 13.773  -5.116  1.00 44.97 ? 167 GLU A CG  1 
ATOM   1208 C CD  . GLU A 1 167 ? -12.195 14.714  -4.971  1.00 50.23 ? 167 GLU A CD  1 
ATOM   1209 O OE1 . GLU A 1 167 ? -12.214 15.807  -5.590  1.00 46.51 ? 167 GLU A OE1 1 
ATOM   1210 O OE2 . GLU A 1 167 ? -11.249 14.362  -4.228  1.00 40.95 ? 167 GLU A OE2 1 
ATOM   1211 N N   . TYR A 1 168 ? -10.110 10.545  -4.071  1.00 37.18 ? 168 TYR A N   1 
ATOM   1212 C CA  . TYR A 1 168 ? -9.324  9.674   -3.210  1.00 28.62 ? 168 TYR A CA  1 
ATOM   1213 C C   . TYR A 1 168 ? -8.352  10.417  -2.291  1.00 30.51 ? 168 TYR A C   1 
ATOM   1214 O O   . TYR A 1 168 ? -7.885  11.504  -2.617  1.00 31.03 ? 168 TYR A O   1 
ATOM   1215 C CB  . TYR A 1 168 ? -8.543  8.694   -4.075  1.00 32.51 ? 168 TYR A CB  1 
ATOM   1216 C CG  . TYR A 1 168 ? -9.409  7.911   -5.029  1.00 37.56 ? 168 TYR A CG  1 
ATOM   1217 C CD1 . TYR A 1 168 ? -10.524 7.218   -4.572  1.00 32.37 ? 168 TYR A CD1 1 
ATOM   1218 C CD2 . TYR A 1 168 ? -9.104  7.849   -6.383  1.00 38.68 ? 168 TYR A CD2 1 
ATOM   1219 C CE1 . TYR A 1 168 ? -11.320 6.503   -5.432  1.00 32.95 ? 168 TYR A CE1 1 
ATOM   1220 C CE2 . TYR A 1 168 ? -9.897  7.126   -7.254  1.00 39.48 ? 168 TYR A CE2 1 
ATOM   1221 C CZ  . TYR A 1 168 ? -11.003 6.455   -6.771  1.00 38.69 ? 168 TYR A CZ  1 
ATOM   1222 O OH  . TYR A 1 168 ? -11.795 5.731   -7.635  1.00 43.47 ? 168 TYR A OH  1 
ATOM   1223 N N   . THR A 1 169 ? -8.041  9.806   -1.150  1.00 32.18 ? 169 THR A N   1 
ATOM   1224 C CA  . THR A 1 169 ? -6.999  10.296  -0.245  1.00 28.87 ? 169 THR A CA  1 
ATOM   1225 C C   . THR A 1 169 ? -5.613  10.041  -0.826  1.00 27.78 ? 169 THR A C   1 
ATOM   1226 O O   . THR A 1 169 ? -5.266  8.903   -1.134  1.00 25.68 ? 169 THR A O   1 
ATOM   1227 C CB  . THR A 1 169 ? -7.060  9.580   1.112   1.00 24.84 ? 169 THR A CB  1 
ATOM   1228 O OG1 . THR A 1 169 ? -8.369  9.719   1.669   1.00 30.76 ? 169 THR A OG1 1 
ATOM   1229 C CG2 . THR A 1 169 ? -6.020  10.150  2.081   1.00 20.03 ? 169 THR A CG2 1 
ATOM   1230 N N   . ILE A 1 170 ? -4.824  11.102  -0.974  1.00 29.35 ? 170 ILE A N   1 
ATOM   1231 C CA  . ILE A 1 170 ? -3.473  10.990  -1.504  1.00 23.63 ? 170 ILE A CA  1 
ATOM   1232 C C   . ILE A 1 170 ? -2.498  11.520  -0.468  1.00 25.55 ? 170 ILE A C   1 
ATOM   1233 O O   . ILE A 1 170 ? -2.573  12.690  -0.102  1.00 27.59 ? 170 ILE A O   1 
ATOM   1234 C CB  . ILE A 1 170 ? -3.299  11.799  -2.811  1.00 28.16 ? 170 ILE A CB  1 
ATOM   1235 C CG1 . ILE A 1 170 ? -4.239  11.285  -3.907  1.00 31.41 ? 170 ILE A CG1 1 
ATOM   1236 C CG2 . ILE A 1 170 ? -1.861  11.734  -3.289  1.00 24.29 ? 170 ILE A CG2 1 
ATOM   1237 C CD1 . ILE A 1 170 ? -3.959  11.875  -5.281  1.00 35.83 ? 170 ILE A CD1 1 
ATOM   1238 N N   . ILE A 1 171 ? -1.599  10.660  0.014   1.00 23.89 ? 171 ILE A N   1 
ATOM   1239 C CA  . ILE A 1 171 ? -0.647  11.045  1.053   1.00 22.74 ? 171 ILE A CA  1 
ATOM   1240 C C   . ILE A 1 171 ? 0.787   11.098  0.526   1.00 25.28 ? 171 ILE A C   1 
ATOM   1241 O O   . ILE A 1 171 ? 1.380   10.059  0.231   1.00 21.70 ? 171 ILE A O   1 
ATOM   1242 C CB  . ILE A 1 171 ? -0.671  10.077  2.255   1.00 23.41 ? 171 ILE A CB  1 
ATOM   1243 C CG1 . ILE A 1 171 ? -2.089  9.916   2.807   1.00 28.14 ? 171 ILE A CG1 1 
ATOM   1244 C CG2 . ILE A 1 171 ? 0.277   10.559  3.349   1.00 24.47 ? 171 ILE A CG2 1 
ATOM   1245 C CD1 . ILE A 1 171 ? -2.213  8.772   3.804   1.00 23.18 ? 171 ILE A CD1 1 
ATOM   1246 N N   . PRO A 1 172 ? 1.346   12.314  0.414   1.00 21.76 ? 172 PRO A N   1 
ATOM   1247 C CA  . PRO A 1 172 ? 2.752   12.503  0.048   1.00 21.73 ? 172 PRO A CA  1 
ATOM   1248 C C   . PRO A 1 172 ? 3.619   12.008  1.196   1.00 25.82 ? 172 PRO A C   1 
ATOM   1249 O O   . PRO A 1 172 ? 3.390   12.382  2.341   1.00 27.37 ? 172 PRO A O   1 
ATOM   1250 C CB  . PRO A 1 172 ? 2.883   14.027  -0.104  1.00 26.31 ? 172 PRO A CB  1 
ATOM   1251 C CG  . PRO A 1 172 ? 1.457   14.532  -0.279  1.00 22.85 ? 172 PRO A CG  1 
ATOM   1252 C CD  . PRO A 1 172 ? 0.630   13.596  0.552   1.00 22.09 ? 172 PRO A CD  1 
ATOM   1253 N N   . THR A 1 173 ? 4.573   11.136  0.900   1.00 20.43 ? 173 THR A N   1 
ATOM   1254 C CA  . THR A 1 173 ? 5.373   10.526  1.943   1.00 24.21 ? 173 THR A CA  1 
ATOM   1255 C C   . THR A 1 173 ? 6.839   10.460  1.544   1.00 24.58 ? 173 THR A C   1 
ATOM   1256 O O   . THR A 1 173 ? 7.170   10.490  0.354   1.00 22.29 ? 173 THR A O   1 
ATOM   1257 C CB  . THR A 1 173 ? 4.886   9.091   2.295   1.00 25.68 ? 173 THR A CB  1 
ATOM   1258 O OG1 . THR A 1 173 ? 5.351   8.163   1.306   1.00 24.66 ? 173 THR A OG1 1 
ATOM   1259 C CG2 . THR A 1 173 ? 3.353   9.038   2.385   1.00 22.10 ? 173 THR A CG2 1 
ATOM   1260 N N   . SER A 1 174 ? 7.695   10.373  2.563   1.00 22.50 ? 174 SER A N   1 
ATOM   1261 C CA  . SER A 1 174 ? 9.116   10.081  2.421   1.00 21.79 ? 174 SER A CA  1 
ATOM   1262 C C   . SER A 1 174 ? 9.558   9.246   3.624   1.00 29.70 ? 174 SER A C   1 
ATOM   1263 O O   . SER A 1 174 ? 9.331   9.630   4.779   1.00 26.06 ? 174 SER A O   1 
ATOM   1264 C CB  . SER A 1 174 ? 9.958   11.367  2.379   1.00 25.80 ? 174 SER A CB  1 
ATOM   1265 O OG  . SER A 1 174 ? 11.347  11.086  2.508   1.00 25.02 ? 174 SER A OG  1 
ATOM   1266 N N   . SER A 1 175 ? 10.202  8.113   3.361   1.00 25.26 ? 175 SER A N   1 
ATOM   1267 C CA  . SER A 1 175 ? 10.693  7.274   4.448   1.00 28.56 ? 175 SER A CA  1 
ATOM   1268 C C   . SER A 1 175 ? 12.022  7.815   4.986   1.00 31.31 ? 175 SER A C   1 
ATOM   1269 O O   . SER A 1 175 ? 12.555  7.293   5.963   1.00 31.68 ? 175 SER A O   1 
ATOM   1270 C CB  . SER A 1 175 ? 10.816  5.808   4.010   1.00 25.50 ? 175 SER A CB  1 
ATOM   1271 O OG  . SER A 1 175 ? 11.766  5.657   2.976   1.00 32.04 ? 175 SER A OG  1 
ATOM   1272 N N   . VAL A 1 176 ? 12.522  8.880   4.354   1.00 30.69 ? 176 VAL A N   1 
ATOM   1273 C CA  . VAL A 1 176 ? 13.764  9.545   4.761   1.00 30.59 ? 176 VAL A CA  1 
ATOM   1274 C C   . VAL A 1 176 ? 13.507  10.774  5.639   1.00 33.24 ? 176 VAL A C   1 
ATOM   1275 O O   . VAL A 1 176 ? 14.140  10.933  6.683   1.00 32.96 ? 176 VAL A O   1 
ATOM   1276 C CB  . VAL A 1 176 ? 14.609  9.992   3.539   1.00 28.51 ? 176 VAL A CB  1 
ATOM   1277 C CG1 . VAL A 1 176 ? 15.786  10.884  3.976   1.00 27.31 ? 176 VAL A CG1 1 
ATOM   1278 C CG2 . VAL A 1 176 ? 15.088  8.789   2.740   1.00 25.00 ? 176 VAL A CG2 1 
ATOM   1279 N N   . THR A 1 177 ? 12.590  11.644  5.217   1.00 29.93 ? 177 THR A N   1 
ATOM   1280 C CA  . THR A 1 177 ? 12.307  12.867  5.970   1.00 28.13 ? 177 THR A CA  1 
ATOM   1281 C C   . THR A 1 177 ? 11.227  12.662  7.036   1.00 32.48 ? 177 THR A C   1 
ATOM   1282 O O   . THR A 1 177 ? 11.119  13.436  7.996   1.00 29.31 ? 177 THR A O   1 
ATOM   1283 C CB  . THR A 1 177 ? 11.885  14.056  5.048   1.00 30.91 ? 177 THR A CB  1 
ATOM   1284 O OG1 . THR A 1 177 ? 10.603  13.795  4.468   1.00 26.36 ? 177 THR A OG1 1 
ATOM   1285 C CG2 . THR A 1 177 ? 12.907  14.304  3.941   1.00 27.26 ? 177 THR A CG2 1 
ATOM   1286 N N   . GLY A 1 178 ? 10.418  11.626  6.863   1.00 28.19 ? 178 GLY A N   1 
ATOM   1287 C CA  . GLY A 1 178 ? 9.306   11.412  7.770   1.00 28.30 ? 178 GLY A CA  1 
ATOM   1288 C C   . GLY A 1 178 ? 7.993   12.020  7.306   1.00 26.61 ? 178 GLY A C   1 
ATOM   1289 O O   . GLY A 1 178 ? 6.965   11.819  7.943   1.00 31.85 ? 178 GLY A O   1 
ATOM   1290 N N   . GLU A 1 179 ? 8.024   12.763  6.205   1.00 27.55 ? 179 GLU A N   1 
ATOM   1291 C CA  . GLU A 1 179 ? 6.808   13.323  5.599   1.00 28.93 ? 179 GLU A CA  1 
ATOM   1292 C C   . GLU A 1 179 ? 5.714   12.260  5.360   1.00 27.49 ? 179 GLU A C   1 
ATOM   1293 O O   . GLU A 1 179 ? 5.965   11.227  4.742   1.00 22.87 ? 179 GLU A O   1 
ATOM   1294 C CB  . GLU A 1 179 ? 7.168   14.010  4.277   1.00 25.76 ? 179 GLU A CB  1 
ATOM   1295 C CG  . GLU A 1 179 ? 6.025   14.723  3.584   1.00 26.15 ? 179 GLU A CG  1 
ATOM   1296 C CD  . GLU A 1 179 ? 6.444   15.343  2.260   1.00 25.51 ? 179 GLU A CD  1 
ATOM   1297 O OE1 . GLU A 1 179 ? 5.570   15.837  1.524   1.00 26.31 ? 179 GLU A OE1 1 
ATOM   1298 O OE2 . GLU A 1 179 ? 7.650   15.328  1.948   1.00 26.43 ? 179 GLU A OE2 1 
ATOM   1299 N N   . GLY A 1 180 ? 4.511   12.515  5.872   1.00 27.68 ? 180 GLY A N   1 
ATOM   1300 C CA  . GLY A 1 180 ? 3.364   11.655  5.625   1.00 24.30 ? 180 GLY A CA  1 
ATOM   1301 C C   . GLY A 1 180 ? 3.252   10.438  6.526   1.00 26.05 ? 180 GLY A C   1 
ATOM   1302 O O   . GLY A 1 180 ? 2.198   9.810   6.597   1.00 26.53 ? 180 GLY A O   1 
ATOM   1303 N N   . ILE A 1 181 ? 4.336   10.105  7.216   1.00 27.88 ? 181 ILE A N   1 
ATOM   1304 C CA  . ILE A 1 181 ? 4.367   8.924   8.068   1.00 27.71 ? 181 ILE A CA  1 
ATOM   1305 C C   . ILE A 1 181 ? 3.358   9.059   9.212   1.00 34.34 ? 181 ILE A C   1 
ATOM   1306 O O   . ILE A 1 181 ? 2.552   8.153   9.454   1.00 34.80 ? 181 ILE A O   1 
ATOM   1307 C CB  . ILE A 1 181 ? 5.788   8.651   8.614   1.00 29.20 ? 181 ILE A CB  1 
ATOM   1308 C CG1 . ILE A 1 181 ? 6.784   8.430   7.463   1.00 28.21 ? 181 ILE A CG1 1 
ATOM   1309 C CG2 . ILE A 1 181 ? 5.781   7.463   9.556   1.00 30.55 ? 181 ILE A CG2 1 
ATOM   1310 C CD1 . ILE A 1 181 ? 6.515   7.197   6.597   1.00 22.92 ? 181 ILE A CD1 1 
ATOM   1311 N N   . SER A 1 182 ? 3.391   10.199  9.895   1.00 29.58 ? 182 SER A N   1 
ATOM   1312 C CA  . SER A 1 182 ? 2.436   10.475  10.966  1.00 28.88 ? 182 SER A CA  1 
ATOM   1313 C C   . SER A 1 182 ? 0.997   10.291  10.507  1.00 29.12 ? 182 SER A C   1 
ATOM   1314 O O   . SER A 1 182 ? 0.199   9.633   11.176  1.00 30.60 ? 182 SER A O   1 
ATOM   1315 C CB  . SER A 1 182 ? 2.636   11.892  11.510  1.00 31.75 ? 182 SER A CB  1 
ATOM   1316 O OG  . SER A 1 182 ? 1.738   12.153  12.572  1.00 42.40 ? 182 SER A OG  1 
ATOM   1317 N N   . GLU A 1 183 ? 0.662   10.872  9.361   1.00 28.48 ? 183 GLU A N   1 
ATOM   1318 C CA  . GLU A 1 183 ? -0.691  10.754  8.833   1.00 27.85 ? 183 GLU A CA  1 
ATOM   1319 C C   . GLU A 1 183 ? -1.035  9.316   8.415   1.00 25.84 ? 183 GLU A C   1 
ATOM   1320 O O   . GLU A 1 183 ? -2.131  8.838   8.679   1.00 30.43 ? 183 GLU A O   1 
ATOM   1321 C CB  . GLU A 1 183 ? -0.920  11.727  7.672   1.00 27.21 ? 183 GLU A CB  1 
ATOM   1322 C CG  . GLU A 1 183 ? -2.267  11.534  6.977   1.00 31.63 ? 183 GLU A CG  1 
ATOM   1323 C CD  . GLU A 1 183 ? -2.561  12.583  5.903   1.00 41.85 ? 183 GLU A CD  1 
ATOM   1324 O OE1 . GLU A 1 183 ? -3.700  12.592  5.378   1.00 38.60 ? 183 GLU A OE1 1 
ATOM   1325 O OE2 . GLU A 1 183 ? -1.661  13.394  5.582   1.00 43.00 ? 183 GLU A OE2 1 
ATOM   1326 N N   . LEU A 1 184 ? -0.104  8.635   7.756   1.00 28.29 ? 184 LEU A N   1 
ATOM   1327 C CA  . LEU A 1 184 ? -0.315  7.237   7.389   1.00 26.86 ? 184 LEU A CA  1 
ATOM   1328 C C   . LEU A 1 184 ? -0.581  6.400   8.651   1.00 28.17 ? 184 LEU A C   1 
ATOM   1329 O O   . LEU A 1 184 ? -1.543  5.626   8.702   1.00 24.38 ? 184 LEU A O   1 
ATOM   1330 C CB  . LEU A 1 184 ? 0.877   6.700   6.590   1.00 21.61 ? 184 LEU A CB  1 
ATOM   1331 C CG  . LEU A 1 184 ? 0.681   5.466   5.692   1.00 25.51 ? 184 LEU A CG  1 
ATOM   1332 C CD1 . LEU A 1 184 ? -0.455  5.660   4.677   1.00 22.59 ? 184 LEU A CD1 1 
ATOM   1333 C CD2 . LEU A 1 184 ? 1.986   5.122   4.974   1.00 21.97 ? 184 LEU A CD2 1 
ATOM   1334 N N   . LEU A 1 185 ? 0.251   6.589   9.674   1.00 26.20 ? 185 LEU A N   1 
ATOM   1335 C CA  . LEU A 1 185 ? 0.078   5.899   10.954  1.00 25.19 ? 185 LEU A CA  1 
ATOM   1336 C C   . LEU A 1 185 ? -1.251  6.209   11.649  1.00 30.83 ? 185 LEU A C   1 
ATOM   1337 O O   . LEU A 1 185 ? -1.898  5.301   12.177  1.00 30.26 ? 185 LEU A O   1 
ATOM   1338 C CB  . LEU A 1 185 ? 1.254   6.169   11.893  1.00 31.62 ? 185 LEU A CB  1 
ATOM   1339 C CG  . LEU A 1 185 ? 2.495   5.299   11.655  1.00 41.49 ? 185 LEU A CG  1 
ATOM   1340 C CD1 . LEU A 1 185 ? 3.653   5.688   12.576  1.00 37.70 ? 185 LEU A CD1 1 
ATOM   1341 C CD2 . LEU A 1 185 ? 2.151   3.818   11.809  1.00 30.24 ? 185 LEU A CD2 1 
ATOM   1342 N N   . ASP A 1 186 ? -1.659  7.479   11.640  1.00 32.90 ? 186 ASP A N   1 
ATOM   1343 C CA  . ASP A 1 186 ? -2.952  7.892   12.194  1.00 29.31 ? 186 ASP A CA  1 
ATOM   1344 C C   . ASP A 1 186 ? -4.130  7.294   11.431  1.00 30.43 ? 186 ASP A C   1 
ATOM   1345 O O   . ASP A 1 186 ? -5.099  6.845   12.035  1.00 29.35 ? 186 ASP A O   1 
ATOM   1346 C CB  . ASP A 1 186 ? -3.076  9.414   12.208  1.00 34.46 ? 186 ASP A CB  1 
ATOM   1347 C CG  . ASP A 1 186 ? -2.436  10.038  13.423  1.00 47.36 ? 186 ASP A CG  1 
ATOM   1348 O OD1 . ASP A 1 186 ? -2.588  9.478   14.532  1.00 55.77 ? 186 ASP A OD1 1 
ATOM   1349 O OD2 . ASP A 1 186 ? -1.785  11.094  13.273  1.00 52.93 ? 186 ASP A OD2 1 
ATOM   1350 N N   . LEU A 1 187 ? -4.052  7.287   10.104  1.00 30.05 ? 187 LEU A N   1 
ATOM   1351 C CA  . LEU A 1 187 ? -5.068  6.606   9.304   1.00 28.24 ? 187 LEU A CA  1 
ATOM   1352 C C   . LEU A 1 187 ? -5.138  5.113   9.675   1.00 28.82 ? 187 LEU A C   1 
ATOM   1353 O O   . LEU A 1 187 ? -6.222  4.571   9.933   1.00 22.77 ? 187 LEU A O   1 
ATOM   1354 C CB  . LEU A 1 187 ? -4.805  6.776   7.803   1.00 23.94 ? 187 LEU A CB  1 
ATOM   1355 C CG  . LEU A 1 187 ? -5.710  5.891   6.929   1.00 28.43 ? 187 LEU A CG  1 
ATOM   1356 C CD1 . LEU A 1 187 ? -7.174  6.146   7.260   1.00 28.23 ? 187 LEU A CD1 1 
ATOM   1357 C CD2 . LEU A 1 187 ? -5.468  6.076   5.441   1.00 23.60 ? 187 LEU A CD2 1 
ATOM   1358 N N   . ILE A 1 188 ? -3.982  4.452   9.716   1.00 26.17 ? 188 ILE A N   1 
ATOM   1359 C CA  . ILE A 1 188 ? -3.967  3.025   10.029  1.00 26.78 ? 188 ILE A CA  1 
ATOM   1360 C C   . ILE A 1 188 ? -4.475  2.728   11.447  1.00 27.63 ? 188 ILE A C   1 
ATOM   1361 O O   . ILE A 1 188 ? -5.199  1.754   11.656  1.00 30.78 ? 188 ILE A O   1 
ATOM   1362 C CB  . ILE A 1 188 ? -2.600  2.379   9.766   1.00 26.10 ? 188 ILE A CB  1 
ATOM   1363 C CG1 . ILE A 1 188 ? -2.232  2.525   8.286   1.00 26.11 ? 188 ILE A CG1 1 
ATOM   1364 C CG2 . ILE A 1 188 ? -2.630  0.915   10.158  1.00 28.36 ? 188 ILE A CG2 1 
ATOM   1365 C CD1 . ILE A 1 188 ? -0.756  2.379   8.014   1.00 25.56 ? 188 ILE A CD1 1 
ATOM   1366 N N   . SER A 1 189 ? -4.139  3.581   12.408  1.00 30.16 ? 189 SER A N   1 
ATOM   1367 C CA  . SER A 1 189 ? -4.662  3.411   13.764  1.00 36.68 ? 189 SER A CA  1 
ATOM   1368 C C   . SER A 1 189 ? -6.184  3.552   13.825  1.00 35.89 ? 189 SER A C   1 
ATOM   1369 O O   . SER A 1 189 ? -6.858  2.764   14.488  1.00 39.43 ? 189 SER A O   1 
ATOM   1370 C CB  . SER A 1 189 ? -4.022  4.385   14.743  1.00 37.36 ? 189 SER A CB  1 
ATOM   1371 O OG  . SER A 1 189 ? -4.642  4.248   16.008  1.00 40.67 ? 189 SER A OG  1 
ATOM   1372 N N   . THR A 1 190 ? -6.718  4.554   13.136  1.00 29.98 ? 190 THR A N   1 
ATOM   1373 C CA  . THR A 1 190 ? -8.163  4.734   13.058  1.00 35.70 ? 190 THR A CA  1 
ATOM   1374 C C   . THR A 1 190 ? -8.851  3.491   12.495  1.00 36.72 ? 190 THR A C   1 
ATOM   1375 O O   . THR A 1 190 ? -9.813  2.982   13.070  1.00 36.88 ? 190 THR A O   1 
ATOM   1376 C CB  . THR A 1 190 ? -8.539  5.939   12.177  1.00 35.26 ? 190 THR A CB  1 
ATOM   1377 O OG1 . THR A 1 190 ? -7.865  7.110   12.648  1.00 35.86 ? 190 THR A OG1 1 
ATOM   1378 C CG2 . THR A 1 190 ? -10.041 6.173   12.215  1.00 35.75 ? 190 THR A CG2 1 
ATOM   1379 N N   . LEU A 1 191 ? -8.350  3.012   11.363  1.00 35.05 ? 191 LEU A N   1 
ATOM   1380 C CA  . LEU A 1 191 ? -8.901  1.830   10.710  1.00 35.34 ? 191 LEU A CA  1 
ATOM   1381 C C   . LEU A 1 191 ? -8.907  0.603   11.624  1.00 39.68 ? 191 LEU A C   1 
ATOM   1382 O O   . LEU A 1 191 ? -9.927  -0.070  11.760  1.00 37.41 ? 191 LEU A O   1 
ATOM   1383 C CB  . LEU A 1 191 ? -8.118  1.518   9.431   1.00 37.51 ? 191 LEU A CB  1 
ATOM   1384 C CG  . LEU A 1 191 ? -8.423  2.374   8.201   1.00 30.95 ? 191 LEU A CG  1 
ATOM   1385 C CD1 . LEU A 1 191 ? -7.360  2.207   7.134   1.00 22.84 ? 191 LEU A CD1 1 
ATOM   1386 C CD2 . LEU A 1 191 ? -9.783  2.021   7.652   1.00 28.75 ? 191 LEU A CD2 1 
ATOM   1387 N N   . LEU A 1 192 ? -7.767  0.309   12.241  1.00 38.32 ? 192 LEU A N   1 
ATOM   1388 C CA  . LEU A 1 192 ? -7.629  -0.914  13.031  1.00 41.57 ? 192 LEU A CA  1 
ATOM   1389 C C   . LEU A 1 192 ? -8.213  -0.776  14.438  1.00 45.11 ? 192 LEU A C   1 
ATOM   1390 O O   . LEU A 1 192 ? -9.021  -1.598  14.859  1.00 43.36 ? 192 LEU A O   1 
ATOM   1391 C CB  . LEU A 1 192 ? -6.162  -1.359  13.105  1.00 34.84 ? 192 LEU A CB  1 
ATOM   1392 C CG  . LEU A 1 192 ? -5.432  -1.682  11.795  1.00 38.01 ? 192 LEU A CG  1 
ATOM   1393 C CD1 . LEU A 1 192 ? -3.924  -1.650  11.992  1.00 33.30 ? 192 LEU A CD1 1 
ATOM   1394 C CD2 . LEU A 1 192 ? -5.852  -3.018  11.220  1.00 30.96 ? 192 LEU A CD2 1 
ATOM   1395 N N   . LYS A 1 193 ? -7.794  0.258   15.168  1.00 48.56 ? 193 LYS A N   1 
ATOM   1396 C CA  . LYS A 1 193 ? -8.299  0.476   16.524  1.00 50.38 ? 193 LYS A CA  1 
ATOM   1397 C C   . LYS A 1 193 ? -9.819  0.643   16.546  1.00 53.16 ? 193 LYS A C   1 
ATOM   1398 O O   . LYS A 1 193 ? -10.388 1.330   15.698  1.00 58.19 ? 193 LYS A O   1 
ATOM   1399 C CB  . LYS A 1 193 ? -7.615  1.679   17.184  1.00 52.19 ? 193 LYS A CB  1 
ATOM   1400 C CG  . LYS A 1 193 ? -6.423  1.321   18.062  1.00 54.63 ? 193 LYS A CG  1 
ATOM   1401 C CD  . LYS A 1 193 ? -6.878  0.597   19.326  1.00 58.17 ? 193 LYS A CD  1 
ATOM   1402 C CE  . LYS A 1 193 ? -7.947  1.401   20.059  1.00 64.74 ? 193 LYS A CE  1 
ATOM   1403 N NZ  . LYS A 1 193 ? -8.659  0.603   21.099  1.00 60.94 ? 193 LYS A NZ  1 
HETATM 1404 P P   . PO4 B 2 .   ? 10.453  -1.910  -3.259  1.00 31.87 ? 196 PO4 A P   1 
HETATM 1405 O O1  . PO4 B 2 .   ? 11.530  -0.892  -3.516  1.00 32.64 ? 196 PO4 A O1  1 
HETATM 1406 O O2  . PO4 B 2 .   ? 10.624  -3.085  -4.195  1.00 36.43 ? 196 PO4 A O2  1 
HETATM 1407 O O3  . PO4 B 2 .   ? 10.585  -2.339  -1.820  1.00 22.60 ? 196 PO4 A O3  1 
HETATM 1408 O O4  . PO4 B 2 .   ? 9.100   -1.310  -3.543  1.00 26.77 ? 196 PO4 A O4  1 
HETATM 1409 O O   . HOH C 3 .   ? -3.871  -1.632  20.399  1.00 42.18 ? 197 HOH A O   1 
HETATM 1410 O O   . HOH C 3 .   ? -10.822 -8.043  0.065   1.00 27.65 ? 198 HOH A O   1 
HETATM 1411 O O   . HOH C 3 .   ? 4.350   7.235   -10.280 1.00 31.28 ? 199 HOH A O   1 
HETATM 1412 O O   . HOH C 3 .   ? 2.722   -8.559  16.797  1.00 27.91 ? 200 HOH A O   1 
HETATM 1413 O O   . HOH C 3 .   ? 3.611   1.736   -8.038  1.00 25.77 ? 201 HOH A O   1 
HETATM 1414 O O   . HOH C 3 .   ? -9.151  7.243   -0.729  1.00 22.50 ? 202 HOH A O   1 
HETATM 1415 O O   . HOH C 3 .   ? 7.231   -3.051  -4.458  1.00 30.56 ? 203 HOH A O   1 
HETATM 1416 O O   . HOH C 3 .   ? -8.673  7.045   2.408   1.00 22.10 ? 204 HOH A O   1 
HETATM 1417 O O   . HOH C 3 .   ? 13.126  2.995   5.873   1.00 25.75 ? 205 HOH A O   1 
HETATM 1418 O O   . HOH C 3 .   ? 13.095  -5.024  4.119   1.00 34.42 ? 206 HOH A O   1 
HETATM 1419 O O   . HOH C 3 .   ? 7.969   -8.598  3.480   1.00 32.01 ? 207 HOH A O   1 
HETATM 1420 O O   . HOH C 3 .   ? 1.922   14.389  3.577   1.00 20.96 ? 208 HOH A O   1 
HETATM 1421 O O   . HOH C 3 .   ? 9.929   14.830  2.078   1.00 33.81 ? 209 HOH A O   1 
HETATM 1422 O O   . HOH C 3 .   ? 12.082  -0.032  -0.937  1.00 24.63 ? 210 HOH A O   1 
HETATM 1423 O O   . HOH C 3 .   ? 9.385   7.329   0.411   1.00 29.31 ? 211 HOH A O   1 
HETATM 1424 O O   . HOH C 3 .   ? 5.195   12.746  9.488   1.00 35.43 ? 212 HOH A O   1 
HETATM 1425 O O   . HOH C 3 .   ? 4.873   -18.927 6.583   1.00 26.87 ? 213 HOH A O   1 
HETATM 1426 O O   . HOH C 3 .   ? -12.997 1.267   -3.886  1.00 37.85 ? 214 HOH A O   1 
HETATM 1427 O O   . HOH C 3 .   ? -10.593 14.159  -1.755  1.00 35.57 ? 215 HOH A O   1 
HETATM 1428 O O   . HOH C 3 .   ? -10.983 -10.061 22.838  1.00 48.56 ? 216 HOH A O   1 
HETATM 1429 O O   . HOH C 3 .   ? 9.501   4.597   0.811   1.00 25.46 ? 217 HOH A O   1 
HETATM 1430 O O   . HOH C 3 .   ? 8.576   -4.553  -1.701  1.00 30.57 ? 218 HOH A O   1 
HETATM 1431 O O   . HOH C 3 .   ? 14.691  -1.154  3.108   1.00 38.59 ? 219 HOH A O   1 
HETATM 1432 O O   . HOH C 3 .   ? -12.873 -0.720  5.178   1.00 25.86 ? 220 HOH A O   1 
HETATM 1433 O O   . HOH C 3 .   ? 7.259   -15.228 13.607  1.00 29.52 ? 221 HOH A O   1 
HETATM 1434 O O   . HOH C 3 .   ? -12.203 14.768  -8.007  1.00 49.03 ? 222 HOH A O   1 
HETATM 1435 O O   . HOH C 3 .   ? 8.837   -5.084  1.143   1.00 29.98 ? 223 HOH A O   1 
HETATM 1436 O O   . HOH C 3 .   ? 8.576   17.120  -0.647  1.00 35.00 ? 224 HOH A O   1 
HETATM 1437 O O   . HOH C 3 .   ? 10.686  -5.218  5.665   1.00 34.16 ? 225 HOH A O   1 
HETATM 1438 O O   . HOH C 3 .   ? -10.148 -12.359 23.466  1.00 48.82 ? 226 HOH A O   1 
HETATM 1439 O O   . HOH C 3 .   ? 3.114   17.040  3.235   1.00 29.73 ? 227 HOH A O   1 
HETATM 1440 O O   . HOH C 3 .   ? 12.252  15.734  -9.576  1.00 50.00 ? 228 HOH A O   1 
HETATM 1441 O O   . HOH C 3 .   ? 9.337   3.791   -13.574 1.00 46.99 ? 229 HOH A O   1 
HETATM 1442 O O   . HOH C 3 .   ? 12.884  -6.120  7.439   1.00 41.97 ? 230 HOH A O   1 
HETATM 1443 O O   . HOH C 3 .   ? 4.660   15.143  7.102   1.00 30.11 ? 231 HOH A O   1 
HETATM 1444 O O   . HOH C 3 .   ? -5.964  13.768  -0.841  1.00 34.84 ? 232 HOH A O   1 
HETATM 1445 O O   . HOH C 3 .   ? 4.681   4.312   -9.944  1.00 37.85 ? 233 HOH A O   1 
HETATM 1446 O O   . HOH C 3 .   ? 1.586   18.084  0.689   1.00 34.24 ? 234 HOH A O   1 
HETATM 1447 O O   . HOH C 3 .   ? 4.965   17.332  5.702   1.00 29.56 ? 235 HOH A O   1 
HETATM 1448 O O   . HOH C 3 .   ? -5.367  15.471  -3.039  1.00 35.40 ? 236 HOH A O   1 
HETATM 1449 O O   . HOH C 3 .   ? -12.273 -4.765  1.798   1.00 36.67 ? 237 HOH A O   1 
HETATM 1450 O O   . HOH C 3 .   ? 5.389   -9.678  -0.875  1.00 33.73 ? 238 HOH A O   1 
HETATM 1451 O O   . HOH C 3 .   ? 8.051   -6.160  -4.373  1.00 39.84 ? 239 HOH A O   1 
HETATM 1452 O O   . HOH C 3 .   ? 7.314   23.344  -6.633  1.00 43.92 ? 240 HOH A O   1 
HETATM 1453 O O   . HOH C 3 .   ? -12.482 -10.719 21.200  1.00 42.58 ? 241 HOH A O   1 
HETATM 1454 O O   . HOH C 3 .   ? 2.710   13.073  8.676   1.00 35.48 ? 242 HOH A O   1 
HETATM 1455 O O   . HOH C 3 .   ? 5.862   3.331   14.107  1.00 37.54 ? 243 HOH A O   1 
HETATM 1456 O O   . HOH C 3 .   ? -10.651 -3.328  12.714  1.00 41.21 ? 244 HOH A O   1 
HETATM 1457 O O   . HOH C 3 .   ? -10.388 4.712   1.029   1.00 27.91 ? 245 HOH A O   1 
HETATM 1458 O O   . HOH C 3 .   ? 1.365   -17.949 10.469  1.00 35.92 ? 246 HOH A O   1 
HETATM 1459 O O   . HOH C 3 .   ? 9.812   15.705  8.762   1.00 39.56 ? 247 HOH A O   1 
HETATM 1460 O O   . HOH C 3 .   ? -10.534 -6.778  9.695   1.00 38.80 ? 248 HOH A O   1 
HETATM 1461 O O   . HOH C 3 .   ? 6.902   15.717  8.959   1.00 37.09 ? 249 HOH A O   1 
HETATM 1462 O O   . HOH C 3 .   ? 9.436   -6.527  -6.653  1.00 31.10 ? 250 HOH A O   1 
HETATM 1463 O O   . HOH C 3 .   ? 1.099   20.158  -0.411  1.00 40.80 ? 251 HOH A O   1 
HETATM 1464 O O   . HOH C 3 .   ? 14.645  -4.947  8.981   1.00 53.25 ? 252 HOH A O   1 
HETATM 1465 O O   . HOH C 3 .   ? 11.906  8.007   0.524   1.00 36.25 ? 253 HOH A O   1 
HETATM 1466 O O   . HOH C 3 .   ? 6.773   -13.764 -5.435  1.00 52.56 ? 254 HOH A O   1 
HETATM 1467 O O   . HOH C 3 .   ? -17.371 -7.211  -8.152  1.00 48.30 ? 255 HOH A O   1 
HETATM 1468 O O   . HOH C 3 .   ? 4.837   2.207   -15.775 1.00 42.55 ? 256 HOH A O   1 
HETATM 1469 O O   . HOH C 3 .   ? -1.511  13.659  11.914  1.00 49.27 ? 257 HOH A O   1 
HETATM 1470 O O   . HOH C 3 .   ? -13.513 2.545   -12.982 1.00 50.04 ? 258 HOH A O   1 
HETATM 1471 O O   . HOH C 3 .   ? 4.602   21.578  -3.793  1.00 42.20 ? 259 HOH A O   1 
HETATM 1472 O O   . HOH C 3 .   ? -11.655 -13.703 13.243  1.00 40.89 ? 260 HOH A O   1 
HETATM 1473 O O   . HOH C 3 .   ? -14.484 -3.918  1.433   1.00 44.60 ? 261 HOH A O   1 
HETATM 1474 O O   . HOH C 3 .   ? 2.874   2.537   -17.424 0.50 42.28 ? 262 HOH A O   1 
HETATM 1475 O O   . HOH C 3 .   ? 4.713   -16.046 -4.576  1.00 48.27 ? 263 HOH A O   1 
HETATM 1476 O O   . HOH C 3 .   ? -5.194  -12.254 19.144  1.00 47.08 ? 264 HOH A O   1 
HETATM 1477 O O   . HOH C 3 .   ? 16.674  -1.584  12.779  1.00 59.86 ? 265 HOH A O   1 
HETATM 1478 O O   . HOH C 3 .   ? -15.624 -5.731  -0.115  1.00 58.82 ? 266 HOH A O   1 
HETATM 1479 O O   . HOH C 3 .   ? -4.415  13.419  2.075   1.00 39.80 ? 267 HOH A O   1 
# 
loop_
_pdbx_poly_seq_scheme.asym_id 
_pdbx_poly_seq_scheme.entity_id 
_pdbx_poly_seq_scheme.seq_id 
_pdbx_poly_seq_scheme.mon_id 
_pdbx_poly_seq_scheme.ndb_seq_num 
_pdbx_poly_seq_scheme.pdb_seq_num 
_pdbx_poly_seq_scheme.auth_seq_num 
_pdbx_poly_seq_scheme.pdb_mon_id 
_pdbx_poly_seq_scheme.auth_mon_id 
_pdbx_poly_seq_scheme.pdb_strand_id 
_pdbx_poly_seq_scheme.pdb_ins_code 
_pdbx_poly_seq_scheme.hetero 
A 1 1   MET 1   1   ?   ?   ?   A . n 
A 1 2   ILE 2   2   2   ILE ILE A . n 
A 1 3   ILE 3   3   3   ILE ILE A . n 
A 1 4   ARG 4   4   4   ARG ARG A . n 
A 1 5   ASP 5   5   5   ASP ASP A . n 
A 1 6   VAL 6   6   6   VAL VAL A . n 
A 1 7   GLU 7   7   7   GLU GLU A . n 
A 1 8   LEU 8   8   8   LEU LEU A . n 
A 1 9   VAL 9   9   9   VAL VAL A . n 
A 1 10  LYS 10  10  10  LYS LYS A . n 
A 1 11  VAL 11  11  11  VAL VAL A . n 
A 1 12  ALA 12  12  12  ALA ALA A . n 
A 1 13  ARG 13  13  13  ARG ARG A . n 
A 1 14  THR 14  14  14  THR THR A . n 
A 1 15  PRO 15  15  15  PRO PRO A . n 
A 1 16  GLY 16  16  16  GLY GLY A . n 
A 1 17  ASP 17  17  17  ASP ASP A . n 
A 1 18  TYR 18  18  18  TYR TYR A . n 
A 1 19  PRO 19  19  19  PRO PRO A . n 
A 1 20  PRO 20  20  20  PRO PRO A . n 
A 1 21  PRO 21  21  21  PRO PRO A . n 
A 1 22  LEU 22  22  22  LEU LEU A . n 
A 1 23  LYS 23  23  23  LYS LYS A . n 
A 1 24  GLY 24  24  24  GLY GLY A . n 
A 1 25  GLU 25  25  25  GLU GLU A . n 
A 1 26  VAL 26  26  26  VAL VAL A . n 
A 1 27  ALA 27  27  27  ALA ALA A . n 
A 1 28  PHE 28  28  28  PHE PHE A . n 
A 1 29  VAL 29  29  29  VAL VAL A . n 
A 1 30  GLY 30  30  30  GLY GLY A . n 
A 1 31  ARG 31  31  31  ARG ARG A . n 
A 1 32  SER 32  32  32  SER SER A . n 
A 1 33  ASN 33  33  33  ASN ASN A . n 
A 1 34  VAL 34  34  34  VAL VAL A . n 
A 1 35  GLY 35  35  35  GLY GLY A . n 
A 1 36  LYS 36  36  36  LYS LYS A . n 
A 1 37  SER 37  37  37  SER SER A . n 
A 1 38  SER 38  38  38  SER SER A . n 
A 1 39  LEU 39  39  39  LEU LEU A . n 
A 1 40  LEU 40  40  40  LEU LEU A . n 
A 1 41  ASN 41  41  41  ASN ASN A . n 
A 1 42  ALA 42  42  42  ALA ALA A . n 
A 1 43  LEU 43  43  43  LEU LEU A . n 
A 1 44  PHE 44  44  44  PHE PHE A . n 
A 1 45  ASN 45  45  45  ASN ASN A . n 
A 1 46  ARG 46  46  46  ARG ARG A . n 
A 1 47  LYS 47  47  ?   ?   ?   A . n 
A 1 48  ILE 48  48  ?   ?   ?   A . n 
A 1 49  ALA 49  49  ?   ?   ?   A . n 
A 1 50  PHE 50  50  ?   ?   ?   A . n 
A 1 51  VAL 51  51  ?   ?   ?   A . n 
A 1 52  SER 52  52  ?   ?   ?   A . n 
A 1 53  LYS 53  53  ?   ?   ?   A . n 
A 1 54  THR 54  54  ?   ?   ?   A . n 
A 1 55  PRO 55  55  ?   ?   ?   A . n 
A 1 56  GLY 56  56  ?   ?   ?   A . n 
A 1 57  LYS 57  57  ?   ?   ?   A . n 
A 1 58  THR 58  58  ?   ?   ?   A . n 
A 1 59  ARG 59  59  ?   ?   ?   A . n 
A 1 60  SER 60  60  60  SER SER A . n 
A 1 61  ILE 61  61  61  ILE ILE A . n 
A 1 62  ASN 62  62  62  ASN ASN A . n 
A 1 63  PHE 63  63  63  PHE PHE A . n 
A 1 64  TYR 64  64  64  TYR TYR A . n 
A 1 65  LEU 65  65  65  LEU LEU A . n 
A 1 66  VAL 66  66  66  VAL VAL A . n 
A 1 67  ASN 67  67  67  ASN ASN A . n 
A 1 68  SER 68  68  68  SER SER A . n 
A 1 69  LYS 69  69  69  LYS LYS A . n 
A 1 70  TYR 70  70  70  TYR TYR A . n 
A 1 71  TYR 71  71  71  TYR TYR A . n 
A 1 72  PHE 72  72  72  PHE PHE A . n 
A 1 73  VAL 73  73  73  VAL VAL A . n 
A 1 74  ASP 74  74  74  ASP ASP A . n 
A 1 75  LEU 75  75  75  LEU LEU A . n 
A 1 76  PRO 76  76  76  PRO PRO A . n 
A 1 77  GLY 77  77  77  GLY GLY A . n 
A 1 78  TYR 78  78  78  TYR TYR A . n 
A 1 79  GLY 79  79  ?   ?   ?   A . n 
A 1 80  TYR 80  80  ?   ?   ?   A . n 
A 1 81  ALA 81  81  ?   ?   ?   A . n 
A 1 82  LYS 82  82  ?   ?   ?   A . n 
A 1 83  VAL 83  83  ?   ?   ?   A . n 
A 1 84  SER 84  84  ?   ?   ?   A . n 
A 1 85  LYS 85  85  ?   ?   ?   A . n 
A 1 86  LYS 86  86  86  LYS LYS A . n 
A 1 87  GLU 87  87  87  GLU GLU A . n 
A 1 88  ARG 88  88  88  ARG ARG A . n 
A 1 89  MET 89  89  89  MET MET A . n 
A 1 90  LEU 90  90  90  LEU LEU A . n 
A 1 91  TRP 91  91  91  TRP TRP A . n 
A 1 92  LYS 92  92  92  LYS LYS A . n 
A 1 93  ARG 93  93  93  ARG ARG A . n 
A 1 94  LEU 94  94  94  LEU LEU A . n 
A 1 95  VAL 95  95  95  VAL VAL A . n 
A 1 96  GLU 96  96  96  GLU GLU A . n 
A 1 97  ASP 97  97  97  ASP ASP A . n 
A 1 98  TYR 98  98  98  TYR TYR A . n 
A 1 99  PHE 99  99  99  PHE PHE A . n 
A 1 100 LYS 100 100 100 LYS LYS A . n 
A 1 101 ASN 101 101 101 ASN ASN A . n 
A 1 102 ARG 102 102 102 ARG ARG A . n 
A 1 103 TRP 103 103 103 TRP TRP A . n 
A 1 104 SER 104 104 104 SER SER A . n 
A 1 105 LEU 105 105 105 LEU LEU A . n 
A 1 106 GLN 106 106 106 GLN GLN A . n 
A 1 107 MET 107 107 107 MET MET A . n 
A 1 108 VAL 108 108 108 VAL VAL A . n 
A 1 109 PHE 109 109 109 PHE PHE A . n 
A 1 110 LEU 110 110 110 LEU LEU A . n 
A 1 111 LEU 111 111 111 LEU LEU A . n 
A 1 112 VAL 112 112 112 VAL VAL A . n 
A 1 113 ASP 113 113 113 ASP ASP A . n 
A 1 114 GLY 114 114 114 GLY GLY A . n 
A 1 115 ARG 115 115 115 ARG ARG A . n 
A 1 116 ILE 116 116 116 ILE ILE A . n 
A 1 117 PRO 117 117 117 PRO PRO A . n 
A 1 118 PRO 118 118 118 PRO PRO A . n 
A 1 119 GLN 119 119 119 GLN GLN A . n 
A 1 120 ASP 120 120 120 ASP ASP A . n 
A 1 121 SER 121 121 121 SER SER A . n 
A 1 122 ASP 122 122 122 ASP ASP A . n 
A 1 123 LEU 123 123 123 LEU LEU A . n 
A 1 124 MET 124 124 124 MET MET A . n 
A 1 125 MET 125 125 125 MET MET A . n 
A 1 126 VAL 126 126 126 VAL VAL A . n 
A 1 127 GLU 127 127 127 GLU GLU A . n 
A 1 128 TRP 128 128 128 TRP TRP A . n 
A 1 129 MET 129 129 129 MET MET A . n 
A 1 130 LYS 130 130 130 LYS LYS A . n 
A 1 131 SER 131 131 131 SER SER A . n 
A 1 132 LEU 132 132 132 LEU LEU A . n 
A 1 133 ASN 133 133 133 ASN ASN A . n 
A 1 134 ILE 134 134 134 ILE ILE A . n 
A 1 135 PRO 135 135 135 PRO PRO A . n 
A 1 136 PHE 136 136 136 PHE PHE A . n 
A 1 137 THR 137 137 137 THR THR A . n 
A 1 138 ILE 138 138 138 ILE ILE A . n 
A 1 139 VAL 139 139 139 VAL VAL A . n 
A 1 140 LEU 140 140 140 LEU LEU A . n 
A 1 141 THR 141 141 141 THR THR A . n 
A 1 142 LYS 142 142 142 LYS LYS A . n 
A 1 143 MET 143 143 143 MET MET A . n 
A 1 144 ASP 144 144 144 ASP ASP A . n 
A 1 145 LYS 145 145 145 LYS LYS A . n 
A 1 146 VAL 146 146 146 VAL VAL A . n 
A 1 147 LYS 147 147 147 LYS LYS A . n 
A 1 148 MET 148 148 148 MET MET A . n 
A 1 149 SER 149 149 149 SER SER A . n 
A 1 150 GLU 150 150 150 GLU GLU A . n 
A 1 151 ARG 151 151 151 ARG ARG A . n 
A 1 152 ALA 152 152 152 ALA ALA A . n 
A 1 153 LYS 153 153 153 LYS LYS A . n 
A 1 154 LYS 154 154 154 LYS LYS A . n 
A 1 155 LEU 155 155 155 LEU LEU A . n 
A 1 156 GLU 156 156 156 GLU GLU A . n 
A 1 157 GLU 157 157 157 GLU GLU A . n 
A 1 158 HIS 158 158 158 HIS HIS A . n 
A 1 159 ARG 159 159 159 ARG ARG A . n 
A 1 160 LYS 160 160 160 LYS LYS A . n 
A 1 161 VAL 161 161 161 VAL VAL A . n 
A 1 162 PHE 162 162 162 PHE PHE A . n 
A 1 163 SER 163 163 163 SER SER A . n 
A 1 164 LYS 164 164 164 LYS LYS A . n 
A 1 165 TYR 165 165 165 TYR TYR A . n 
A 1 166 GLY 166 166 166 GLY GLY A . n 
A 1 167 GLU 167 167 167 GLU GLU A . n 
A 1 168 TYR 168 168 168 TYR TYR A . n 
A 1 169 THR 169 169 169 THR THR A . n 
A 1 170 ILE 170 170 170 ILE ILE A . n 
A 1 171 ILE 171 171 171 ILE ILE A . n 
A 1 172 PRO 172 172 172 PRO PRO A . n 
A 1 173 THR 173 173 173 THR THR A . n 
A 1 174 SER 174 174 174 SER SER A . n 
A 1 175 SER 175 175 175 SER SER A . n 
A 1 176 VAL 176 176 176 VAL VAL A . n 
A 1 177 THR 177 177 177 THR THR A . n 
A 1 178 GLY 178 178 178 GLY GLY A . n 
A 1 179 GLU 179 179 179 GLU GLU A . n 
A 1 180 GLY 180 180 180 GLY GLY A . n 
A 1 181 ILE 181 181 181 ILE ILE A . n 
A 1 182 SER 182 182 182 SER SER A . n 
A 1 183 GLU 183 183 183 GLU GLU A . n 
A 1 184 LEU 184 184 184 LEU LEU A . n 
A 1 185 LEU 185 185 185 LEU LEU A . n 
A 1 186 ASP 186 186 186 ASP ASP A . n 
A 1 187 LEU 187 187 187 LEU LEU A . n 
A 1 188 ILE 188 188 188 ILE ILE A . n 
A 1 189 SER 189 189 189 SER SER A . n 
A 1 190 THR 190 190 190 THR THR A . n 
A 1 191 LEU 191 191 191 LEU LEU A . n 
A 1 192 LEU 192 192 192 LEU LEU A . n 
A 1 193 LYS 193 193 193 LYS LYS A . n 
A 1 194 GLU 194 194 ?   ?   ?   A . n 
A 1 195 ASN 195 195 ?   ?   ?   A . n 
# 
loop_
_pdbx_nonpoly_scheme.asym_id 
_pdbx_nonpoly_scheme.entity_id 
_pdbx_nonpoly_scheme.mon_id 
_pdbx_nonpoly_scheme.ndb_seq_num 
_pdbx_nonpoly_scheme.pdb_seq_num 
_pdbx_nonpoly_scheme.auth_seq_num 
_pdbx_nonpoly_scheme.pdb_mon_id 
_pdbx_nonpoly_scheme.auth_mon_id 
_pdbx_nonpoly_scheme.pdb_strand_id 
_pdbx_nonpoly_scheme.pdb_ins_code 
B 2 PO4 1  196 1  PO4 PO4 A . 
C 3 HOH 1  197 1  HOH HOH A . 
C 3 HOH 2  198 2  HOH HOH A . 
C 3 HOH 3  199 3  HOH HOH A . 
C 3 HOH 4  200 4  HOH HOH A . 
C 3 HOH 5  201 5  HOH HOH A . 
C 3 HOH 6  202 6  HOH HOH A . 
C 3 HOH 7  203 7  HOH HOH A . 
C 3 HOH 8  204 8  HOH HOH A . 
C 3 HOH 9  205 9  HOH HOH A . 
C 3 HOH 10 206 10 HOH HOH A . 
C 3 HOH 11 207 11 HOH HOH A . 
C 3 HOH 12 208 12 HOH HOH A . 
C 3 HOH 13 209 13 HOH HOH A . 
C 3 HOH 14 210 14 HOH HOH A . 
C 3 HOH 15 211 15 HOH HOH A . 
C 3 HOH 16 212 16 HOH HOH A . 
C 3 HOH 17 213 17 HOH HOH A . 
C 3 HOH 18 214 18 HOH HOH A . 
C 3 HOH 19 215 19 HOH HOH A . 
C 3 HOH 20 216 20 HOH HOH A . 
C 3 HOH 21 217 21 HOH HOH A . 
C 3 HOH 22 218 22 HOH HOH A . 
C 3 HOH 23 219 23 HOH HOH A . 
C 3 HOH 24 220 24 HOH HOH A . 
C 3 HOH 25 221 25 HOH HOH A . 
C 3 HOH 26 222 26 HOH HOH A . 
C 3 HOH 27 223 27 HOH HOH A . 
C 3 HOH 28 224 28 HOH HOH A . 
C 3 HOH 29 225 29 HOH HOH A . 
C 3 HOH 30 226 30 HOH HOH A . 
C 3 HOH 31 227 31 HOH HOH A . 
C 3 HOH 32 228 32 HOH HOH A . 
C 3 HOH 33 229 33 HOH HOH A . 
C 3 HOH 34 230 34 HOH HOH A . 
C 3 HOH 35 231 35 HOH HOH A . 
C 3 HOH 36 232 36 HOH HOH A . 
C 3 HOH 37 233 37 HOH HOH A . 
C 3 HOH 38 234 38 HOH HOH A . 
C 3 HOH 39 235 39 HOH HOH A . 
C 3 HOH 40 236 40 HOH HOH A . 
C 3 HOH 41 237 41 HOH HOH A . 
C 3 HOH 42 238 42 HOH HOH A . 
C 3 HOH 43 239 43 HOH HOH A . 
C 3 HOH 44 240 44 HOH HOH A . 
C 3 HOH 45 241 45 HOH HOH A . 
C 3 HOH 46 242 46 HOH HOH A . 
C 3 HOH 47 243 47 HOH HOH A . 
C 3 HOH 48 244 48 HOH HOH A . 
C 3 HOH 49 245 49 HOH HOH A . 
C 3 HOH 50 246 50 HOH HOH A . 
C 3 HOH 51 247 51 HOH HOH A . 
C 3 HOH 52 248 52 HOH HOH A . 
C 3 HOH 53 249 53 HOH HOH A . 
C 3 HOH 54 250 54 HOH HOH A . 
C 3 HOH 55 251 55 HOH HOH A . 
C 3 HOH 56 252 56 HOH HOH A . 
C 3 HOH 57 253 57 HOH HOH A . 
C 3 HOH 58 254 59 HOH HOH A . 
C 3 HOH 59 255 60 HOH HOH A . 
C 3 HOH 60 256 61 HOH HOH A . 
C 3 HOH 61 257 63 HOH HOH A . 
C 3 HOH 62 258 64 HOH HOH A . 
C 3 HOH 63 259 65 HOH HOH A . 
C 3 HOH 64 260 66 HOH HOH A . 
C 3 HOH 65 261 67 HOH HOH A . 
C 3 HOH 66 262 68 HOH HOH A . 
C 3 HOH 67 263 69 HOH HOH A . 
C 3 HOH 68 264 70 HOH HOH A . 
C 3 HOH 69 265 72 HOH HOH A . 
C 3 HOH 70 266 73 HOH HOH A . 
C 3 HOH 71 267 74 HOH HOH A . 
# 
_pdbx_struct_assembly.id                   1 
_pdbx_struct_assembly.details              author_and_software_defined_assembly 
_pdbx_struct_assembly.method_details       PISA 
_pdbx_struct_assembly.oligomeric_details   monomeric 
_pdbx_struct_assembly.oligomeric_count     1 
# 
_pdbx_struct_assembly_gen.assembly_id       1 
_pdbx_struct_assembly_gen.oper_expression   1 
_pdbx_struct_assembly_gen.asym_id_list      A,B,C 
# 
_pdbx_struct_oper_list.id                   1 
_pdbx_struct_oper_list.type                 'identity operation' 
_pdbx_struct_oper_list.name                 1_555 
_pdbx_struct_oper_list.symmetry_operation   x,y,z 
_pdbx_struct_oper_list.matrix[1][1]         1.0000000000 
_pdbx_struct_oper_list.matrix[1][2]         0.0000000000 
_pdbx_struct_oper_list.matrix[1][3]         0.0000000000 
_pdbx_struct_oper_list.vector[1]            0.0000000000 
_pdbx_struct_oper_list.matrix[2][1]         0.0000000000 
_pdbx_struct_oper_list.matrix[2][2]         1.0000000000 
_pdbx_struct_oper_list.matrix[2][3]         0.0000000000 
_pdbx_struct_oper_list.vector[2]            0.0000000000 
_pdbx_struct_oper_list.matrix[3][1]         0.0000000000 
_pdbx_struct_oper_list.matrix[3][2]         0.0000000000 
_pdbx_struct_oper_list.matrix[3][3]         1.0000000000 
_pdbx_struct_oper_list.vector[3]            0.0000000000 
# 
_pdbx_struct_special_symmetry.id              1 
_pdbx_struct_special_symmetry.PDB_model_num   1 
_pdbx_struct_special_symmetry.auth_asym_id    A 
_pdbx_struct_special_symmetry.auth_comp_id    HOH 
_pdbx_struct_special_symmetry.auth_seq_id     262 
_pdbx_struct_special_symmetry.PDB_ins_code    ? 
_pdbx_struct_special_symmetry.label_asym_id   C 
_pdbx_struct_special_symmetry.label_comp_id   HOH 
_pdbx_struct_special_symmetry.label_seq_id    . 
# 
loop_
_pdbx_audit_revision_history.ordinal 
_pdbx_audit_revision_history.data_content_type 
_pdbx_audit_revision_history.major_revision 
_pdbx_audit_revision_history.minor_revision 
_pdbx_audit_revision_history.revision_date 
1 'Structure model' 1 0 2011-06-08 
2 'Structure model' 1 1 2011-07-13 
3 'Structure model' 1 2 2011-11-23 
4 'Structure model' 1 3 2023-11-01 
# 
_pdbx_audit_revision_details.ordinal             1 
_pdbx_audit_revision_details.revision_ordinal    1 
_pdbx_audit_revision_details.data_content_type   'Structure model' 
_pdbx_audit_revision_details.provider            repository 
_pdbx_audit_revision_details.type                'Initial release' 
_pdbx_audit_revision_details.description         ? 
_pdbx_audit_revision_details.details             ? 
# 
loop_
_pdbx_audit_revision_group.ordinal 
_pdbx_audit_revision_group.revision_ordinal 
_pdbx_audit_revision_group.data_content_type 
_pdbx_audit_revision_group.group 
1 2 'Structure model' 'Version format compliance' 
2 3 'Structure model' 'Database references'       
3 4 'Structure model' 'Data collection'           
4 4 'Structure model' 'Database references'       
5 4 'Structure model' 'Derived calculations'      
6 4 'Structure model' 'Refinement description'    
# 
loop_
_pdbx_audit_revision_category.ordinal 
_pdbx_audit_revision_category.revision_ordinal 
_pdbx_audit_revision_category.data_content_type 
_pdbx_audit_revision_category.category 
1 4 'Structure model' chem_comp_atom                
2 4 'Structure model' chem_comp_bond                
3 4 'Structure model' database_2                    
4 4 'Structure model' pdbx_initial_refinement_model 
5 4 'Structure model' struct_site                   
# 
loop_
_pdbx_audit_revision_item.ordinal 
_pdbx_audit_revision_item.revision_ordinal 
_pdbx_audit_revision_item.data_content_type 
_pdbx_audit_revision_item.item 
1 4 'Structure model' '_database_2.pdbx_DOI'                
2 4 'Structure model' '_database_2.pdbx_database_accession' 
3 4 'Structure model' '_struct_site.pdbx_auth_asym_id'      
4 4 'Structure model' '_struct_site.pdbx_auth_comp_id'      
5 4 'Structure model' '_struct_site.pdbx_auth_seq_id'       
# 
loop_
_software.name 
_software.classification 
_software.version 
_software.citation_id 
_software.pdbx_ordinal 
CrystalClear 'data collection' .                 ? 1 
CNS          refinement        .                 ? 2 
PHENIX       refinement        '(phenix.refine)' ? 3 
MOSFLM       'data reduction'  .                 ? 4 
SCALA        'data scaling'    .                 ? 5 
CNS          phasing           .                 ? 6 
# 
_pdbx_validate_symm_contact.id                1 
_pdbx_validate_symm_contact.PDB_model_num     1 
_pdbx_validate_symm_contact.auth_atom_id_1    OE2 
_pdbx_validate_symm_contact.auth_asym_id_1    A 
_pdbx_validate_symm_contact.auth_comp_id_1    GLU 
_pdbx_validate_symm_contact.auth_seq_id_1     156 
_pdbx_validate_symm_contact.PDB_ins_code_1    ? 
_pdbx_validate_symm_contact.label_alt_id_1    ? 
_pdbx_validate_symm_contact.site_symmetry_1   1_555 
_pdbx_validate_symm_contact.auth_atom_id_2    OE2 
_pdbx_validate_symm_contact.auth_asym_id_2    A 
_pdbx_validate_symm_contact.auth_comp_id_2    GLU 
_pdbx_validate_symm_contact.auth_seq_id_2     156 
_pdbx_validate_symm_contact.PDB_ins_code_2    ? 
_pdbx_validate_symm_contact.label_alt_id_2    ? 
_pdbx_validate_symm_contact.site_symmetry_2   3_555 
_pdbx_validate_symm_contact.dist              2.14 
# 
loop_
_pdbx_validate_torsion.id 
_pdbx_validate_torsion.PDB_model_num 
_pdbx_validate_torsion.auth_comp_id 
_pdbx_validate_torsion.auth_asym_id 
_pdbx_validate_torsion.auth_seq_id 
_pdbx_validate_torsion.PDB_ins_code 
_pdbx_validate_torsion.label_alt_id 
_pdbx_validate_torsion.phi 
_pdbx_validate_torsion.psi 
1 1 LEU A 22  ? ? -116.42 -117.14 
2 1 LYS A 69  ? ? -143.69 -10.04  
3 1 ARG A 102 ? ? -100.16 75.38   
# 
loop_
_pdbx_unobs_or_zero_occ_residues.id 
_pdbx_unobs_or_zero_occ_residues.PDB_model_num 
_pdbx_unobs_or_zero_occ_residues.polymer_flag 
_pdbx_unobs_or_zero_occ_residues.occupancy_flag 
_pdbx_unobs_or_zero_occ_residues.auth_asym_id 
_pdbx_unobs_or_zero_occ_residues.auth_comp_id 
_pdbx_unobs_or_zero_occ_residues.auth_seq_id 
_pdbx_unobs_or_zero_occ_residues.PDB_ins_code 
_pdbx_unobs_or_zero_occ_residues.label_asym_id 
_pdbx_unobs_or_zero_occ_residues.label_comp_id 
_pdbx_unobs_or_zero_occ_residues.label_seq_id 
1  1 Y 1 A MET 1   ? A MET 1   
2  1 Y 1 A LYS 47  ? A LYS 47  
3  1 Y 1 A ILE 48  ? A ILE 48  
4  1 Y 1 A ALA 49  ? A ALA 49  
5  1 Y 1 A PHE 50  ? A PHE 50  
6  1 Y 1 A VAL 51  ? A VAL 51  
7  1 Y 1 A SER 52  ? A SER 52  
8  1 Y 1 A LYS 53  ? A LYS 53  
9  1 Y 1 A THR 54  ? A THR 54  
10 1 Y 1 A PRO 55  ? A PRO 55  
11 1 Y 1 A GLY 56  ? A GLY 56  
12 1 Y 1 A LYS 57  ? A LYS 57  
13 1 Y 1 A THR 58  ? A THR 58  
14 1 Y 1 A ARG 59  ? A ARG 59  
15 1 Y 1 A GLY 79  ? A GLY 79  
16 1 Y 1 A TYR 80  ? A TYR 80  
17 1 Y 1 A ALA 81  ? A ALA 81  
18 1 Y 1 A LYS 82  ? A LYS 82  
19 1 Y 1 A VAL 83  ? A VAL 83  
20 1 Y 1 A SER 84  ? A SER 84  
21 1 Y 1 A LYS 85  ? A LYS 85  
22 1 Y 1 A GLU 194 ? A GLU 194 
23 1 Y 1 A ASN 195 ? A ASN 195 
# 
loop_
_chem_comp_atom.comp_id 
_chem_comp_atom.atom_id 
_chem_comp_atom.type_symbol 
_chem_comp_atom.pdbx_aromatic_flag 
_chem_comp_atom.pdbx_stereo_config 
_chem_comp_atom.pdbx_ordinal 
ALA N    N N N 1   
ALA CA   C N S 2   
ALA C    C N N 3   
ALA O    O N N 4   
ALA CB   C N N 5   
ALA OXT  O N N 6   
ALA H    H N N 7   
ALA H2   H N N 8   
ALA HA   H N N 9   
ALA HB1  H N N 10  
ALA HB2  H N N 11  
ALA HB3  H N N 12  
ALA HXT  H N N 13  
ARG N    N N N 14  
ARG CA   C N S 15  
ARG C    C N N 16  
ARG O    O N N 17  
ARG CB   C N N 18  
ARG CG   C N N 19  
ARG CD   C N N 20  
ARG NE   N N N 21  
ARG CZ   C N N 22  
ARG NH1  N N N 23  
ARG NH2  N N N 24  
ARG OXT  O N N 25  
ARG H    H N N 26  
ARG H2   H N N 27  
ARG HA   H N N 28  
ARG HB2  H N N 29  
ARG HB3  H N N 30  
ARG HG2  H N N 31  
ARG HG3  H N N 32  
ARG HD2  H N N 33  
ARG HD3  H N N 34  
ARG HE   H N N 35  
ARG HH11 H N N 36  
ARG HH12 H N N 37  
ARG HH21 H N N 38  
ARG HH22 H N N 39  
ARG HXT  H N N 40  
ASN N    N N N 41  
ASN CA   C N S 42  
ASN C    C N N 43  
ASN O    O N N 44  
ASN CB   C N N 45  
ASN CG   C N N 46  
ASN OD1  O N N 47  
ASN ND2  N N N 48  
ASN OXT  O N N 49  
ASN H    H N N 50  
ASN H2   H N N 51  
ASN HA   H N N 52  
ASN HB2  H N N 53  
ASN HB3  H N N 54  
ASN HD21 H N N 55  
ASN HD22 H N N 56  
ASN HXT  H N N 57  
ASP N    N N N 58  
ASP CA   C N S 59  
ASP C    C N N 60  
ASP O    O N N 61  
ASP CB   C N N 62  
ASP CG   C N N 63  
ASP OD1  O N N 64  
ASP OD2  O N N 65  
ASP OXT  O N N 66  
ASP H    H N N 67  
ASP H2   H N N 68  
ASP HA   H N N 69  
ASP HB2  H N N 70  
ASP HB3  H N N 71  
ASP HD2  H N N 72  
ASP HXT  H N N 73  
GLN N    N N N 74  
GLN CA   C N S 75  
GLN C    C N N 76  
GLN O    O N N 77  
GLN CB   C N N 78  
GLN CG   C N N 79  
GLN CD   C N N 80  
GLN OE1  O N N 81  
GLN NE2  N N N 82  
GLN OXT  O N N 83  
GLN H    H N N 84  
GLN H2   H N N 85  
GLN HA   H N N 86  
GLN HB2  H N N 87  
GLN HB3  H N N 88  
GLN HG2  H N N 89  
GLN HG3  H N N 90  
GLN HE21 H N N 91  
GLN HE22 H N N 92  
GLN HXT  H N N 93  
GLU N    N N N 94  
GLU CA   C N S 95  
GLU C    C N N 96  
GLU O    O N N 97  
GLU CB   C N N 98  
GLU CG   C N N 99  
GLU CD   C N N 100 
GLU OE1  O N N 101 
GLU OE2  O N N 102 
GLU OXT  O N N 103 
GLU H    H N N 104 
GLU H2   H N N 105 
GLU HA   H N N 106 
GLU HB2  H N N 107 
GLU HB3  H N N 108 
GLU HG2  H N N 109 
GLU HG3  H N N 110 
GLU HE2  H N N 111 
GLU HXT  H N N 112 
GLY N    N N N 113 
GLY CA   C N N 114 
GLY C    C N N 115 
GLY O    O N N 116 
GLY OXT  O N N 117 
GLY H    H N N 118 
GLY H2   H N N 119 
GLY HA2  H N N 120 
GLY HA3  H N N 121 
GLY HXT  H N N 122 
HIS N    N N N 123 
HIS CA   C N S 124 
HIS C    C N N 125 
HIS O    O N N 126 
HIS CB   C N N 127 
HIS CG   C Y N 128 
HIS ND1  N Y N 129 
HIS CD2  C Y N 130 
HIS CE1  C Y N 131 
HIS NE2  N Y N 132 
HIS OXT  O N N 133 
HIS H    H N N 134 
HIS H2   H N N 135 
HIS HA   H N N 136 
HIS HB2  H N N 137 
HIS HB3  H N N 138 
HIS HD1  H N N 139 
HIS HD2  H N N 140 
HIS HE1  H N N 141 
HIS HE2  H N N 142 
HIS HXT  H N N 143 
HOH O    O N N 144 
HOH H1   H N N 145 
HOH H2   H N N 146 
ILE N    N N N 147 
ILE CA   C N S 148 
ILE C    C N N 149 
ILE O    O N N 150 
ILE CB   C N S 151 
ILE CG1  C N N 152 
ILE CG2  C N N 153 
ILE CD1  C N N 154 
ILE OXT  O N N 155 
ILE H    H N N 156 
ILE H2   H N N 157 
ILE HA   H N N 158 
ILE HB   H N N 159 
ILE HG12 H N N 160 
ILE HG13 H N N 161 
ILE HG21 H N N 162 
ILE HG22 H N N 163 
ILE HG23 H N N 164 
ILE HD11 H N N 165 
ILE HD12 H N N 166 
ILE HD13 H N N 167 
ILE HXT  H N N 168 
LEU N    N N N 169 
LEU CA   C N S 170 
LEU C    C N N 171 
LEU O    O N N 172 
LEU CB   C N N 173 
LEU CG   C N N 174 
LEU CD1  C N N 175 
LEU CD2  C N N 176 
LEU OXT  O N N 177 
LEU H    H N N 178 
LEU H2   H N N 179 
LEU HA   H N N 180 
LEU HB2  H N N 181 
LEU HB3  H N N 182 
LEU HG   H N N 183 
LEU HD11 H N N 184 
LEU HD12 H N N 185 
LEU HD13 H N N 186 
LEU HD21 H N N 187 
LEU HD22 H N N 188 
LEU HD23 H N N 189 
LEU HXT  H N N 190 
LYS N    N N N 191 
LYS CA   C N S 192 
LYS C    C N N 193 
LYS O    O N N 194 
LYS CB   C N N 195 
LYS CG   C N N 196 
LYS CD   C N N 197 
LYS CE   C N N 198 
LYS NZ   N N N 199 
LYS OXT  O N N 200 
LYS H    H N N 201 
LYS H2   H N N 202 
LYS HA   H N N 203 
LYS HB2  H N N 204 
LYS HB3  H N N 205 
LYS HG2  H N N 206 
LYS HG3  H N N 207 
LYS HD2  H N N 208 
LYS HD3  H N N 209 
LYS HE2  H N N 210 
LYS HE3  H N N 211 
LYS HZ1  H N N 212 
LYS HZ2  H N N 213 
LYS HZ3  H N N 214 
LYS HXT  H N N 215 
MET N    N N N 216 
MET CA   C N S 217 
MET C    C N N 218 
MET O    O N N 219 
MET CB   C N N 220 
MET CG   C N N 221 
MET SD   S N N 222 
MET CE   C N N 223 
MET OXT  O N N 224 
MET H    H N N 225 
MET H2   H N N 226 
MET HA   H N N 227 
MET HB2  H N N 228 
MET HB3  H N N 229 
MET HG2  H N N 230 
MET HG3  H N N 231 
MET HE1  H N N 232 
MET HE2  H N N 233 
MET HE3  H N N 234 
MET HXT  H N N 235 
PHE N    N N N 236 
PHE CA   C N S 237 
PHE C    C N N 238 
PHE O    O N N 239 
PHE CB   C N N 240 
PHE CG   C Y N 241 
PHE CD1  C Y N 242 
PHE CD2  C Y N 243 
PHE CE1  C Y N 244 
PHE CE2  C Y N 245 
PHE CZ   C Y N 246 
PHE OXT  O N N 247 
PHE H    H N N 248 
PHE H2   H N N 249 
PHE HA   H N N 250 
PHE HB2  H N N 251 
PHE HB3  H N N 252 
PHE HD1  H N N 253 
PHE HD2  H N N 254 
PHE HE1  H N N 255 
PHE HE2  H N N 256 
PHE HZ   H N N 257 
PHE HXT  H N N 258 
PO4 P    P N N 259 
PO4 O1   O N N 260 
PO4 O2   O N N 261 
PO4 O3   O N N 262 
PO4 O4   O N N 263 
PRO N    N N N 264 
PRO CA   C N S 265 
PRO C    C N N 266 
PRO O    O N N 267 
PRO CB   C N N 268 
PRO CG   C N N 269 
PRO CD   C N N 270 
PRO OXT  O N N 271 
PRO H    H N N 272 
PRO HA   H N N 273 
PRO HB2  H N N 274 
PRO HB3  H N N 275 
PRO HG2  H N N 276 
PRO HG3  H N N 277 
PRO HD2  H N N 278 
PRO HD3  H N N 279 
PRO HXT  H N N 280 
SER N    N N N 281 
SER CA   C N S 282 
SER C    C N N 283 
SER O    O N N 284 
SER CB   C N N 285 
SER OG   O N N 286 
SER OXT  O N N 287 
SER H    H N N 288 
SER H2   H N N 289 
SER HA   H N N 290 
SER HB2  H N N 291 
SER HB3  H N N 292 
SER HG   H N N 293 
SER HXT  H N N 294 
THR N    N N N 295 
THR CA   C N S 296 
THR C    C N N 297 
THR O    O N N 298 
THR CB   C N R 299 
THR OG1  O N N 300 
THR CG2  C N N 301 
THR OXT  O N N 302 
THR H    H N N 303 
THR H2   H N N 304 
THR HA   H N N 305 
THR HB   H N N 306 
THR HG1  H N N 307 
THR HG21 H N N 308 
THR HG22 H N N 309 
THR HG23 H N N 310 
THR HXT  H N N 311 
TRP N    N N N 312 
TRP CA   C N S 313 
TRP C    C N N 314 
TRP O    O N N 315 
TRP CB   C N N 316 
TRP CG   C Y N 317 
TRP CD1  C Y N 318 
TRP CD2  C Y N 319 
TRP NE1  N Y N 320 
TRP CE2  C Y N 321 
TRP CE3  C Y N 322 
TRP CZ2  C Y N 323 
TRP CZ3  C Y N 324 
TRP CH2  C Y N 325 
TRP OXT  O N N 326 
TRP H    H N N 327 
TRP H2   H N N 328 
TRP HA   H N N 329 
TRP HB2  H N N 330 
TRP HB3  H N N 331 
TRP HD1  H N N 332 
TRP HE1  H N N 333 
TRP HE3  H N N 334 
TRP HZ2  H N N 335 
TRP HZ3  H N N 336 
TRP HH2  H N N 337 
TRP HXT  H N N 338 
TYR N    N N N 339 
TYR CA   C N S 340 
TYR C    C N N 341 
TYR O    O N N 342 
TYR CB   C N N 343 
TYR CG   C Y N 344 
TYR CD1  C Y N 345 
TYR CD2  C Y N 346 
TYR CE1  C Y N 347 
TYR CE2  C Y N 348 
TYR CZ   C Y N 349 
TYR OH   O N N 350 
TYR OXT  O N N 351 
TYR H    H N N 352 
TYR H2   H N N 353 
TYR HA   H N N 354 
TYR HB2  H N N 355 
TYR HB3  H N N 356 
TYR HD1  H N N 357 
TYR HD2  H N N 358 
TYR HE1  H N N 359 
TYR HE2  H N N 360 
TYR HH   H N N 361 
TYR HXT  H N N 362 
VAL N    N N N 363 
VAL CA   C N S 364 
VAL C    C N N 365 
VAL O    O N N 366 
VAL CB   C N N 367 
VAL CG1  C N N 368 
VAL CG2  C N N 369 
VAL OXT  O N N 370 
VAL H    H N N 371 
VAL H2   H N N 372 
VAL HA   H N N 373 
VAL HB   H N N 374 
VAL HG11 H N N 375 
VAL HG12 H N N 376 
VAL HG13 H N N 377 
VAL HG21 H N N 378 
VAL HG22 H N N 379 
VAL HG23 H N N 380 
VAL HXT  H N N 381 
# 
loop_
_chem_comp_bond.comp_id 
_chem_comp_bond.atom_id_1 
_chem_comp_bond.atom_id_2 
_chem_comp_bond.value_order 
_chem_comp_bond.pdbx_aromatic_flag 
_chem_comp_bond.pdbx_stereo_config 
_chem_comp_bond.pdbx_ordinal 
ALA N   CA   sing N N 1   
ALA N   H    sing N N 2   
ALA N   H2   sing N N 3   
ALA CA  C    sing N N 4   
ALA CA  CB   sing N N 5   
ALA CA  HA   sing N N 6   
ALA C   O    doub N N 7   
ALA C   OXT  sing N N 8   
ALA CB  HB1  sing N N 9   
ALA CB  HB2  sing N N 10  
ALA CB  HB3  sing N N 11  
ALA OXT HXT  sing N N 12  
ARG N   CA   sing N N 13  
ARG N   H    sing N N 14  
ARG N   H2   sing N N 15  
ARG CA  C    sing N N 16  
ARG CA  CB   sing N N 17  
ARG CA  HA   sing N N 18  
ARG C   O    doub N N 19  
ARG C   OXT  sing N N 20  
ARG CB  CG   sing N N 21  
ARG CB  HB2  sing N N 22  
ARG CB  HB3  sing N N 23  
ARG CG  CD   sing N N 24  
ARG CG  HG2  sing N N 25  
ARG CG  HG3  sing N N 26  
ARG CD  NE   sing N N 27  
ARG CD  HD2  sing N N 28  
ARG CD  HD3  sing N N 29  
ARG NE  CZ   sing N N 30  
ARG NE  HE   sing N N 31  
ARG CZ  NH1  sing N N 32  
ARG CZ  NH2  doub N N 33  
ARG NH1 HH11 sing N N 34  
ARG NH1 HH12 sing N N 35  
ARG NH2 HH21 sing N N 36  
ARG NH2 HH22 sing N N 37  
ARG OXT HXT  sing N N 38  
ASN N   CA   sing N N 39  
ASN N   H    sing N N 40  
ASN N   H2   sing N N 41  
ASN CA  C    sing N N 42  
ASN CA  CB   sing N N 43  
ASN CA  HA   sing N N 44  
ASN C   O    doub N N 45  
ASN C   OXT  sing N N 46  
ASN CB  CG   sing N N 47  
ASN CB  HB2  sing N N 48  
ASN CB  HB3  sing N N 49  
ASN CG  OD1  doub N N 50  
ASN CG  ND2  sing N N 51  
ASN ND2 HD21 sing N N 52  
ASN ND2 HD22 sing N N 53  
ASN OXT HXT  sing N N 54  
ASP N   CA   sing N N 55  
ASP N   H    sing N N 56  
ASP N   H2   sing N N 57  
ASP CA  C    sing N N 58  
ASP CA  CB   sing N N 59  
ASP CA  HA   sing N N 60  
ASP C   O    doub N N 61  
ASP C   OXT  sing N N 62  
ASP CB  CG   sing N N 63  
ASP CB  HB2  sing N N 64  
ASP CB  HB3  sing N N 65  
ASP CG  OD1  doub N N 66  
ASP CG  OD2  sing N N 67  
ASP OD2 HD2  sing N N 68  
ASP OXT HXT  sing N N 69  
GLN N   CA   sing N N 70  
GLN N   H    sing N N 71  
GLN N   H2   sing N N 72  
GLN CA  C    sing N N 73  
GLN CA  CB   sing N N 74  
GLN CA  HA   sing N N 75  
GLN C   O    doub N N 76  
GLN C   OXT  sing N N 77  
GLN CB  CG   sing N N 78  
GLN CB  HB2  sing N N 79  
GLN CB  HB3  sing N N 80  
GLN CG  CD   sing N N 81  
GLN CG  HG2  sing N N 82  
GLN CG  HG3  sing N N 83  
GLN CD  OE1  doub N N 84  
GLN CD  NE2  sing N N 85  
GLN NE2 HE21 sing N N 86  
GLN NE2 HE22 sing N N 87  
GLN OXT HXT  sing N N 88  
GLU N   CA   sing N N 89  
GLU N   H    sing N N 90  
GLU N   H2   sing N N 91  
GLU CA  C    sing N N 92  
GLU CA  CB   sing N N 93  
GLU CA  HA   sing N N 94  
GLU C   O    doub N N 95  
GLU C   OXT  sing N N 96  
GLU CB  CG   sing N N 97  
GLU CB  HB2  sing N N 98  
GLU CB  HB3  sing N N 99  
GLU CG  CD   sing N N 100 
GLU CG  HG2  sing N N 101 
GLU CG  HG3  sing N N 102 
GLU CD  OE1  doub N N 103 
GLU CD  OE2  sing N N 104 
GLU OE2 HE2  sing N N 105 
GLU OXT HXT  sing N N 106 
GLY N   CA   sing N N 107 
GLY N   H    sing N N 108 
GLY N   H2   sing N N 109 
GLY CA  C    sing N N 110 
GLY CA  HA2  sing N N 111 
GLY CA  HA3  sing N N 112 
GLY C   O    doub N N 113 
GLY C   OXT  sing N N 114 
GLY OXT HXT  sing N N 115 
HIS N   CA   sing N N 116 
HIS N   H    sing N N 117 
HIS N   H2   sing N N 118 
HIS CA  C    sing N N 119 
HIS CA  CB   sing N N 120 
HIS CA  HA   sing N N 121 
HIS C   O    doub N N 122 
HIS C   OXT  sing N N 123 
HIS CB  CG   sing N N 124 
HIS CB  HB2  sing N N 125 
HIS CB  HB3  sing N N 126 
HIS CG  ND1  sing Y N 127 
HIS CG  CD2  doub Y N 128 
HIS ND1 CE1  doub Y N 129 
HIS ND1 HD1  sing N N 130 
HIS CD2 NE2  sing Y N 131 
HIS CD2 HD2  sing N N 132 
HIS CE1 NE2  sing Y N 133 
HIS CE1 HE1  sing N N 134 
HIS NE2 HE2  sing N N 135 
HIS OXT HXT  sing N N 136 
HOH O   H1   sing N N 137 
HOH O   H2   sing N N 138 
ILE N   CA   sing N N 139 
ILE N   H    sing N N 140 
ILE N   H2   sing N N 141 
ILE CA  C    sing N N 142 
ILE CA  CB   sing N N 143 
ILE CA  HA   sing N N 144 
ILE C   O    doub N N 145 
ILE C   OXT  sing N N 146 
ILE CB  CG1  sing N N 147 
ILE CB  CG2  sing N N 148 
ILE CB  HB   sing N N 149 
ILE CG1 CD1  sing N N 150 
ILE CG1 HG12 sing N N 151 
ILE CG1 HG13 sing N N 152 
ILE CG2 HG21 sing N N 153 
ILE CG2 HG22 sing N N 154 
ILE CG2 HG23 sing N N 155 
ILE CD1 HD11 sing N N 156 
ILE CD1 HD12 sing N N 157 
ILE CD1 HD13 sing N N 158 
ILE OXT HXT  sing N N 159 
LEU N   CA   sing N N 160 
LEU N   H    sing N N 161 
LEU N   H2   sing N N 162 
LEU CA  C    sing N N 163 
LEU CA  CB   sing N N 164 
LEU CA  HA   sing N N 165 
LEU C   O    doub N N 166 
LEU C   OXT  sing N N 167 
LEU CB  CG   sing N N 168 
LEU CB  HB2  sing N N 169 
LEU CB  HB3  sing N N 170 
LEU CG  CD1  sing N N 171 
LEU CG  CD2  sing N N 172 
LEU CG  HG   sing N N 173 
LEU CD1 HD11 sing N N 174 
LEU CD1 HD12 sing N N 175 
LEU CD1 HD13 sing N N 176 
LEU CD2 HD21 sing N N 177 
LEU CD2 HD22 sing N N 178 
LEU CD2 HD23 sing N N 179 
LEU OXT HXT  sing N N 180 
LYS N   CA   sing N N 181 
LYS N   H    sing N N 182 
LYS N   H2   sing N N 183 
LYS CA  C    sing N N 184 
LYS CA  CB   sing N N 185 
LYS CA  HA   sing N N 186 
LYS C   O    doub N N 187 
LYS C   OXT  sing N N 188 
LYS CB  CG   sing N N 189 
LYS CB  HB2  sing N N 190 
LYS CB  HB3  sing N N 191 
LYS CG  CD   sing N N 192 
LYS CG  HG2  sing N N 193 
LYS CG  HG3  sing N N 194 
LYS CD  CE   sing N N 195 
LYS CD  HD2  sing N N 196 
LYS CD  HD3  sing N N 197 
LYS CE  NZ   sing N N 198 
LYS CE  HE2  sing N N 199 
LYS CE  HE3  sing N N 200 
LYS NZ  HZ1  sing N N 201 
LYS NZ  HZ2  sing N N 202 
LYS NZ  HZ3  sing N N 203 
LYS OXT HXT  sing N N 204 
MET N   CA   sing N N 205 
MET N   H    sing N N 206 
MET N   H2   sing N N 207 
MET CA  C    sing N N 208 
MET CA  CB   sing N N 209 
MET CA  HA   sing N N 210 
MET C   O    doub N N 211 
MET C   OXT  sing N N 212 
MET CB  CG   sing N N 213 
MET CB  HB2  sing N N 214 
MET CB  HB3  sing N N 215 
MET CG  SD   sing N N 216 
MET CG  HG2  sing N N 217 
MET CG  HG3  sing N N 218 
MET SD  CE   sing N N 219 
MET CE  HE1  sing N N 220 
MET CE  HE2  sing N N 221 
MET CE  HE3  sing N N 222 
MET OXT HXT  sing N N 223 
PHE N   CA   sing N N 224 
PHE N   H    sing N N 225 
PHE N   H2   sing N N 226 
PHE CA  C    sing N N 227 
PHE CA  CB   sing N N 228 
PHE CA  HA   sing N N 229 
PHE C   O    doub N N 230 
PHE C   OXT  sing N N 231 
PHE CB  CG   sing N N 232 
PHE CB  HB2  sing N N 233 
PHE CB  HB3  sing N N 234 
PHE CG  CD1  doub Y N 235 
PHE CG  CD2  sing Y N 236 
PHE CD1 CE1  sing Y N 237 
PHE CD1 HD1  sing N N 238 
PHE CD2 CE2  doub Y N 239 
PHE CD2 HD2  sing N N 240 
PHE CE1 CZ   doub Y N 241 
PHE CE1 HE1  sing N N 242 
PHE CE2 CZ   sing Y N 243 
PHE CE2 HE2  sing N N 244 
PHE CZ  HZ   sing N N 245 
PHE OXT HXT  sing N N 246 
PO4 P   O1   doub N N 247 
PO4 P   O2   sing N N 248 
PO4 P   O3   sing N N 249 
PO4 P   O4   sing N N 250 
PRO N   CA   sing N N 251 
PRO N   CD   sing N N 252 
PRO N   H    sing N N 253 
PRO CA  C    sing N N 254 
PRO CA  CB   sing N N 255 
PRO CA  HA   sing N N 256 
PRO C   O    doub N N 257 
PRO C   OXT  sing N N 258 
PRO CB  CG   sing N N 259 
PRO CB  HB2  sing N N 260 
PRO CB  HB3  sing N N 261 
PRO CG  CD   sing N N 262 
PRO CG  HG2  sing N N 263 
PRO CG  HG3  sing N N 264 
PRO CD  HD2  sing N N 265 
PRO CD  HD3  sing N N 266 
PRO OXT HXT  sing N N 267 
SER N   CA   sing N N 268 
SER N   H    sing N N 269 
SER N   H2   sing N N 270 
SER CA  C    sing N N 271 
SER CA  CB   sing N N 272 
SER CA  HA   sing N N 273 
SER C   O    doub N N 274 
SER C   OXT  sing N N 275 
SER CB  OG   sing N N 276 
SER CB  HB2  sing N N 277 
SER CB  HB3  sing N N 278 
SER OG  HG   sing N N 279 
SER OXT HXT  sing N N 280 
THR N   CA   sing N N 281 
THR N   H    sing N N 282 
THR N   H2   sing N N 283 
THR CA  C    sing N N 284 
THR CA  CB   sing N N 285 
THR CA  HA   sing N N 286 
THR C   O    doub N N 287 
THR C   OXT  sing N N 288 
THR CB  OG1  sing N N 289 
THR CB  CG2  sing N N 290 
THR CB  HB   sing N N 291 
THR OG1 HG1  sing N N 292 
THR CG2 HG21 sing N N 293 
THR CG2 HG22 sing N N 294 
THR CG2 HG23 sing N N 295 
THR OXT HXT  sing N N 296 
TRP N   CA   sing N N 297 
TRP N   H    sing N N 298 
TRP N   H2   sing N N 299 
TRP CA  C    sing N N 300 
TRP CA  CB   sing N N 301 
TRP CA  HA   sing N N 302 
TRP C   O    doub N N 303 
TRP C   OXT  sing N N 304 
TRP CB  CG   sing N N 305 
TRP CB  HB2  sing N N 306 
TRP CB  HB3  sing N N 307 
TRP CG  CD1  doub Y N 308 
TRP CG  CD2  sing Y N 309 
TRP CD1 NE1  sing Y N 310 
TRP CD1 HD1  sing N N 311 
TRP CD2 CE2  doub Y N 312 
TRP CD2 CE3  sing Y N 313 
TRP NE1 CE2  sing Y N 314 
TRP NE1 HE1  sing N N 315 
TRP CE2 CZ2  sing Y N 316 
TRP CE3 CZ3  doub Y N 317 
TRP CE3 HE3  sing N N 318 
TRP CZ2 CH2  doub Y N 319 
TRP CZ2 HZ2  sing N N 320 
TRP CZ3 CH2  sing Y N 321 
TRP CZ3 HZ3  sing N N 322 
TRP CH2 HH2  sing N N 323 
TRP OXT HXT  sing N N 324 
TYR N   CA   sing N N 325 
TYR N   H    sing N N 326 
TYR N   H2   sing N N 327 
TYR CA  C    sing N N 328 
TYR CA  CB   sing N N 329 
TYR CA  HA   sing N N 330 
TYR C   O    doub N N 331 
TYR C   OXT  sing N N 332 
TYR CB  CG   sing N N 333 
TYR CB  HB2  sing N N 334 
TYR CB  HB3  sing N N 335 
TYR CG  CD1  doub Y N 336 
TYR CG  CD2  sing Y N 337 
TYR CD1 CE1  sing Y N 338 
TYR CD1 HD1  sing N N 339 
TYR CD2 CE2  doub Y N 340 
TYR CD2 HD2  sing N N 341 
TYR CE1 CZ   doub Y N 342 
TYR CE1 HE1  sing N N 343 
TYR CE2 CZ   sing Y N 344 
TYR CE2 HE2  sing N N 345 
TYR CZ  OH   sing N N 346 
TYR OH  HH   sing N N 347 
TYR OXT HXT  sing N N 348 
VAL N   CA   sing N N 349 
VAL N   H    sing N N 350 
VAL N   H2   sing N N 351 
VAL CA  C    sing N N 352 
VAL CA  CB   sing N N 353 
VAL CA  HA   sing N N 354 
VAL C   O    doub N N 355 
VAL C   OXT  sing N N 356 
VAL CB  CG1  sing N N 357 
VAL CB  CG2  sing N N 358 
VAL CB  HB   sing N N 359 
VAL CG1 HG11 sing N N 360 
VAL CG1 HG12 sing N N 361 
VAL CG1 HG13 sing N N 362 
VAL CG2 HG21 sing N N 363 
VAL CG2 HG22 sing N N 364 
VAL CG2 HG23 sing N N 365 
VAL OXT HXT  sing N N 366 
# 
loop_
_pdbx_entity_nonpoly.entity_id 
_pdbx_entity_nonpoly.name 
_pdbx_entity_nonpoly.comp_id 
2 'PHOSPHATE ION' PO4 
3 water           HOH 
# 
_pdbx_initial_refinement_model.id               1 
_pdbx_initial_refinement_model.entity_id_list   ? 
_pdbx_initial_refinement_model.type             'experimental model' 
_pdbx_initial_refinement_model.source_name      PDB 
_pdbx_initial_refinement_model.accession_code   3PQC 
_pdbx_initial_refinement_model.details          'PDB ENTRY 3PQC' 
# 
